data_9W96
#
_entry.id   9W96
#
_cell.length_a   62.718
_cell.length_b   128.453
_cell.length_c   170.961
_cell.angle_alpha   90.00
_cell.angle_beta   90.00
_cell.angle_gamma   90.00
#
_symmetry.space_group_name_H-M   'P 21 21 21'
#
loop_
_entity.id
_entity.type
_entity.pdbx_description
1 polymer '3-oxopimeloyl-[acyl-carrier-protein] synthase'
2 non-polymer 'glutaryl-coenzyme A'
3 water water
#
_entity_poly.entity_id   1
_entity_poly.type   'polypeptide(L)'
_entity_poly.pdbx_seq_one_letter_code
;QTRSSRMAGFGHAVPARCVDNAEIEASLGLEAGWIERRTGIRSRYWAEAGDTLSGLAERAGRMALEDAKINADDIALTLL
ATSTPDHLLPPSAPLLAHRLGLTRSGAIDLAGASSGFLYALTLADGFVRTYGRAVLVVAANILSRRINPAERASAVLFAD
AAGAVVLTPCPEVKRGVLSADLVADGSGYDLIQIAAGGSSQPFSAGMIAEDALMTMRDGREVFSRAVALMTNTSQRVLHE
AELTAADISRFVPHQANARMSDAVCGNLGIEREKTVRTIGSFGNSSAATIPLSLSITNAERPLAGGETLLLTAAGAGMTG
GAVVYRV
;
_entity_poly.pdbx_strand_id   A,B,C,D
#
loop_
_chem_comp.id
_chem_comp.type
_chem_comp.name
_chem_comp.formula
GRA non-polymer 'glutaryl-coenzyme A' 'C26 H42 N7 O19 P3 S'
#
# COMPACT_ATOMS: atom_id res chain seq x y z
N THR A 2 -18.86 -37.36 -7.79
CA THR A 2 -17.44 -37.07 -7.54
C THR A 2 -17.28 -36.33 -6.19
N ARG A 3 -16.44 -36.93 -5.33
CA ARG A 3 -15.98 -36.46 -4.02
C ARG A 3 -14.49 -36.29 -3.86
N SER A 4 -13.70 -36.62 -4.86
CA SER A 4 -12.27 -36.41 -4.68
C SER A 4 -11.58 -36.38 -6.01
N SER A 5 -10.32 -36.03 -5.97
CA SER A 5 -9.50 -35.99 -7.14
C SER A 5 -8.37 -36.99 -6.92
N ARG A 6 -7.86 -37.54 -8.01
CA ARG A 6 -6.72 -38.43 -7.88
C ARG A 6 -5.64 -37.98 -8.84
N MET A 7 -4.40 -38.11 -8.40
CA MET A 7 -3.26 -37.82 -9.26
C MET A 7 -3.07 -39.07 -10.09
N ALA A 8 -3.62 -39.08 -11.30
CA ALA A 8 -3.67 -40.25 -12.16
C ALA A 8 -2.39 -40.40 -12.95
N GLY A 9 -1.55 -39.36 -13.01
CA GLY A 9 -0.35 -39.44 -13.80
C GLY A 9 0.61 -38.36 -13.38
N PHE A 10 1.89 -38.66 -13.53
CA PHE A 10 2.99 -37.82 -13.09
C PHE A 10 3.95 -37.71 -14.23
N GLY A 11 4.65 -36.58 -14.28
CA GLY A 11 5.66 -36.40 -15.30
C GLY A 11 6.59 -35.28 -14.90
N HIS A 12 7.78 -35.28 -15.49
CA HIS A 12 8.72 -34.20 -15.25
C HIS A 12 9.65 -34.12 -16.45
N ALA A 13 10.26 -32.96 -16.61
CA ALA A 13 11.18 -32.73 -17.71
C ALA A 13 12.20 -31.69 -17.30
N VAL A 14 13.36 -31.77 -17.92
CA VAL A 14 14.43 -30.78 -17.74
C VAL A 14 15.06 -30.50 -19.10
N PRO A 15 15.72 -29.35 -19.24
CA PRO A 15 16.49 -29.09 -20.45
C PRO A 15 17.75 -29.96 -20.48
N ALA A 16 18.47 -29.90 -21.60
CA ALA A 16 19.54 -30.87 -21.82
C ALA A 16 20.89 -30.48 -21.21
N ARG A 17 21.11 -29.19 -20.93
CA ARG A 17 22.39 -28.75 -20.39
C ARG A 17 22.48 -29.06 -18.90
N CYS A 18 23.36 -29.99 -18.52
CA CYS A 18 23.62 -30.28 -17.11
C CYS A 18 24.74 -29.37 -16.63
N VAL A 19 24.53 -28.70 -15.51
CA VAL A 19 25.46 -27.74 -14.99
C VAL A 19 25.89 -28.24 -13.62
N ASP A 20 27.11 -28.76 -13.56
CA ASP A 20 27.72 -29.21 -12.33
C ASP A 20 28.10 -27.99 -11.48
N ASN A 21 28.25 -28.21 -10.17
CA ASN A 21 28.69 -27.14 -9.28
C ASN A 21 30.00 -26.50 -9.73
N ALA A 22 30.90 -27.29 -10.29
CA ALA A 22 32.24 -26.79 -10.58
C ALA A 22 32.18 -25.60 -11.52
N GLU A 23 31.31 -25.65 -12.53
CA GLU A 23 31.21 -24.56 -13.48
C GLU A 23 30.74 -23.25 -12.85
N ILE A 24 29.74 -23.33 -11.96
CA ILE A 24 29.26 -22.10 -11.34
C ILE A 24 30.26 -21.61 -10.31
N GLU A 25 30.91 -22.53 -9.60
CA GLU A 25 31.93 -22.14 -8.63
C GLU A 25 33.06 -21.41 -9.34
N ALA A 26 33.57 -21.95 -10.44
CA ALA A 26 34.61 -21.28 -11.21
C ALA A 26 34.21 -19.88 -11.66
N SER A 27 33.04 -19.75 -12.31
CA SER A 27 32.55 -18.41 -12.66
C SER A 27 32.59 -17.43 -11.48
N LEU A 28 32.19 -17.88 -10.29
CA LEU A 28 32.09 -16.97 -9.15
C LEU A 28 33.32 -16.96 -8.27
N GLY A 29 34.37 -17.68 -8.61
CA GLY A 29 35.49 -17.63 -7.67
C GLY A 29 35.10 -18.27 -6.36
N LEU A 30 34.61 -19.51 -6.44
CA LEU A 30 34.25 -20.25 -5.22
C LEU A 30 35.21 -21.43 -4.98
N GLU A 31 35.27 -21.93 -3.75
CA GLU A 31 36.10 -23.13 -3.44
C GLU A 31 35.27 -24.38 -3.73
N ALA A 32 35.91 -25.51 -4.00
CA ALA A 32 35.15 -26.70 -4.40
C ALA A 32 34.26 -27.17 -3.25
N GLY A 33 33.10 -27.72 -3.63
CA GLY A 33 32.14 -28.15 -2.64
C GLY A 33 31.34 -27.02 -2.04
N TRP A 34 31.61 -25.78 -2.44
CA TRP A 34 30.96 -24.61 -1.85
C TRP A 34 29.43 -24.69 -2.02
N ILE A 35 28.98 -24.99 -3.24
CA ILE A 35 27.55 -24.99 -3.50
C ILE A 35 26.90 -26.12 -2.73
N GLU A 36 27.50 -27.31 -2.80
CA GLU A 36 26.93 -28.47 -2.15
C GLU A 36 26.87 -28.29 -0.63
N ARG A 37 27.96 -27.83 -0.02
CA ARG A 37 27.99 -27.49 1.41
C ARG A 37 26.79 -26.60 1.80
N ARG A 38 26.51 -25.51 1.01
CA ARG A 38 25.59 -24.46 1.50
C ARG A 38 24.15 -24.65 1.03
N THR A 39 23.91 -25.46 -0.01
CA THR A 39 22.58 -25.63 -0.59
C THR A 39 22.18 -27.08 -0.76
N GLY A 40 23.13 -28.01 -0.71
CA GLY A 40 22.86 -29.42 -0.97
C GLY A 40 22.66 -29.71 -2.44
N ILE A 41 22.66 -28.71 -3.30
CA ILE A 41 22.64 -28.94 -4.73
C ILE A 41 24.01 -29.42 -5.17
N ARG A 42 23.99 -30.40 -6.07
CA ARG A 42 25.17 -30.91 -6.77
C ARG A 42 25.20 -30.52 -8.24
N SER A 43 24.04 -30.49 -8.91
CA SER A 43 23.97 -30.08 -10.30
C SER A 43 22.52 -29.68 -10.60
N ARG A 44 22.33 -29.08 -11.77
CA ARG A 44 21.05 -28.48 -12.15
C ARG A 44 20.96 -28.51 -13.67
N TYR A 45 19.75 -28.40 -14.20
CA TYR A 45 19.57 -28.35 -15.66
C TYR A 45 19.20 -26.93 -16.08
N TRP A 46 19.88 -26.42 -17.11
CA TRP A 46 19.57 -25.11 -17.68
C TRP A 46 19.10 -25.22 -19.13
N ALA A 47 18.25 -24.28 -19.55
CA ALA A 47 17.80 -24.26 -20.93
C ALA A 47 18.91 -23.88 -21.90
N GLU A 48 18.80 -24.41 -23.11
CA GLU A 48 19.65 -24.03 -24.23
C GLU A 48 18.90 -23.08 -25.15
N ALA A 49 19.64 -22.49 -26.09
CA ALA A 49 19.04 -21.54 -27.03
C ALA A 49 17.97 -22.22 -27.87
N GLY A 50 16.82 -21.56 -27.96
CA GLY A 50 15.70 -22.11 -28.69
C GLY A 50 14.73 -22.90 -27.83
N ASP A 51 15.15 -23.37 -26.66
CA ASP A 51 14.20 -23.99 -25.75
C ASP A 51 13.18 -22.96 -25.29
N THR A 52 11.95 -23.42 -25.08
CA THR A 52 10.86 -22.55 -24.65
C THR A 52 10.22 -23.14 -23.41
N LEU A 53 9.66 -22.26 -22.58
CA LEU A 53 8.94 -22.71 -21.40
C LEU A 53 7.82 -23.65 -21.78
N SER A 54 7.03 -23.28 -22.79
CA SER A 54 5.90 -24.13 -23.16
C SER A 54 6.37 -25.49 -23.67
N GLY A 55 7.49 -25.54 -24.40
CA GLY A 55 8.05 -26.83 -24.82
C GLY A 55 8.49 -27.70 -23.64
N LEU A 56 9.17 -27.10 -22.66
CA LEU A 56 9.54 -27.84 -21.45
C LEU A 56 8.30 -28.35 -20.75
N ALA A 57 7.34 -27.46 -20.54
CA ALA A 57 6.09 -27.83 -19.89
C ALA A 57 5.40 -28.93 -20.66
N GLU A 58 5.50 -28.89 -21.99
CA GLU A 58 4.86 -29.88 -22.83
C GLU A 58 5.47 -31.26 -22.63
N ARG A 59 6.79 -31.33 -22.49
CA ARG A 59 7.39 -32.65 -22.28
C ARG A 59 6.94 -33.25 -20.95
N ALA A 60 6.92 -32.44 -19.87
CA ALA A 60 6.43 -32.99 -18.59
C ALA A 60 4.95 -33.34 -18.66
N GLY A 61 4.15 -32.46 -19.24
CA GLY A 61 2.72 -32.69 -19.36
C GLY A 61 2.43 -33.97 -20.12
N ARG A 62 3.16 -34.19 -21.20
CA ARG A 62 2.94 -35.34 -22.06
C ARG A 62 3.29 -36.63 -21.31
N MET A 63 4.40 -36.61 -20.56
CA MET A 63 4.72 -37.79 -19.74
C MET A 63 3.60 -38.09 -18.74
N ALA A 64 3.01 -37.03 -18.17
CA ALA A 64 1.92 -37.24 -17.20
C ALA A 64 0.64 -37.73 -17.89
N LEU A 65 0.32 -37.21 -19.07
CA LEU A 65 -0.88 -37.65 -19.79
C LEU A 65 -0.77 -39.12 -20.16
N GLU A 66 0.39 -39.53 -20.68
CA GLU A 66 0.61 -40.92 -21.02
C GLU A 66 0.61 -41.80 -19.77
N ASP A 67 1.24 -41.31 -18.69
CA ASP A 67 1.21 -42.03 -17.42
C ASP A 67 -0.20 -42.24 -16.90
N ALA A 68 -1.11 -41.30 -17.15
CA ALA A 68 -2.50 -41.40 -16.72
C ALA A 68 -3.36 -42.28 -17.61
N LYS A 69 -2.84 -42.69 -18.77
CA LYS A 69 -3.61 -43.43 -19.76
C LYS A 69 -4.93 -42.72 -20.05
N ILE A 70 -4.84 -41.40 -20.22
CA ILE A 70 -6.00 -40.53 -20.34
C ILE A 70 -6.09 -40.04 -21.78
N ASN A 71 -7.29 -40.07 -22.36
CA ASN A 71 -7.44 -39.56 -23.72
C ASN A 71 -7.28 -38.06 -23.72
N ALA A 72 -6.56 -37.56 -24.72
CA ALA A 72 -6.25 -36.14 -24.70
C ALA A 72 -7.55 -35.33 -24.69
N ASP A 73 -8.62 -35.91 -25.25
CA ASP A 73 -9.94 -35.29 -25.26
C ASP A 73 -10.50 -35.12 -23.86
N ASP A 74 -10.03 -35.90 -22.89
CA ASP A 74 -10.55 -35.92 -21.53
C ASP A 74 -10.13 -34.72 -20.65
N ILE A 75 -9.11 -33.96 -21.06
CA ILE A 75 -8.58 -32.83 -20.29
C ILE A 75 -9.47 -31.61 -20.49
N ALA A 76 -10.18 -31.20 -19.45
CA ALA A 76 -11.08 -30.06 -19.57
C ALA A 76 -10.41 -28.74 -19.23
N LEU A 77 -9.25 -28.78 -18.56
CA LEU A 77 -8.64 -27.54 -18.10
C LEU A 77 -7.14 -27.78 -17.87
N THR A 78 -6.30 -26.87 -18.37
CA THR A 78 -4.86 -26.88 -18.15
C THR A 78 -4.50 -25.65 -17.31
N LEU A 79 -3.90 -25.88 -16.15
CA LEU A 79 -3.40 -24.83 -15.28
C LEU A 79 -1.89 -24.91 -15.36
N LEU A 80 -1.26 -23.81 -15.75
CA LEU A 80 0.19 -23.73 -15.87
C LEU A 80 0.72 -22.75 -14.82
N ALA A 81 1.31 -23.27 -13.76
CA ALA A 81 1.96 -22.41 -12.77
C ALA A 81 3.35 -22.07 -13.28
N THR A 82 3.54 -20.83 -13.69
CA THR A 82 4.87 -20.42 -14.12
C THR A 82 5.13 -18.97 -13.71
N SER A 83 6.40 -18.65 -13.51
CA SER A 83 6.89 -17.29 -13.41
C SER A 83 7.51 -16.82 -14.72
N THR A 84 7.68 -17.69 -15.71
CA THR A 84 8.50 -17.40 -16.89
C THR A 84 7.76 -17.76 -18.17
N PRO A 85 6.56 -17.21 -18.39
CA PRO A 85 5.85 -17.52 -19.64
C PRO A 85 6.69 -17.12 -20.85
N ASP A 86 6.40 -17.80 -21.98
CA ASP A 86 7.11 -17.52 -23.24
C ASP A 86 7.11 -16.04 -23.55
N HIS A 87 5.94 -15.39 -23.38
CA HIS A 87 5.70 -13.99 -23.66
C HIS A 87 4.90 -13.39 -22.53
N LEU A 88 5.03 -12.06 -22.36
CA LEU A 88 4.22 -11.31 -21.39
C LEU A 88 2.75 -11.26 -21.79
N LEU A 89 2.45 -11.65 -23.00
CA LEU A 89 1.13 -11.73 -23.57
C LEU A 89 1.30 -12.48 -24.87
N PRO A 90 0.47 -13.48 -25.13
CA PRO A 90 -0.54 -14.05 -24.23
C PRO A 90 0.06 -14.96 -23.15
N PRO A 91 -0.78 -15.48 -22.25
CA PRO A 91 -0.32 -16.53 -21.33
C PRO A 91 0.21 -17.72 -22.12
N SER A 92 1.07 -18.53 -21.49
CA SER A 92 1.64 -19.68 -22.17
C SER A 92 0.72 -20.89 -22.16
N ALA A 93 -0.25 -20.92 -21.25
CA ALA A 93 -1.10 -22.10 -21.13
C ALA A 93 -1.85 -22.45 -22.41
N PRO A 94 -2.44 -21.51 -23.17
CA PRO A 94 -3.10 -21.92 -24.43
C PRO A 94 -2.16 -22.58 -25.43
N LEU A 95 -0.92 -22.08 -25.56
CA LEU A 95 0.05 -22.71 -26.45
C LEU A 95 0.41 -24.13 -25.97
N LEU A 96 0.64 -24.28 -24.65
CA LEU A 96 0.92 -25.60 -24.06
C LEU A 96 -0.21 -26.59 -24.34
N ALA A 97 -1.45 -26.16 -24.09
CA ALA A 97 -2.59 -27.03 -24.34
C ALA A 97 -2.68 -27.37 -25.81
N HIS A 98 -2.38 -26.39 -26.67
CA HIS A 98 -2.41 -26.63 -28.12
C HIS A 98 -1.37 -27.66 -28.54
N ARG A 99 -0.10 -27.54 -28.10
CA ARG A 99 0.86 -28.57 -28.51
C ARG A 99 0.56 -29.92 -27.89
N LEU A 100 -0.17 -29.99 -26.79
CA LEU A 100 -0.47 -31.34 -26.30
C LEU A 100 -1.74 -31.90 -26.93
N GLY A 101 -2.41 -31.16 -27.81
CA GLY A 101 -3.61 -31.70 -28.44
C GLY A 101 -4.86 -31.75 -27.58
N LEU A 102 -4.95 -30.89 -26.56
CA LEU A 102 -6.06 -30.91 -25.60
C LEU A 102 -7.13 -29.97 -26.13
N THR A 103 -7.92 -30.47 -27.10
CA THR A 103 -8.81 -29.58 -27.83
C THR A 103 -10.05 -29.19 -27.05
N ARG A 104 -10.31 -29.82 -25.92
CA ARG A 104 -11.44 -29.42 -25.10
C ARG A 104 -11.01 -28.70 -23.83
N SER A 105 -9.75 -28.30 -23.70
CA SER A 105 -9.24 -27.82 -22.42
C SER A 105 -9.20 -26.30 -22.41
N GLY A 106 -9.70 -25.69 -21.34
CA GLY A 106 -9.33 -24.32 -21.06
C GLY A 106 -7.86 -24.25 -20.67
N ALA A 107 -7.37 -23.05 -20.45
CA ALA A 107 -5.95 -22.96 -20.15
C ALA A 107 -5.68 -21.60 -19.55
N ILE A 108 -4.93 -21.57 -18.46
CA ILE A 108 -4.58 -20.28 -17.87
C ILE A 108 -3.28 -20.41 -17.09
N ASP A 109 -2.53 -19.31 -17.04
CA ASP A 109 -1.33 -19.26 -16.23
C ASP A 109 -1.65 -18.80 -14.81
N LEU A 110 -1.07 -19.47 -13.82
CA LEU A 110 -1.04 -18.98 -12.45
C LEU A 110 0.37 -18.55 -12.10
N ALA A 111 0.48 -17.38 -11.47
CA ALA A 111 1.75 -16.81 -11.06
C ALA A 111 1.71 -16.73 -9.52
N GLY A 112 2.35 -17.68 -8.85
CA GLY A 112 2.36 -17.74 -7.42
C GLY A 112 3.77 -17.95 -6.93
N ALA A 113 4.74 -17.64 -7.80
CA ALA A 113 6.14 -17.89 -7.51
C ALA A 113 6.31 -19.35 -7.12
N SER A 114 7.16 -19.65 -6.12
CA SER A 114 7.38 -21.04 -5.73
C SER A 114 6.19 -21.74 -5.11
N SER A 115 5.12 -21.03 -4.81
CA SER A 115 3.91 -21.66 -4.28
C SER A 115 2.94 -22.03 -5.37
N GLY A 116 3.26 -21.69 -6.63
CA GLY A 116 2.25 -21.77 -7.66
C GLY A 116 1.61 -23.14 -7.78
N PHE A 117 2.41 -24.20 -7.64
CA PHE A 117 1.88 -25.53 -7.87
C PHE A 117 0.85 -25.89 -6.81
N LEU A 118 1.07 -25.44 -5.59
CA LEU A 118 0.14 -25.80 -4.53
C LEU A 118 -1.17 -25.04 -4.68
N TYR A 119 -1.10 -23.78 -5.14
CA TYR A 119 -2.33 -23.07 -5.48
C TYR A 119 -3.04 -23.75 -6.63
N ALA A 120 -2.26 -24.07 -7.68
CA ALA A 120 -2.85 -24.75 -8.83
C ALA A 120 -3.53 -26.04 -8.40
N LEU A 121 -2.83 -26.85 -7.58
CA LEU A 121 -3.40 -28.14 -7.18
C LEU A 121 -4.67 -27.89 -6.39
N THR A 122 -4.64 -26.92 -5.48
CA THR A 122 -5.83 -26.68 -4.67
C THR A 122 -6.95 -26.21 -5.57
N LEU A 123 -6.66 -25.30 -6.49
CA LEU A 123 -7.75 -24.80 -7.31
C LEU A 123 -8.20 -25.87 -8.30
N ALA A 124 -7.27 -26.72 -8.79
CA ALA A 124 -7.69 -27.76 -9.74
C ALA A 124 -8.56 -28.81 -9.07
N ASP A 125 -8.17 -29.22 -7.87
CA ASP A 125 -8.99 -30.13 -7.09
C ASP A 125 -10.40 -29.57 -6.88
N GLY A 126 -10.51 -28.27 -6.60
CA GLY A 126 -11.82 -27.67 -6.48
C GLY A 126 -12.62 -27.75 -7.76
N PHE A 127 -11.97 -27.54 -8.89
CA PHE A 127 -12.62 -27.67 -10.19
C PHE A 127 -13.11 -29.09 -10.43
N VAL A 128 -12.23 -30.06 -10.18
CA VAL A 128 -12.59 -31.45 -10.43
C VAL A 128 -13.82 -31.83 -9.63
N ARG A 129 -13.83 -31.45 -8.36
CA ARG A 129 -14.92 -31.86 -7.52
C ARG A 129 -16.18 -31.10 -7.85
N THR A 130 -16.02 -29.92 -8.44
CA THR A 130 -17.22 -29.17 -8.78
C THR A 130 -17.79 -29.65 -10.11
N TYR A 131 -16.97 -29.88 -11.08
CA TYR A 131 -17.48 -30.22 -12.41
C TYR A 131 -17.32 -31.67 -12.84
N GLY A 132 -16.59 -32.49 -12.10
CA GLY A 132 -16.43 -33.88 -12.43
C GLY A 132 -15.67 -34.11 -13.72
N ARG A 133 -14.59 -33.36 -13.94
CA ARG A 133 -13.81 -33.46 -15.15
C ARG A 133 -12.33 -33.35 -14.80
N ALA A 134 -11.49 -33.92 -15.65
CA ALA A 134 -10.06 -33.98 -15.39
C ALA A 134 -9.39 -32.64 -15.68
N VAL A 135 -8.31 -32.38 -14.95
CA VAL A 135 -7.54 -31.16 -15.06
C VAL A 135 -6.07 -31.54 -15.16
N LEU A 136 -5.38 -30.89 -16.06
CA LEU A 136 -3.93 -31.09 -16.13
C LEU A 136 -3.23 -29.94 -15.41
N VAL A 137 -2.39 -30.27 -14.42
CA VAL A 137 -1.67 -29.23 -13.68
C VAL A 137 -0.18 -29.37 -13.97
N VAL A 138 0.37 -28.36 -14.64
CA VAL A 138 1.79 -28.31 -14.92
C VAL A 138 2.35 -27.08 -14.20
N ALA A 139 3.54 -27.23 -13.64
CA ALA A 139 4.32 -26.12 -13.12
C ALA A 139 5.65 -26.19 -13.82
N ALA A 140 6.12 -25.07 -14.34
CA ALA A 140 7.36 -25.13 -15.08
C ALA A 140 8.02 -23.78 -15.02
N ASN A 141 9.34 -23.79 -15.03
CA ASN A 141 10.06 -22.54 -15.01
C ASN A 141 11.41 -22.71 -15.66
N ILE A 142 11.80 -21.62 -16.33
CA ILE A 142 13.16 -21.41 -16.77
C ILE A 142 13.71 -20.21 -16.01
N LEU A 143 14.15 -20.44 -14.77
CA LEU A 143 14.71 -19.36 -13.98
C LEU A 143 16.10 -18.95 -14.48
N SER A 144 16.79 -19.83 -15.21
CA SER A 144 18.15 -19.53 -15.60
C SER A 144 18.20 -18.23 -16.41
N ARG A 145 17.19 -18.00 -17.23
CA ARG A 145 17.18 -16.75 -17.99
C ARG A 145 16.90 -15.52 -17.13
N ARG A 146 16.46 -15.68 -15.86
CA ARG A 146 16.25 -14.56 -14.96
C ARG A 146 17.32 -14.46 -13.89
N ILE A 147 18.26 -15.40 -13.83
CA ILE A 147 19.29 -15.39 -12.81
C ILE A 147 20.24 -14.22 -13.07
N ASN A 148 20.52 -13.44 -12.04
CA ASN A 148 21.64 -12.54 -12.18
C ASN A 148 22.88 -13.37 -11.88
N PRO A 149 23.71 -13.67 -12.88
CA PRO A 149 24.85 -14.58 -12.64
C PRO A 149 25.85 -14.03 -11.64
N ALA A 150 25.89 -12.72 -11.45
CA ALA A 150 26.84 -12.18 -10.49
C ALA A 150 26.35 -12.32 -9.06
N GLU A 151 25.05 -12.56 -8.86
CA GLU A 151 24.47 -12.62 -7.52
C GLU A 151 24.57 -14.06 -7.04
N ARG A 152 25.53 -14.33 -6.16
CA ARG A 152 25.83 -15.71 -5.75
C ARG A 152 24.62 -16.42 -5.15
N ALA A 153 23.84 -15.71 -4.32
CA ALA A 153 22.76 -16.33 -3.57
C ALA A 153 21.73 -16.96 -4.51
N SER A 154 21.48 -16.33 -5.64
CA SER A 154 20.52 -16.85 -6.60
C SER A 154 21.20 -17.64 -7.71
N ALA A 155 22.41 -17.28 -8.12
CA ALA A 155 23.02 -17.98 -9.25
C ALA A 155 23.35 -19.43 -8.89
N VAL A 156 23.58 -19.74 -7.62
CA VAL A 156 23.93 -21.12 -7.26
C VAL A 156 22.69 -21.98 -7.04
N LEU A 157 21.51 -21.37 -6.97
CA LEU A 157 20.34 -22.15 -6.57
C LEU A 157 19.43 -22.50 -7.73
N PHE A 158 19.18 -21.52 -8.58
CA PHE A 158 18.01 -21.59 -9.41
C PHE A 158 18.26 -22.44 -10.66
N ALA A 159 17.20 -23.04 -11.14
CA ALA A 159 17.33 -24.07 -12.16
C ALA A 159 16.03 -24.14 -12.96
N ASP A 160 16.05 -24.95 -14.00
CA ASP A 160 14.96 -25.03 -14.95
C ASP A 160 14.35 -26.43 -14.92
N ALA A 161 13.02 -26.51 -14.87
CA ALA A 161 12.35 -27.80 -14.85
C ALA A 161 10.86 -27.62 -15.05
N ALA A 162 10.18 -28.73 -15.34
CA ALA A 162 8.72 -28.78 -15.41
C ALA A 162 8.25 -30.05 -14.72
N GLY A 163 7.11 -29.96 -14.05
CA GLY A 163 6.47 -31.13 -13.48
C GLY A 163 4.97 -31.06 -13.68
N ALA A 164 4.36 -32.22 -13.84
CA ALA A 164 2.98 -32.28 -14.24
C ALA A 164 2.27 -33.41 -13.51
N VAL A 165 0.99 -33.19 -13.21
CA VAL A 165 0.13 -34.18 -12.57
C VAL A 165 -1.22 -34.07 -13.26
N VAL A 166 -1.77 -35.21 -13.66
CA VAL A 166 -3.13 -35.27 -14.18
C VAL A 166 -4.08 -35.56 -13.05
N LEU A 167 -4.99 -34.63 -12.75
CA LEU A 167 -6.03 -34.85 -11.75
C LEU A 167 -7.33 -35.26 -12.42
N THR A 168 -7.83 -36.45 -12.05
CA THR A 168 -9.08 -37.02 -12.54
C THR A 168 -10.13 -37.15 -11.42
N PRO A 169 -11.42 -37.07 -11.76
CA PRO A 169 -12.49 -37.19 -10.75
C PRO A 169 -12.59 -38.60 -10.16
N CYS A 170 -12.82 -38.65 -8.85
CA CYS A 170 -12.93 -39.91 -8.13
C CYS A 170 -14.21 -39.89 -7.29
N PRO A 171 -14.97 -40.98 -7.28
CA PRO A 171 -16.23 -41.00 -6.53
C PRO A 171 -16.11 -41.05 -4.99
N GLU A 172 -15.01 -41.55 -4.43
CA GLU A 172 -15.02 -41.91 -3.01
C GLU A 172 -14.49 -40.76 -2.14
N VAL A 173 -14.84 -40.81 -0.86
CA VAL A 173 -14.52 -39.75 0.11
C VAL A 173 -13.31 -40.16 0.94
N LYS A 174 -12.82 -39.23 1.80
CA LYS A 174 -11.74 -39.50 2.75
C LYS A 174 -10.43 -39.88 2.08
N ARG A 175 -10.18 -39.33 0.90
CA ARG A 175 -8.91 -39.51 0.22
C ARG A 175 -8.66 -38.29 -0.66
N GLY A 176 -7.54 -38.32 -1.38
CA GLY A 176 -7.18 -37.16 -2.19
C GLY A 176 -6.75 -36.00 -1.32
N VAL A 177 -7.16 -34.79 -1.72
CA VAL A 177 -6.79 -33.60 -0.96
C VAL A 177 -7.67 -33.59 0.28
N LEU A 178 -7.08 -33.87 1.44
CA LEU A 178 -7.80 -33.91 2.70
C LEU A 178 -7.88 -32.52 3.31
N SER A 179 -6.86 -31.71 3.06
CA SER A 179 -6.83 -30.34 3.53
C SER A 179 -5.79 -29.57 2.74
N ALA A 180 -5.98 -28.26 2.66
CA ALA A 180 -5.08 -27.34 1.95
C ALA A 180 -5.08 -26.00 2.68
N ASP A 181 -3.95 -25.32 2.66
CA ASP A 181 -3.90 -24.01 3.29
C ASP A 181 -2.99 -23.10 2.48
N LEU A 182 -3.58 -22.00 1.98
CA LEU A 182 -2.89 -21.08 1.09
C LEU A 182 -2.77 -19.73 1.79
N VAL A 183 -1.54 -19.21 1.86
CA VAL A 183 -1.24 -18.02 2.63
C VAL A 183 -0.40 -17.05 1.80
N ALA A 184 -0.44 -15.80 2.23
CA ALA A 184 0.36 -14.73 1.65
C ALA A 184 0.79 -13.75 2.74
N ASP A 185 1.98 -13.15 2.55
CA ASP A 185 2.49 -12.14 3.48
C ASP A 185 3.21 -11.08 2.66
N GLY A 186 2.46 -10.07 2.23
CA GLY A 186 2.99 -9.05 1.38
C GLY A 186 3.96 -8.12 2.05
N SER A 187 4.12 -8.20 3.39
CA SER A 187 5.15 -7.38 4.02
C SER A 187 6.55 -7.80 3.58
N GLY A 188 6.69 -8.98 2.97
CA GLY A 188 7.97 -9.42 2.44
C GLY A 188 8.10 -9.33 0.93
N TYR A 189 7.21 -8.55 0.33
CA TYR A 189 7.12 -8.51 -1.13
C TYR A 189 8.44 -8.15 -1.80
N ASP A 190 9.18 -7.19 -1.25
CA ASP A 190 10.40 -6.74 -1.92
C ASP A 190 11.58 -7.70 -1.76
N LEU A 191 11.47 -8.74 -0.93
CA LEU A 191 12.64 -9.56 -0.63
C LEU A 191 13.12 -10.35 -1.84
N ILE A 192 12.21 -10.74 -2.74
CA ILE A 192 12.59 -11.49 -3.94
C ILE A 192 11.81 -10.85 -5.09
N GLN A 193 12.51 -10.18 -5.99
CA GLN A 193 11.89 -9.22 -6.90
C GLN A 193 12.70 -9.07 -8.17
N ILE A 194 12.02 -8.71 -9.25
CA ILE A 194 12.64 -8.17 -10.46
C ILE A 194 12.15 -6.74 -10.64
N ALA A 195 13.09 -5.80 -10.74
CA ALA A 195 12.70 -4.40 -10.68
C ALA A 195 11.96 -3.97 -11.96
N ALA A 196 12.52 -4.26 -13.13
CA ALA A 196 11.99 -3.71 -14.37
C ALA A 196 11.19 -4.73 -15.17
N GLY A 197 10.19 -4.24 -15.92
CA GLY A 197 9.49 -5.17 -16.77
C GLY A 197 8.01 -5.22 -16.53
N GLY A 198 7.59 -5.17 -15.26
CA GLY A 198 6.18 -5.01 -14.98
C GLY A 198 5.65 -3.64 -15.29
N SER A 199 4.47 -3.30 -14.76
CA SER A 199 3.87 -2.00 -15.01
C SER A 199 4.43 -0.89 -14.13
N SER A 200 5.15 -1.24 -13.07
CA SER A 200 5.71 -0.24 -12.18
C SER A 200 6.94 0.43 -12.78
N GLN A 201 7.74 -0.34 -13.51
CA GLN A 201 8.89 0.18 -14.22
C GLN A 201 8.97 -0.59 -15.53
N PRO A 202 8.22 -0.19 -16.55
CA PRO A 202 8.24 -0.93 -17.80
C PRO A 202 9.61 -0.89 -18.43
N PHE A 203 9.93 -1.98 -19.12
CA PHE A 203 11.26 -2.09 -19.72
C PHE A 203 11.31 -1.06 -20.83
N SER A 204 12.42 -0.36 -20.94
CA SER A 204 12.57 0.78 -21.84
C SER A 204 13.97 0.76 -22.41
N ALA A 205 14.12 1.45 -23.55
CA ALA A 205 15.45 1.67 -24.09
C ALA A 205 16.33 2.26 -23.00
N GLY A 206 17.61 1.85 -23.03
CA GLY A 206 18.60 2.29 -22.08
C GLY A 206 18.51 1.69 -20.68
N MET A 207 17.86 0.53 -20.52
CA MET A 207 17.80 -0.05 -19.19
C MET A 207 18.96 -1.05 -19.03
N ILE A 208 19.30 -1.32 -17.77
CA ILE A 208 20.45 -2.15 -17.36
C ILE A 208 20.43 -3.59 -17.88
N ALA A 209 19.24 -4.17 -18.12
CA ALA A 209 18.98 -5.57 -18.51
C ALA A 209 19.10 -6.37 -17.21
N GLU A 210 20.09 -6.02 -16.38
CA GLU A 210 20.22 -6.65 -15.08
C GLU A 210 18.94 -6.41 -14.30
N ASP A 211 18.27 -5.27 -14.59
CA ASP A 211 17.08 -4.82 -13.90
C ASP A 211 15.93 -5.72 -14.27
N ALA A 212 16.14 -6.55 -15.28
CA ALA A 212 15.18 -7.54 -15.73
C ALA A 212 15.38 -8.86 -15.01
N LEU A 213 16.36 -8.96 -14.13
CA LEU A 213 16.75 -10.20 -13.47
C LEU A 213 16.42 -10.16 -11.98
N MET A 214 16.31 -11.35 -11.39
CA MET A 214 15.94 -11.49 -9.99
C MET A 214 17.00 -10.90 -9.10
N THR A 215 16.55 -10.35 -7.99
CA THR A 215 17.44 -10.04 -6.89
C THR A 215 16.78 -10.55 -5.61
N MET A 216 17.58 -11.18 -4.77
CA MET A 216 17.22 -11.52 -3.41
C MET A 216 17.95 -10.59 -2.44
N ARG A 217 17.18 -9.71 -1.79
CA ARG A 217 17.76 -8.60 -1.04
C ARG A 217 18.28 -9.03 0.33
N ASP A 218 17.76 -10.14 0.88
CA ASP A 218 18.15 -10.53 2.24
C ASP A 218 17.85 -12.04 2.32
N GLY A 219 18.81 -12.85 1.89
CA GLY A 219 18.59 -14.30 1.86
C GLY A 219 18.24 -14.86 3.22
N ARG A 220 18.87 -14.33 4.26
CA ARG A 220 18.64 -14.76 5.62
C ARG A 220 17.19 -14.49 6.05
N GLU A 221 16.66 -13.33 5.69
CA GLU A 221 15.28 -13.00 6.04
C GLU A 221 14.29 -13.83 5.24
N VAL A 222 14.59 -14.07 3.97
CA VAL A 222 13.76 -14.95 3.14
C VAL A 222 13.73 -16.33 3.77
N PHE A 223 14.90 -16.88 4.08
CA PHE A 223 15.02 -18.18 4.73
C PHE A 223 14.12 -18.30 5.94
N SER A 224 14.21 -17.33 6.85
CA SER A 224 13.44 -17.44 8.07
C SER A 224 11.95 -17.41 7.78
N ARG A 225 11.53 -16.47 6.93
CA ARG A 225 10.11 -16.32 6.62
C ARG A 225 9.57 -17.56 5.94
N ALA A 226 10.36 -18.17 5.04
CA ALA A 226 9.87 -19.32 4.30
C ALA A 226 9.80 -20.54 5.20
N VAL A 227 10.79 -20.73 6.08
CA VAL A 227 10.69 -21.86 6.99
C VAL A 227 9.43 -21.72 7.83
N ALA A 228 9.14 -20.50 8.31
CA ALA A 228 7.94 -20.29 9.13
C ALA A 228 6.67 -20.58 8.35
N LEU A 229 6.60 -20.09 7.12
CA LEU A 229 5.38 -20.28 6.33
C LEU A 229 5.15 -21.75 5.99
N MET A 230 6.18 -22.48 5.59
CA MET A 230 6.01 -23.91 5.33
C MET A 230 5.65 -24.69 6.61
N THR A 231 6.25 -24.33 7.76
CA THR A 231 5.95 -25.01 9.01
C THR A 231 4.51 -24.79 9.43
N ASN A 232 4.05 -23.54 9.38
CA ASN A 232 2.74 -23.21 9.92
C ASN A 232 1.65 -23.77 9.03
N THR A 233 1.83 -23.68 7.70
CA THR A 233 0.83 -24.27 6.80
C THR A 233 0.78 -25.77 7.00
N SER A 234 1.94 -26.42 7.14
CA SER A 234 1.97 -27.86 7.33
C SER A 234 1.23 -28.25 8.60
N GLN A 235 1.49 -27.53 9.70
CA GLN A 235 0.81 -27.85 10.95
C GLN A 235 -0.70 -27.71 10.81
N ARG A 236 -1.15 -26.71 10.08
CA ARG A 236 -2.59 -26.54 10.03
C ARG A 236 -3.26 -27.52 9.08
N VAL A 237 -2.60 -27.95 8.01
CA VAL A 237 -3.23 -28.99 7.18
C VAL A 237 -3.22 -30.32 7.91
N LEU A 238 -2.18 -30.61 8.68
CA LEU A 238 -2.21 -31.81 9.49
C LEU A 238 -3.36 -31.78 10.48
N HIS A 239 -3.53 -30.67 11.21
CA HIS A 239 -4.64 -30.57 12.15
C HIS A 239 -5.99 -30.77 11.44
N GLU A 240 -6.18 -30.13 10.28
CA GLU A 240 -7.45 -30.28 9.58
C GLU A 240 -7.67 -31.70 9.10
N ALA A 241 -6.64 -32.36 8.58
CA ALA A 241 -6.77 -33.75 8.17
C ALA A 241 -6.81 -34.72 9.34
N GLU A 242 -6.70 -34.21 10.57
CA GLU A 242 -6.65 -35.02 11.77
C GLU A 242 -5.59 -36.11 11.64
N LEU A 243 -4.41 -35.72 11.18
CA LEU A 243 -3.25 -36.58 11.09
C LEU A 243 -2.10 -35.95 11.85
N THR A 244 -1.19 -36.79 12.33
CA THR A 244 0.09 -36.33 12.83
C THR A 244 1.15 -36.55 11.74
N ALA A 245 2.29 -35.88 11.91
CA ALA A 245 3.40 -36.07 11.00
C ALA A 245 3.84 -37.51 10.90
N ALA A 246 3.71 -38.27 11.99
CA ALA A 246 4.10 -39.67 11.95
C ALA A 246 3.25 -40.48 10.99
N ASP A 247 2.04 -40.01 10.64
CA ASP A 247 1.15 -40.68 9.70
C ASP A 247 1.48 -40.40 8.24
N ILE A 248 2.37 -39.46 7.99
CA ILE A 248 2.65 -39.04 6.63
C ILE A 248 3.60 -40.05 6.01
N SER A 249 3.20 -40.60 4.87
CA SER A 249 4.06 -41.56 4.22
C SER A 249 5.24 -40.87 3.56
N ARG A 250 4.98 -39.79 2.81
CA ARG A 250 6.07 -39.08 2.16
C ARG A 250 5.89 -37.59 2.33
N PHE A 251 6.97 -36.91 2.70
CA PHE A 251 6.98 -35.47 2.87
C PHE A 251 7.65 -34.85 1.65
N VAL A 252 6.94 -33.96 0.96
CA VAL A 252 7.42 -33.37 -0.29
C VAL A 252 7.42 -31.83 -0.20
N PRO A 253 8.43 -31.25 0.43
CA PRO A 253 8.50 -29.79 0.50
C PRO A 253 9.08 -29.25 -0.81
N HIS A 254 8.77 -27.99 -1.09
CA HIS A 254 9.45 -27.24 -2.14
C HIS A 254 10.95 -27.36 -1.97
N GLN A 255 11.65 -27.60 -3.07
CA GLN A 255 13.10 -27.79 -3.02
C GLN A 255 13.85 -26.47 -3.23
N ALA A 256 13.76 -25.60 -2.21
CA ALA A 256 14.43 -24.31 -2.30
C ALA A 256 15.91 -24.44 -1.96
N ASN A 257 16.21 -25.25 -0.94
CA ASN A 257 17.51 -25.24 -0.28
C ASN A 257 17.50 -26.36 0.76
N ALA A 258 18.55 -27.25 0.72
CA ALA A 258 18.59 -28.39 1.63
C ALA A 258 18.52 -27.99 3.10
N ARG A 259 19.20 -26.91 3.50
CA ARG A 259 19.07 -26.43 4.88
C ARG A 259 17.63 -26.06 5.20
N MET A 260 16.90 -25.54 4.23
CA MET A 260 15.49 -25.25 4.47
C MET A 260 14.64 -26.51 4.60
N SER A 261 14.88 -27.51 3.76
CA SER A 261 14.21 -28.79 3.96
C SER A 261 14.52 -29.37 5.34
N ASP A 262 15.77 -29.29 5.79
CA ASP A 262 16.11 -29.77 7.13
C ASP A 262 15.42 -28.97 8.23
N ALA A 263 15.35 -27.62 8.13
CA ALA A 263 14.72 -26.83 9.17
C ALA A 263 13.21 -27.09 9.23
N VAL A 264 12.57 -27.23 8.07
CA VAL A 264 11.14 -27.52 8.07
C VAL A 264 10.88 -28.91 8.64
N CYS A 265 11.60 -29.91 8.13
CA CYS A 265 11.54 -31.24 8.74
C CYS A 265 11.70 -31.18 10.25
N GLY A 266 12.71 -30.43 10.72
CA GLY A 266 12.98 -30.40 12.15
C GLY A 266 11.82 -29.81 12.94
N ASN A 267 11.26 -28.71 12.44
CA ASN A 267 10.12 -28.09 13.11
C ASN A 267 8.95 -29.06 13.18
N LEU A 268 8.72 -29.81 12.10
CA LEU A 268 7.52 -30.64 12.08
C LEU A 268 7.76 -32.00 12.71
N GLY A 269 9.03 -32.32 13.00
CA GLY A 269 9.43 -33.57 13.58
C GLY A 269 9.37 -34.71 12.59
N ILE A 270 9.79 -34.47 11.35
CA ILE A 270 9.71 -35.46 10.29
C ILE A 270 11.12 -35.85 9.88
N GLU A 271 11.35 -37.15 9.73
CA GLU A 271 12.66 -37.71 9.48
C GLU A 271 13.02 -37.45 8.03
N ARG A 272 14.31 -37.18 7.81
CA ARG A 272 14.88 -37.02 6.48
C ARG A 272 14.56 -38.22 5.59
N GLU A 273 14.44 -39.42 6.17
CA GLU A 273 14.19 -40.60 5.34
C GLU A 273 12.79 -40.64 4.73
N LYS A 274 11.79 -39.95 5.29
CA LYS A 274 10.45 -39.83 4.72
C LYS A 274 10.32 -38.65 3.78
N THR A 275 11.36 -37.82 3.66
CA THR A 275 11.35 -36.59 2.88
C THR A 275 11.90 -36.87 1.50
N VAL A 276 11.15 -36.49 0.48
CA VAL A 276 11.64 -36.53 -0.90
C VAL A 276 12.61 -35.39 -1.13
N ARG A 277 13.80 -35.70 -1.66
CA ARG A 277 14.88 -34.73 -1.82
C ARG A 277 15.45 -34.89 -3.23
N THR A 278 15.07 -33.95 -4.11
CA THR A 278 15.56 -33.91 -5.48
C THR A 278 16.47 -32.72 -5.72
N ILE A 279 16.72 -31.90 -4.69
CA ILE A 279 17.47 -30.68 -4.94
C ILE A 279 18.91 -30.96 -5.34
N GLY A 280 19.43 -32.15 -5.00
CA GLY A 280 20.81 -32.43 -5.29
C GLY A 280 21.11 -32.52 -6.78
N SER A 281 20.15 -33.00 -7.56
CA SER A 281 20.35 -33.16 -8.99
C SER A 281 19.55 -32.16 -9.83
N PHE A 282 18.51 -31.54 -9.25
CA PHE A 282 17.59 -30.74 -10.01
C PHE A 282 17.51 -29.29 -9.54
N GLY A 283 18.13 -28.95 -8.40
CA GLY A 283 18.15 -27.56 -7.97
C GLY A 283 16.77 -27.03 -7.60
N ASN A 284 16.70 -25.69 -7.55
CA ASN A 284 15.50 -24.94 -7.18
C ASN A 284 14.89 -24.39 -8.46
N SER A 285 13.82 -25.03 -8.93
CA SER A 285 13.10 -24.63 -10.13
C SER A 285 11.73 -24.01 -9.81
N SER A 286 11.62 -23.42 -8.63
CA SER A 286 10.44 -22.69 -8.14
C SER A 286 9.27 -23.67 -8.14
N ALA A 287 8.10 -23.30 -8.65
CA ALA A 287 6.89 -24.10 -8.49
C ALA A 287 7.04 -25.50 -9.10
N ALA A 288 8.03 -25.70 -9.97
CA ALA A 288 8.19 -26.99 -10.59
C ALA A 288 8.73 -28.06 -9.63
N THR A 289 9.31 -27.66 -8.48
CA THR A 289 10.04 -28.65 -7.67
C THR A 289 9.11 -29.73 -7.15
N ILE A 290 7.95 -29.36 -6.61
CA ILE A 290 7.11 -30.39 -5.98
C ILE A 290 6.60 -31.38 -6.99
N PRO A 291 5.98 -31.02 -8.12
CA PRO A 291 5.56 -32.05 -9.09
C PRO A 291 6.71 -32.80 -9.72
N LEU A 292 7.88 -32.17 -9.91
CA LEU A 292 9.03 -32.94 -10.38
C LEU A 292 9.41 -34.00 -9.36
N SER A 293 9.39 -33.63 -8.07
CA SER A 293 9.73 -34.58 -7.03
C SER A 293 8.67 -35.66 -6.93
N LEU A 294 7.39 -35.29 -7.12
CA LEU A 294 6.35 -36.31 -7.10
C LEU A 294 6.61 -37.34 -8.19
N SER A 295 6.98 -36.86 -9.37
CA SER A 295 7.21 -37.81 -10.45
C SER A 295 8.41 -38.68 -10.14
N ILE A 296 9.48 -38.07 -9.60
CA ILE A 296 10.64 -38.86 -9.25
C ILE A 296 10.30 -39.90 -8.19
N THR A 297 9.68 -39.45 -7.08
CA THR A 297 9.42 -40.42 -6.02
C THR A 297 8.46 -41.50 -6.50
N ASN A 298 7.50 -41.14 -7.36
CA ASN A 298 6.58 -42.16 -7.87
C ASN A 298 7.33 -43.14 -8.75
N ALA A 299 8.37 -42.66 -9.44
CA ALA A 299 9.19 -43.55 -10.26
C ALA A 299 10.01 -44.48 -9.37
N GLU A 300 10.53 -43.99 -8.24
CA GLU A 300 11.29 -44.86 -7.36
C GLU A 300 10.39 -45.92 -6.72
N ARG A 301 9.16 -45.53 -6.39
CA ARG A 301 8.20 -46.36 -5.68
C ARG A 301 6.77 -45.88 -5.93
N PRO A 302 6.01 -46.61 -6.75
CA PRO A 302 4.67 -46.15 -7.13
C PRO A 302 3.82 -45.83 -5.90
N LEU A 303 3.11 -44.70 -5.95
CA LEU A 303 2.21 -44.37 -4.86
C LEU A 303 1.13 -45.43 -4.66
N ALA A 304 1.06 -45.93 -3.44
CA ALA A 304 0.14 -47.00 -3.05
C ALA A 304 -1.07 -46.40 -2.34
N GLY A 305 -2.24 -46.99 -2.57
CA GLY A 305 -3.44 -46.52 -1.90
C GLY A 305 -3.31 -46.50 -0.39
N GLY A 306 -3.75 -45.40 0.21
CA GLY A 306 -3.62 -45.21 1.63
C GLY A 306 -2.45 -44.36 2.03
N GLU A 307 -1.44 -44.26 1.17
CA GLU A 307 -0.29 -43.43 1.46
C GLU A 307 -0.73 -41.99 1.57
N THR A 308 -0.09 -41.25 2.47
CA THR A 308 -0.39 -39.87 2.74
C THR A 308 0.85 -39.02 2.47
N LEU A 309 0.64 -38.00 1.67
CA LEU A 309 1.66 -37.10 1.18
C LEU A 309 1.43 -35.76 1.87
N LEU A 310 2.51 -35.15 2.36
CA LEU A 310 2.43 -33.79 2.88
C LEU A 310 3.23 -32.96 1.89
N LEU A 311 2.58 -31.99 1.23
CA LEU A 311 3.24 -31.14 0.24
C LEU A 311 3.30 -29.75 0.83
N THR A 312 4.45 -29.09 0.71
CA THR A 312 4.44 -27.72 1.24
C THR A 312 5.47 -26.83 0.54
N ALA A 313 5.14 -25.55 0.43
CA ALA A 313 6.02 -24.60 -0.24
C ALA A 313 5.84 -23.20 0.30
N ALA A 314 6.89 -22.39 0.13
CA ALA A 314 6.84 -20.96 0.35
C ALA A 314 7.69 -20.32 -0.75
N GLY A 315 7.39 -19.06 -1.06
CA GLY A 315 8.13 -18.36 -2.08
C GLY A 315 7.97 -16.85 -2.05
N ALA A 316 8.45 -16.23 -3.14
CA ALA A 316 8.35 -14.79 -3.32
C ALA A 316 6.91 -14.32 -3.18
N GLY A 317 6.73 -13.15 -2.55
CA GLY A 317 5.39 -12.66 -2.34
C GLY A 317 5.20 -11.80 -1.09
N MET A 318 5.39 -12.40 0.08
CA MET A 318 5.70 -13.81 0.27
C MET A 318 4.40 -14.58 0.01
N THR A 319 4.54 -15.80 -0.47
CA THR A 319 3.44 -16.75 -0.64
C THR A 319 3.75 -18.07 0.05
N GLY A 320 2.71 -18.85 0.34
CA GLY A 320 2.97 -20.19 0.85
C GLY A 320 1.72 -21.06 0.84
N GLY A 321 1.94 -22.35 1.05
CA GLY A 321 0.84 -23.30 1.08
C GLY A 321 1.29 -24.66 1.52
N ALA A 322 0.31 -25.46 1.93
CA ALA A 322 0.50 -26.87 2.25
C ALA A 322 -0.74 -27.64 1.83
N VAL A 323 -0.53 -28.90 1.43
CA VAL A 323 -1.62 -29.82 1.03
C VAL A 323 -1.33 -31.19 1.63
N VAL A 324 -2.37 -31.81 2.21
CA VAL A 324 -2.33 -33.22 2.62
C VAL A 324 -3.08 -34.04 1.59
N TYR A 325 -2.40 -34.98 0.94
CA TYR A 325 -3.03 -35.81 -0.07
C TYR A 325 -2.97 -37.28 0.30
N ARG A 326 -4.11 -38.00 0.25
CA ARG A 326 -4.14 -39.45 0.45
C ARG A 326 -4.45 -40.17 -0.86
N VAL A 327 -3.53 -41.03 -1.29
CA VAL A 327 -3.67 -41.84 -2.51
C VAL A 327 -4.93 -42.70 -2.49
N GLN B 1 -21.43 -28.02 4.12
CA GLN B 1 -22.78 -27.46 4.03
C GLN B 1 -22.86 -26.35 2.96
N THR B 2 -21.73 -26.00 2.37
CA THR B 2 -21.68 -24.98 1.32
C THR B 2 -21.96 -25.64 -0.04
N ARG B 3 -23.02 -25.17 -0.69
CA ARG B 3 -23.44 -25.65 -2.00
C ARG B 3 -23.33 -24.64 -3.12
N SER B 4 -23.06 -23.37 -2.82
CA SER B 4 -23.01 -22.34 -3.85
C SER B 4 -22.22 -21.16 -3.32
N SER B 5 -21.97 -20.22 -4.22
CA SER B 5 -21.28 -18.97 -3.93
C SER B 5 -22.20 -17.82 -4.25
N ARG B 6 -21.98 -16.71 -3.55
CA ARG B 6 -22.71 -15.52 -3.87
C ARG B 6 -21.79 -14.35 -4.09
N MET B 7 -22.17 -13.50 -5.06
CA MET B 7 -21.49 -12.24 -5.28
C MET B 7 -21.97 -11.28 -4.21
N ALA B 8 -21.26 -11.28 -3.08
CA ALA B 8 -21.74 -10.52 -1.95
C ALA B 8 -21.37 -9.05 -2.07
N GLY B 9 -20.34 -8.68 -2.82
CA GLY B 9 -19.97 -7.27 -2.91
C GLY B 9 -19.28 -6.96 -4.22
N PHE B 10 -19.43 -5.70 -4.69
CA PHE B 10 -18.89 -5.29 -5.99
C PHE B 10 -18.10 -3.99 -5.88
N GLY B 11 -17.12 -3.84 -6.77
CA GLY B 11 -16.36 -2.60 -6.81
C GLY B 11 -15.63 -2.41 -8.11
N HIS B 12 -15.16 -1.17 -8.33
CA HIS B 12 -14.36 -0.85 -9.50
C HIS B 12 -13.57 0.43 -9.23
N ALA B 13 -12.51 0.63 -10.03
CA ALA B 13 -11.68 1.82 -9.88
C ALA B 13 -10.97 2.08 -11.20
N VAL B 14 -10.74 3.36 -11.49
CA VAL B 14 -9.95 3.78 -12.65
C VAL B 14 -8.92 4.81 -12.19
N PRO B 15 -7.82 4.97 -12.93
CA PRO B 15 -7.01 6.17 -12.69
C PRO B 15 -7.84 7.40 -13.03
N ALA B 16 -7.29 8.56 -12.73
CA ALA B 16 -8.08 9.78 -12.82
C ALA B 16 -8.04 10.43 -14.19
N ARG B 17 -7.00 10.18 -14.98
CA ARG B 17 -6.85 10.83 -16.28
C ARG B 17 -7.86 10.27 -17.27
N CYS B 18 -8.79 11.14 -17.68
CA CYS B 18 -9.82 10.82 -18.66
C CYS B 18 -9.36 11.29 -20.04
N VAL B 19 -9.28 10.36 -20.98
CA VAL B 19 -8.72 10.59 -22.31
C VAL B 19 -9.85 10.44 -23.32
N ASP B 20 -10.23 11.55 -23.93
CA ASP B 20 -11.24 11.57 -24.98
C ASP B 20 -10.65 11.04 -26.28
N ASN B 21 -11.55 10.58 -27.16
CA ASN B 21 -11.11 10.13 -28.48
C ASN B 21 -10.31 11.20 -29.20
N ALA B 22 -10.65 12.48 -29.03
CA ALA B 22 -10.02 13.54 -29.81
C ALA B 22 -8.52 13.61 -29.60
N GLU B 23 -8.05 13.33 -28.38
CA GLU B 23 -6.62 13.34 -28.14
C GLU B 23 -5.90 12.24 -28.93
N ILE B 24 -6.48 11.04 -28.93
CA ILE B 24 -5.89 9.91 -29.64
C ILE B 24 -5.99 10.13 -31.15
N GLU B 25 -7.12 10.66 -31.60
CA GLU B 25 -7.30 10.90 -33.03
C GLU B 25 -6.30 11.94 -33.53
N ALA B 26 -5.97 12.93 -32.68
CA ALA B 26 -4.93 13.87 -33.03
C ALA B 26 -3.59 13.17 -33.16
N SER B 27 -3.23 12.35 -32.16
CA SER B 27 -1.92 11.69 -32.24
C SER B 27 -1.81 10.80 -33.47
N LEU B 28 -2.91 10.17 -33.90
CA LEU B 28 -2.84 9.25 -35.02
C LEU B 28 -3.30 9.84 -36.35
N GLY B 29 -3.66 11.11 -36.38
CA GLY B 29 -4.10 11.77 -37.60
C GLY B 29 -5.37 11.29 -38.26
N LEU B 30 -6.38 10.97 -37.48
CA LEU B 30 -7.70 10.53 -37.95
C LEU B 30 -8.70 11.63 -37.68
N GLU B 31 -9.69 11.70 -38.56
CA GLU B 31 -10.77 12.64 -38.42
C GLU B 31 -11.61 12.35 -37.19
N ALA B 32 -12.41 13.36 -36.81
CA ALA B 32 -13.20 13.33 -35.60
C ALA B 32 -14.31 12.28 -35.70
N GLY B 33 -14.54 11.57 -34.60
CA GLY B 33 -15.55 10.53 -34.61
C GLY B 33 -15.14 9.20 -35.20
N TRP B 34 -13.89 9.08 -35.68
CA TRP B 34 -13.43 7.80 -36.23
C TRP B 34 -13.55 6.68 -35.20
N ILE B 35 -13.01 6.93 -33.99
CA ILE B 35 -12.98 5.90 -32.97
C ILE B 35 -14.40 5.54 -32.55
N GLU B 36 -15.20 6.54 -32.21
CA GLU B 36 -16.54 6.22 -31.72
C GLU B 36 -17.36 5.44 -32.74
N ARG B 37 -17.27 5.81 -34.02
CA ARG B 37 -18.06 5.08 -35.00
C ARG B 37 -17.58 3.63 -35.12
N ARG B 38 -16.27 3.39 -35.03
CA ARG B 38 -15.80 2.02 -35.30
C ARG B 38 -15.66 1.15 -34.05
N THR B 39 -15.63 1.71 -32.84
CA THR B 39 -15.39 0.92 -31.62
C THR B 39 -16.44 1.14 -30.55
N GLY B 40 -17.25 2.19 -30.66
CA GLY B 40 -18.18 2.54 -29.61
C GLY B 40 -17.58 3.23 -28.39
N ILE B 41 -16.24 3.39 -28.36
CA ILE B 41 -15.61 4.10 -27.26
C ILE B 41 -15.75 5.60 -27.52
N ARG B 42 -16.09 6.31 -26.46
CA ARG B 42 -16.06 7.77 -26.42
C ARG B 42 -14.94 8.34 -25.59
N SER B 43 -14.55 7.70 -24.50
CA SER B 43 -13.37 8.07 -23.72
C SER B 43 -12.93 6.85 -22.91
N ARG B 44 -11.75 6.97 -22.29
CA ARG B 44 -11.12 5.87 -21.57
C ARG B 44 -10.26 6.48 -20.48
N TYR B 45 -9.91 5.70 -19.46
CA TYR B 45 -8.99 6.21 -18.45
C TYR B 45 -7.62 5.61 -18.60
N TRP B 46 -6.60 6.44 -18.45
CA TRP B 46 -5.23 5.96 -18.54
C TRP B 46 -4.48 6.33 -17.29
N ALA B 47 -3.64 5.41 -16.83
CA ALA B 47 -2.83 5.62 -15.64
C ALA B 47 -1.80 6.71 -15.81
N GLU B 48 -1.47 7.30 -14.69
CA GLU B 48 -0.49 8.36 -14.59
C GLU B 48 0.67 7.91 -13.70
N ALA B 49 1.68 8.76 -13.67
CA ALA B 49 2.93 8.53 -12.95
C ALA B 49 2.55 8.32 -11.49
N GLY B 50 3.14 7.38 -10.78
CA GLY B 50 2.57 7.18 -9.43
C GLY B 50 1.51 6.10 -9.37
N ASP B 51 0.65 5.97 -10.37
CA ASP B 51 -0.39 4.96 -10.31
C ASP B 51 0.26 3.57 -10.45
N THR B 52 -0.08 2.61 -9.58
CA THR B 52 0.46 1.26 -9.67
C THR B 52 -0.72 0.32 -9.99
N LEU B 53 -0.42 -0.82 -10.63
CA LEU B 53 -1.47 -1.82 -10.82
C LEU B 53 -2.05 -2.30 -9.49
N SER B 54 -1.20 -2.63 -8.52
CA SER B 54 -1.71 -3.17 -7.25
C SER B 54 -2.53 -2.13 -6.52
N GLY B 55 -2.12 -0.85 -6.60
CA GLY B 55 -2.92 0.24 -6.01
C GLY B 55 -4.27 0.42 -6.66
N LEU B 56 -4.35 0.23 -7.98
CA LEU B 56 -5.64 0.28 -8.67
C LEU B 56 -6.53 -0.88 -8.26
N ALA B 57 -5.96 -2.08 -8.24
CA ALA B 57 -6.70 -3.23 -7.75
C ALA B 57 -7.18 -2.95 -6.33
N GLU B 58 -6.33 -2.30 -5.53
CA GLU B 58 -6.66 -2.06 -4.14
C GLU B 58 -7.89 -1.17 -4.05
N ARG B 59 -8.00 -0.17 -4.91
CA ARG B 59 -9.16 0.69 -4.75
C ARG B 59 -10.44 -0.06 -5.12
N ALA B 60 -10.42 -0.80 -6.24
CA ALA B 60 -11.61 -1.60 -6.56
C ALA B 60 -11.92 -2.62 -5.46
N GLY B 61 -10.92 -3.33 -4.96
CA GLY B 61 -11.15 -4.32 -3.94
C GLY B 61 -11.73 -3.74 -2.67
N ARG B 62 -11.19 -2.59 -2.22
CA ARG B 62 -11.70 -1.97 -1.01
C ARG B 62 -13.17 -1.61 -1.19
N MET B 63 -13.51 -1.07 -2.37
CA MET B 63 -14.91 -0.75 -2.64
C MET B 63 -15.78 -2.01 -2.54
N ALA B 64 -15.29 -3.15 -3.05
CA ALA B 64 -16.11 -4.36 -2.98
C ALA B 64 -16.21 -4.90 -1.56
N LEU B 65 -15.11 -4.87 -0.79
CA LEU B 65 -15.13 -5.33 0.60
C LEU B 65 -16.07 -4.49 1.45
N GLU B 66 -16.05 -3.17 1.25
CA GLU B 66 -16.96 -2.34 2.01
C GLU B 66 -18.40 -2.54 1.58
N ASP B 67 -18.61 -2.81 0.29
CA ASP B 67 -19.96 -3.07 -0.18
C ASP B 67 -20.54 -4.31 0.47
N ALA B 68 -19.74 -5.34 0.66
CA ALA B 68 -20.15 -6.58 1.29
C ALA B 68 -20.25 -6.52 2.81
N LYS B 69 -19.75 -5.50 3.46
CA LYS B 69 -19.76 -5.46 4.94
C LYS B 69 -19.11 -6.71 5.52
N ILE B 70 -18.02 -7.17 4.90
CA ILE B 70 -17.35 -8.39 5.31
C ILE B 70 -16.11 -7.93 6.07
N ASN B 71 -15.80 -8.58 7.19
CA ASN B 71 -14.54 -8.28 7.88
C ASN B 71 -13.33 -8.88 7.15
N ALA B 72 -12.23 -8.15 7.18
CA ALA B 72 -11.10 -8.48 6.33
C ALA B 72 -10.46 -9.82 6.70
N ASP B 73 -10.64 -10.27 7.95
CA ASP B 73 -10.21 -11.62 8.35
C ASP B 73 -10.93 -12.70 7.58
N ASP B 74 -12.14 -12.41 7.13
CA ASP B 74 -12.97 -13.44 6.52
C ASP B 74 -12.53 -13.81 5.10
N ILE B 75 -11.61 -13.06 4.49
CA ILE B 75 -11.17 -13.35 3.14
C ILE B 75 -10.08 -14.43 3.21
N ALA B 76 -10.39 -15.62 2.69
CA ALA B 76 -9.41 -16.69 2.70
C ALA B 76 -8.50 -16.69 1.48
N LEU B 77 -8.92 -16.09 0.37
CA LEU B 77 -8.13 -16.20 -0.83
C LEU B 77 -8.43 -14.97 -1.68
N THR B 78 -7.37 -14.44 -2.30
CA THR B 78 -7.42 -13.32 -3.22
C THR B 78 -6.87 -13.78 -4.56
N LEU B 79 -7.70 -13.71 -5.59
CA LEU B 79 -7.30 -14.01 -6.96
C LEU B 79 -7.23 -12.70 -7.71
N LEU B 80 -6.07 -12.41 -8.28
CA LEU B 80 -5.89 -11.18 -9.02
C LEU B 80 -5.69 -11.55 -10.47
N ALA B 81 -6.69 -11.28 -11.30
CA ALA B 81 -6.58 -11.54 -12.74
C ALA B 81 -6.00 -10.31 -13.40
N THR B 82 -4.77 -10.43 -13.91
CA THR B 82 -4.10 -9.31 -14.53
C THR B 82 -3.10 -9.80 -15.56
N SER B 83 -2.89 -8.99 -16.57
CA SER B 83 -1.78 -9.15 -17.49
C SER B 83 -0.63 -8.23 -17.18
N THR B 84 -0.81 -7.25 -16.29
CA THR B 84 0.15 -6.16 -16.12
C THR B 84 0.54 -6.00 -14.65
N PRO B 85 1.09 -7.05 -14.04
CA PRO B 85 1.50 -6.96 -12.62
C PRO B 85 2.60 -5.91 -12.43
N ASP B 86 2.67 -5.40 -11.19
CA ASP B 86 3.70 -4.41 -10.83
C ASP B 86 5.08 -4.86 -11.30
N HIS B 87 5.45 -6.08 -10.97
CA HIS B 87 6.72 -6.70 -11.30
C HIS B 87 6.51 -8.08 -11.89
N LEU B 88 7.51 -8.53 -12.66
CA LEU B 88 7.53 -9.90 -13.17
C LEU B 88 7.76 -10.91 -12.06
N LEU B 89 8.03 -10.45 -10.87
CA LEU B 89 8.27 -11.25 -9.69
C LEU B 89 8.40 -10.25 -8.56
N PRO B 90 7.69 -10.45 -7.47
CA PRO B 90 6.68 -11.50 -7.26
C PRO B 90 5.40 -11.13 -7.96
N PRO B 91 4.37 -11.98 -7.85
CA PRO B 91 3.03 -11.61 -8.35
C PRO B 91 2.49 -10.41 -7.57
N SER B 92 1.49 -9.73 -8.15
CA SER B 92 0.94 -8.56 -7.47
C SER B 92 -0.04 -8.92 -6.36
N ALA B 93 -0.68 -10.10 -6.44
CA ALA B 93 -1.74 -10.45 -5.51
C ALA B 93 -1.31 -10.42 -4.05
N PRO B 94 -0.16 -10.95 -3.67
CA PRO B 94 0.22 -10.85 -2.25
C PRO B 94 0.33 -9.40 -1.78
N LEU B 95 0.79 -8.50 -2.65
CA LEU B 95 0.82 -7.08 -2.27
C LEU B 95 -0.57 -6.50 -2.17
N LEU B 96 -1.47 -6.90 -3.06
CA LEU B 96 -2.83 -6.40 -2.99
C LEU B 96 -3.47 -6.83 -1.67
N ALA B 97 -3.38 -8.13 -1.34
CA ALA B 97 -3.86 -8.62 -0.05
C ALA B 97 -3.26 -7.85 1.12
N HIS B 98 -1.95 -7.58 1.06
CA HIS B 98 -1.30 -6.84 2.14
C HIS B 98 -1.86 -5.42 2.27
N ARG B 99 -2.01 -4.73 1.13
CA ARG B 99 -2.50 -3.37 1.18
C ARG B 99 -3.93 -3.29 1.69
N LEU B 100 -4.72 -4.33 1.48
CA LEU B 100 -6.10 -4.37 1.96
C LEU B 100 -6.23 -4.94 3.36
N GLY B 101 -5.12 -5.26 4.02
CA GLY B 101 -5.15 -5.83 5.36
C GLY B 101 -5.80 -7.18 5.47
N LEU B 102 -5.73 -8.02 4.43
CA LEU B 102 -6.34 -9.36 4.44
C LEU B 102 -5.33 -10.37 4.97
N THR B 103 -5.21 -10.44 6.30
CA THR B 103 -4.11 -11.18 6.92
C THR B 103 -4.27 -12.69 6.95
N ARG B 104 -5.45 -13.25 6.66
CA ARG B 104 -5.60 -14.69 6.62
C ARG B 104 -5.81 -15.19 5.19
N SER B 105 -5.54 -14.35 4.20
CA SER B 105 -5.84 -14.64 2.81
C SER B 105 -4.60 -15.12 2.07
N GLY B 106 -4.73 -16.24 1.35
CA GLY B 106 -3.77 -16.54 0.32
C GLY B 106 -3.96 -15.58 -0.83
N ALA B 107 -3.06 -15.67 -1.81
CA ALA B 107 -3.15 -14.72 -2.91
C ALA B 107 -2.34 -15.25 -4.08
N ILE B 108 -2.91 -15.15 -5.27
CA ILE B 108 -2.17 -15.55 -6.47
C ILE B 108 -2.67 -14.75 -7.67
N ASP B 109 -1.80 -14.60 -8.67
CA ASP B 109 -2.14 -13.91 -9.91
C ASP B 109 -2.61 -14.92 -10.95
N LEU B 110 -3.60 -14.54 -11.74
CA LEU B 110 -4.04 -15.32 -12.89
C LEU B 110 -3.89 -14.47 -14.15
N ALA B 111 -3.21 -15.03 -15.14
CA ALA B 111 -2.91 -14.44 -16.43
C ALA B 111 -3.72 -15.24 -17.44
N GLY B 112 -4.86 -14.71 -17.87
CA GLY B 112 -5.71 -15.37 -18.83
C GLY B 112 -6.20 -14.37 -19.84
N ALA B 113 -5.39 -13.32 -20.01
CA ALA B 113 -5.71 -12.19 -20.86
C ALA B 113 -7.12 -11.69 -20.56
N SER B 114 -7.86 -11.28 -21.59
CA SER B 114 -9.20 -10.72 -21.37
C SER B 114 -10.19 -11.72 -20.83
N SER B 115 -9.83 -13.00 -20.79
CA SER B 115 -10.67 -14.02 -20.19
C SER B 115 -10.32 -14.29 -18.71
N GLY B 116 -9.33 -13.58 -18.17
CA GLY B 116 -8.79 -13.94 -16.86
C GLY B 116 -9.83 -13.92 -15.76
N PHE B 117 -10.73 -12.95 -15.80
CA PHE B 117 -11.70 -12.81 -14.74
C PHE B 117 -12.65 -14.00 -14.70
N LEU B 118 -13.09 -14.49 -15.85
CA LEU B 118 -14.05 -15.58 -15.79
C LEU B 118 -13.39 -16.84 -15.25
N TYR B 119 -12.12 -17.07 -15.62
CA TYR B 119 -11.37 -18.18 -15.02
C TYR B 119 -11.27 -18.02 -13.51
N ALA B 120 -10.95 -16.81 -13.07
CA ALA B 120 -10.77 -16.62 -11.65
C ALA B 120 -12.10 -16.81 -10.93
N LEU B 121 -13.18 -16.32 -11.54
CA LEU B 121 -14.49 -16.50 -10.92
C LEU B 121 -14.78 -17.98 -10.77
N THR B 122 -14.53 -18.74 -11.83
CA THR B 122 -14.83 -20.16 -11.79
C THR B 122 -13.99 -20.84 -10.74
N LEU B 123 -12.68 -20.57 -10.74
CA LEU B 123 -11.83 -21.24 -9.76
C LEU B 123 -12.17 -20.79 -8.34
N ALA B 124 -12.53 -19.52 -8.17
CA ALA B 124 -12.92 -19.08 -6.84
C ALA B 124 -14.16 -19.77 -6.38
N ASP B 125 -15.14 -19.91 -7.27
CA ASP B 125 -16.35 -20.63 -6.90
C ASP B 125 -16.01 -22.04 -6.39
N GLY B 126 -15.10 -22.73 -7.08
CA GLY B 126 -14.77 -24.08 -6.66
C GLY B 126 -14.11 -24.08 -5.30
N PHE B 127 -13.34 -23.03 -4.99
CA PHE B 127 -12.75 -22.90 -3.67
C PHE B 127 -13.80 -22.63 -2.60
N VAL B 128 -14.70 -21.65 -2.84
CA VAL B 128 -15.71 -21.33 -1.84
C VAL B 128 -16.51 -22.56 -1.48
N ARG B 129 -16.93 -23.29 -2.50
CA ARG B 129 -17.81 -24.42 -2.27
C ARG B 129 -17.02 -25.54 -1.63
N THR B 130 -15.74 -25.68 -1.99
CA THR B 130 -14.98 -26.76 -1.38
C THR B 130 -14.68 -26.44 0.08
N TYR B 131 -14.30 -25.18 0.40
CA TYR B 131 -13.80 -24.90 1.75
C TYR B 131 -14.74 -24.09 2.61
N GLY B 132 -15.81 -23.56 2.06
CA GLY B 132 -16.77 -22.83 2.88
C GLY B 132 -16.22 -21.55 3.44
N ARG B 133 -15.37 -20.83 2.69
CA ARG B 133 -14.82 -19.54 3.08
C ARG B 133 -14.86 -18.58 1.89
N ALA B 134 -14.76 -17.30 2.20
CA ALA B 134 -14.95 -16.25 1.20
C ALA B 134 -13.68 -16.03 0.39
N VAL B 135 -13.88 -15.57 -0.86
CA VAL B 135 -12.78 -15.30 -1.79
C VAL B 135 -13.00 -13.89 -2.37
N LEU B 136 -11.94 -13.10 -2.39
CA LEU B 136 -11.95 -11.84 -3.11
C LEU B 136 -11.34 -12.04 -4.49
N VAL B 137 -12.06 -11.62 -5.52
CA VAL B 137 -11.65 -11.73 -6.92
C VAL B 137 -11.51 -10.35 -7.50
N VAL B 138 -10.31 -9.97 -7.91
CA VAL B 138 -10.05 -8.68 -8.54
C VAL B 138 -9.47 -8.94 -9.94
N ALA B 139 -9.96 -8.20 -10.92
CA ALA B 139 -9.34 -8.16 -12.23
C ALA B 139 -8.95 -6.70 -12.47
N ALA B 140 -7.73 -6.50 -12.94
CA ALA B 140 -7.23 -5.14 -13.08
C ALA B 140 -6.11 -5.15 -14.11
N ASN B 141 -6.03 -4.05 -14.85
CA ASN B 141 -5.03 -3.93 -15.89
C ASN B 141 -4.71 -2.46 -16.10
N ILE B 142 -3.41 -2.19 -16.24
CA ILE B 142 -2.91 -0.93 -16.76
C ILE B 142 -2.31 -1.26 -18.13
N LEU B 143 -3.17 -1.35 -19.13
CA LEU B 143 -2.72 -1.63 -20.49
C LEU B 143 -2.09 -0.44 -21.16
N SER B 144 -2.36 0.78 -20.69
CA SER B 144 -1.85 1.98 -21.35
C SER B 144 -0.35 1.93 -21.43
N ARG B 145 0.30 1.40 -20.42
CA ARG B 145 1.75 1.38 -20.53
C ARG B 145 2.25 0.34 -21.52
N ARG B 146 1.36 -0.52 -22.05
CA ARG B 146 1.66 -1.53 -23.07
C ARG B 146 1.16 -1.16 -24.45
N ILE B 147 0.54 -0.01 -24.63
CA ILE B 147 -0.04 0.34 -25.91
C ILE B 147 1.09 0.80 -26.82
N ASN B 148 1.09 0.29 -28.06
CA ASN B 148 1.95 0.84 -29.09
C ASN B 148 1.21 2.00 -29.76
N PRO B 149 1.58 3.25 -29.48
CA PRO B 149 0.80 4.39 -30.02
C PRO B 149 0.70 4.43 -31.55
N ALA B 150 1.61 3.85 -32.25
CA ALA B 150 1.53 3.91 -33.70
C ALA B 150 0.59 2.87 -34.29
N GLU B 151 0.18 1.88 -33.51
CA GLU B 151 -0.70 0.81 -33.98
C GLU B 151 -2.14 1.22 -33.73
N ARG B 152 -2.80 1.73 -34.78
CA ARG B 152 -4.12 2.31 -34.62
C ARG B 152 -5.11 1.32 -34.00
N ALA B 153 -5.05 0.06 -34.43
CA ALA B 153 -6.04 -0.93 -33.99
C ALA B 153 -6.04 -1.14 -32.49
N SER B 154 -4.89 -1.03 -31.84
CA SER B 154 -4.82 -1.20 -30.39
C SER B 154 -4.81 0.12 -29.63
N ALA B 155 -4.11 1.16 -30.15
CA ALA B 155 -3.98 2.42 -29.44
C ALA B 155 -5.36 3.05 -29.18
N VAL B 156 -6.36 2.74 -29.99
CA VAL B 156 -7.69 3.34 -29.83
C VAL B 156 -8.62 2.55 -28.89
N LEU B 157 -8.26 1.34 -28.48
CA LEU B 157 -9.17 0.47 -27.72
C LEU B 157 -8.82 0.37 -26.25
N PHE B 158 -7.54 0.19 -25.92
CA PHE B 158 -7.20 -0.37 -24.62
C PHE B 158 -7.13 0.71 -23.55
N ALA B 159 -7.47 0.30 -22.33
CA ALA B 159 -7.68 1.22 -21.23
C ALA B 159 -7.29 0.56 -19.92
N ASP B 160 -7.33 1.35 -18.84
CA ASP B 160 -6.88 0.93 -17.54
C ASP B 160 -8.05 0.94 -16.57
N ALA B 161 -8.17 -0.13 -15.80
CA ALA B 161 -9.28 -0.23 -14.85
C ALA B 161 -9.10 -1.44 -13.95
N ALA B 162 -9.92 -1.50 -12.90
CA ALA B 162 -10.04 -2.64 -12.02
C ALA B 162 -11.49 -2.84 -11.64
N GLY B 163 -11.89 -4.09 -11.54
CA GLY B 163 -13.17 -4.44 -10.93
C GLY B 163 -12.96 -5.58 -9.95
N ALA B 164 -13.81 -5.61 -8.93
CA ALA B 164 -13.64 -6.59 -7.88
C ALA B 164 -15.00 -7.12 -7.45
N VAL B 165 -15.04 -8.41 -7.09
CA VAL B 165 -16.21 -9.02 -6.46
C VAL B 165 -15.77 -9.81 -5.25
N VAL B 166 -16.54 -9.71 -4.18
CA VAL B 166 -16.42 -10.57 -3.02
C VAL B 166 -17.44 -11.68 -3.15
N LEU B 167 -16.94 -12.94 -3.19
CA LEU B 167 -17.74 -14.17 -3.21
C LEU B 167 -17.77 -14.77 -1.82
N THR B 168 -18.97 -14.95 -1.26
CA THR B 168 -19.14 -15.59 0.04
C THR B 168 -19.82 -16.96 -0.07
N PRO B 169 -19.64 -17.84 0.92
CA PRO B 169 -20.26 -19.15 0.83
C PRO B 169 -21.75 -19.12 1.17
N CYS B 170 -22.51 -19.93 0.44
CA CYS B 170 -23.95 -20.00 0.54
C CYS B 170 -24.38 -21.46 0.69
N PRO B 171 -25.37 -21.73 1.54
CA PRO B 171 -25.87 -23.10 1.74
C PRO B 171 -26.79 -23.63 0.66
N GLU B 172 -27.32 -22.80 -0.23
CA GLU B 172 -28.39 -23.18 -1.12
C GLU B 172 -27.92 -23.60 -2.50
N VAL B 173 -28.74 -24.45 -3.14
CA VAL B 173 -28.48 -25.06 -4.45
C VAL B 173 -29.27 -24.25 -5.46
N LYS B 174 -29.13 -24.59 -6.75
CA LYS B 174 -29.86 -23.95 -7.84
C LYS B 174 -29.70 -22.44 -7.77
N ARG B 175 -28.50 -21.99 -7.39
CA ARG B 175 -28.15 -20.58 -7.45
C ARG B 175 -26.63 -20.50 -7.54
N GLY B 176 -26.13 -19.27 -7.71
CA GLY B 176 -24.70 -19.06 -7.87
C GLY B 176 -24.25 -19.41 -9.27
N VAL B 177 -23.08 -20.03 -9.39
CA VAL B 177 -22.57 -20.44 -10.70
C VAL B 177 -23.35 -21.68 -11.12
N LEU B 178 -24.24 -21.53 -12.11
CA LEU B 178 -25.00 -22.67 -12.59
C LEU B 178 -24.21 -23.49 -13.58
N SER B 179 -23.34 -22.85 -14.34
CA SER B 179 -22.53 -23.51 -15.35
C SER B 179 -21.40 -22.57 -15.74
N ALA B 180 -20.34 -23.16 -16.27
CA ALA B 180 -19.14 -22.43 -16.62
C ALA B 180 -18.45 -23.23 -17.72
N ASP B 181 -17.86 -22.55 -18.68
CA ASP B 181 -17.17 -23.20 -19.77
C ASP B 181 -15.92 -22.38 -20.06
N LEU B 182 -14.76 -23.02 -19.91
CA LEU B 182 -13.48 -22.38 -20.09
C LEU B 182 -12.81 -23.07 -21.28
N VAL B 183 -12.43 -22.28 -22.30
CA VAL B 183 -11.85 -22.82 -23.52
C VAL B 183 -10.53 -22.12 -23.83
N ALA B 184 -9.75 -22.78 -24.70
CA ALA B 184 -8.51 -22.23 -25.22
C ALA B 184 -8.30 -22.71 -26.65
N ASP B 185 -7.63 -21.87 -27.45
CA ASP B 185 -7.31 -22.19 -28.84
C ASP B 185 -5.94 -21.58 -29.14
N GLY B 186 -4.89 -22.36 -28.88
CA GLY B 186 -3.52 -21.87 -29.04
C GLY B 186 -3.03 -21.72 -30.47
N SER B 187 -3.81 -22.16 -31.46
CA SER B 187 -3.46 -21.85 -32.84
C SER B 187 -3.43 -20.34 -33.08
N GLY B 188 -4.18 -19.58 -32.30
CA GLY B 188 -4.20 -18.13 -32.43
C GLY B 188 -3.28 -17.41 -31.48
N TYR B 189 -2.32 -18.15 -30.91
CA TYR B 189 -1.45 -17.63 -29.86
C TYR B 189 -0.79 -16.34 -30.30
N ASP B 190 -0.40 -16.29 -31.54
CA ASP B 190 0.36 -15.19 -32.06
C ASP B 190 -0.46 -13.96 -32.49
N LEU B 191 -1.80 -13.99 -32.39
CA LEU B 191 -2.59 -12.87 -32.91
C LEU B 191 -2.45 -11.61 -32.08
N ILE B 192 -2.38 -11.75 -30.76
CA ILE B 192 -2.28 -10.62 -29.83
C ILE B 192 -1.11 -10.91 -28.93
N GLN B 193 -0.03 -10.16 -29.12
CA GLN B 193 1.18 -10.55 -28.39
C GLN B 193 2.19 -9.44 -28.15
N ILE B 194 2.96 -9.61 -27.12
CA ILE B 194 4.13 -8.80 -26.86
C ILE B 194 5.35 -9.67 -27.15
N ALA B 195 6.24 -9.19 -28.02
CA ALA B 195 7.34 -10.02 -28.48
C ALA B 195 8.36 -10.25 -27.36
N ALA B 196 8.75 -9.18 -26.64
CA ALA B 196 9.90 -9.23 -25.75
C ALA B 196 9.49 -9.16 -24.28
N GLY B 197 10.27 -9.82 -23.43
CA GLY B 197 10.11 -9.74 -21.99
C GLY B 197 9.77 -11.06 -21.32
N GLY B 198 9.18 -12.00 -22.05
CA GLY B 198 9.01 -13.36 -21.56
C GLY B 198 10.31 -14.13 -21.61
N SER B 199 10.20 -15.46 -21.40
CA SER B 199 11.41 -16.27 -21.48
C SER B 199 11.86 -16.53 -22.91
N SER B 200 10.98 -16.37 -23.92
CA SER B 200 11.38 -16.66 -25.30
C SER B 200 12.32 -15.61 -25.87
N GLN B 201 12.12 -14.36 -25.46
CA GLN B 201 13.01 -13.25 -25.81
C GLN B 201 13.08 -12.33 -24.62
N PRO B 202 13.95 -12.65 -23.67
CA PRO B 202 14.07 -11.86 -22.43
C PRO B 202 14.38 -10.42 -22.79
N PHE B 203 14.00 -9.50 -21.89
CA PHE B 203 14.26 -8.11 -22.18
C PHE B 203 15.77 -7.94 -22.21
N SER B 204 16.27 -7.27 -23.22
CA SER B 204 17.71 -7.10 -23.32
C SER B 204 18.06 -5.66 -23.68
N ALA B 205 19.26 -5.28 -23.28
CA ALA B 205 19.85 -4.00 -23.69
C ALA B 205 19.70 -3.80 -25.18
N GLY B 206 19.26 -2.60 -25.55
CA GLY B 206 19.13 -2.35 -26.98
C GLY B 206 17.97 -3.07 -27.66
N MET B 207 16.81 -3.17 -27.03
CA MET B 207 15.77 -3.84 -27.77
C MET B 207 14.86 -2.79 -28.36
N ILE B 208 14.09 -3.22 -29.35
CA ILE B 208 13.19 -2.34 -30.07
C ILE B 208 12.05 -2.00 -29.11
N ALA B 209 11.87 -0.71 -28.82
CA ALA B 209 10.89 -0.23 -27.86
C ALA B 209 9.55 -0.95 -28.00
N GLU B 210 9.05 -0.90 -29.21
CA GLU B 210 7.84 -1.51 -29.69
C GLU B 210 7.77 -3.02 -29.46
N ASP B 211 8.90 -3.69 -29.24
CA ASP B 211 8.87 -5.11 -28.90
C ASP B 211 8.34 -5.35 -27.49
N ALA B 212 8.31 -4.31 -26.64
CA ALA B 212 7.71 -4.46 -25.32
C ALA B 212 6.23 -4.19 -25.33
N LEU B 213 5.69 -3.75 -26.45
CA LEU B 213 4.32 -3.25 -26.51
C LEU B 213 3.42 -4.22 -27.27
N MET B 214 2.14 -4.09 -26.98
CA MET B 214 1.16 -4.97 -27.58
C MET B 214 1.16 -4.82 -29.09
N THR B 215 0.89 -5.91 -29.78
CA THR B 215 0.57 -5.87 -31.19
C THR B 215 -0.60 -6.79 -31.45
N MET B 216 -1.47 -6.31 -32.34
CA MET B 216 -2.62 -7.10 -32.80
C MET B 216 -2.34 -7.43 -34.29
N ARG B 217 -1.92 -8.65 -34.58
CA ARG B 217 -1.53 -9.04 -35.96
C ARG B 217 -2.70 -8.94 -36.94
N ASP B 218 -3.82 -9.57 -36.65
CA ASP B 218 -4.90 -9.57 -37.67
C ASP B 218 -6.18 -9.16 -36.96
N GLY B 219 -6.52 -7.87 -36.95
CA GLY B 219 -7.72 -7.43 -36.27
C GLY B 219 -8.97 -8.14 -36.73
N ARG B 220 -9.02 -8.54 -38.00
CA ARG B 220 -10.25 -9.16 -38.48
C ARG B 220 -10.33 -10.62 -38.05
N GLU B 221 -9.21 -11.34 -38.13
CA GLU B 221 -9.17 -12.72 -37.62
C GLU B 221 -9.46 -12.73 -36.12
N VAL B 222 -8.91 -11.74 -35.38
CA VAL B 222 -9.15 -11.66 -33.94
C VAL B 222 -10.64 -11.45 -33.69
N PHE B 223 -11.25 -10.51 -34.42
CA PHE B 223 -12.69 -10.28 -34.31
C PHE B 223 -13.48 -11.57 -34.51
N SER B 224 -13.20 -12.28 -35.61
CA SER B 224 -13.96 -13.49 -35.92
C SER B 224 -13.77 -14.57 -34.86
N ARG B 225 -12.53 -14.83 -34.46
CA ARG B 225 -12.28 -15.84 -33.45
C ARG B 225 -12.92 -15.49 -32.12
N ALA B 226 -12.78 -14.23 -31.68
CA ALA B 226 -13.34 -13.83 -30.39
C ALA B 226 -14.85 -13.94 -30.38
N VAL B 227 -15.52 -13.50 -31.47
CA VAL B 227 -16.96 -13.63 -31.52
C VAL B 227 -17.36 -15.10 -31.44
N ALA B 228 -16.66 -15.96 -32.20
CA ALA B 228 -16.95 -17.39 -32.14
C ALA B 228 -16.75 -17.94 -30.74
N LEU B 229 -15.68 -17.55 -30.06
CA LEU B 229 -15.40 -18.09 -28.73
C LEU B 229 -16.46 -17.64 -27.73
N MET B 230 -16.85 -16.37 -27.79
CA MET B 230 -17.83 -15.86 -26.84
C MET B 230 -19.21 -16.45 -27.11
N THR B 231 -19.56 -16.60 -28.38
CA THR B 231 -20.82 -17.21 -28.77
C THR B 231 -20.89 -18.67 -28.36
N ASN B 232 -19.86 -19.45 -28.67
CA ASN B 232 -19.93 -20.89 -28.46
C ASN B 232 -19.87 -21.24 -26.97
N THR B 233 -19.08 -20.50 -26.19
CA THR B 233 -19.04 -20.76 -24.75
C THR B 233 -20.35 -20.35 -24.10
N SER B 234 -20.89 -19.18 -24.51
CA SER B 234 -22.16 -18.70 -23.99
C SER B 234 -23.23 -19.73 -24.27
N GLN B 235 -23.26 -20.21 -25.49
CA GLN B 235 -24.24 -21.19 -25.91
C GLN B 235 -24.21 -22.44 -25.03
N ARG B 236 -23.01 -22.91 -24.69
CA ARG B 236 -23.03 -24.18 -23.97
C ARG B 236 -23.29 -24.01 -22.49
N VAL B 237 -22.93 -22.86 -21.93
CA VAL B 237 -23.32 -22.61 -20.54
C VAL B 237 -24.82 -22.38 -20.43
N LEU B 238 -25.42 -21.72 -21.43
CA LEU B 238 -26.89 -21.61 -21.42
C LEU B 238 -27.55 -22.99 -21.41
N HIS B 239 -27.15 -23.88 -22.32
CA HIS B 239 -27.72 -25.24 -22.32
C HIS B 239 -27.49 -25.99 -21.00
N GLU B 240 -26.29 -25.85 -20.41
CA GLU B 240 -26.02 -26.61 -19.19
C GLU B 240 -26.78 -26.04 -18.00
N ALA B 241 -27.04 -24.74 -17.97
CA ALA B 241 -27.86 -24.21 -16.90
C ALA B 241 -29.35 -24.43 -17.15
N GLU B 242 -29.70 -24.97 -18.31
CA GLU B 242 -31.09 -25.12 -18.77
C GLU B 242 -31.84 -23.79 -18.78
N LEU B 243 -31.23 -22.77 -19.36
CA LEU B 243 -31.88 -21.49 -19.56
C LEU B 243 -31.80 -21.16 -21.05
N THR B 244 -32.62 -20.21 -21.49
CA THR B 244 -32.48 -19.66 -22.83
C THR B 244 -32.03 -18.22 -22.71
N ALA B 245 -31.61 -17.64 -23.85
CA ALA B 245 -31.23 -16.23 -23.85
C ALA B 245 -32.38 -15.34 -23.36
N ALA B 246 -33.62 -15.72 -23.63
CA ALA B 246 -34.71 -14.87 -23.20
C ALA B 246 -34.86 -14.87 -21.69
N ASP B 247 -34.24 -15.82 -21.00
CA ASP B 247 -34.29 -15.93 -19.54
C ASP B 247 -33.19 -15.16 -18.83
N ILE B 248 -32.22 -14.61 -19.56
CA ILE B 248 -31.10 -13.92 -18.95
C ILE B 248 -31.54 -12.51 -18.56
N SER B 249 -31.36 -12.17 -17.28
CA SER B 249 -31.76 -10.84 -16.83
C SER B 249 -30.78 -9.79 -17.30
N ARG B 250 -29.47 -10.08 -17.22
CA ARG B 250 -28.43 -9.15 -17.65
C ARG B 250 -27.32 -9.90 -18.37
N PHE B 251 -26.93 -9.36 -19.52
CA PHE B 251 -25.84 -9.90 -20.31
C PHE B 251 -24.58 -9.06 -20.12
N VAL B 252 -23.50 -9.67 -19.64
CA VAL B 252 -22.27 -8.96 -19.32
C VAL B 252 -21.13 -9.55 -20.16
N PRO B 253 -21.01 -9.14 -21.42
CA PRO B 253 -19.88 -9.59 -22.23
C PRO B 253 -18.65 -8.76 -21.88
N HIS B 254 -17.48 -9.36 -22.11
CA HIS B 254 -16.23 -8.61 -22.17
C HIS B 254 -16.35 -7.42 -23.11
N GLN B 255 -15.85 -6.26 -22.67
CA GLN B 255 -15.95 -5.01 -23.44
C GLN B 255 -14.72 -4.85 -24.34
N ALA B 256 -14.69 -5.68 -25.37
CA ALA B 256 -13.62 -5.63 -26.35
C ALA B 256 -13.83 -4.48 -27.34
N ASN B 257 -15.06 -4.35 -27.82
CA ASN B 257 -15.40 -3.55 -28.98
C ASN B 257 -16.92 -3.61 -29.12
N ALA B 258 -17.58 -2.44 -29.21
CA ALA B 258 -19.03 -2.43 -29.27
C ALA B 258 -19.56 -3.26 -30.44
N ARG B 259 -18.82 -3.27 -31.57
CA ARG B 259 -19.25 -4.07 -32.71
C ARG B 259 -19.20 -5.56 -32.40
N MET B 260 -18.26 -6.01 -31.57
CA MET B 260 -18.24 -7.42 -31.17
C MET B 260 -19.37 -7.72 -30.20
N SER B 261 -19.61 -6.82 -29.25
CA SER B 261 -20.77 -6.96 -28.38
C SER B 261 -22.02 -7.14 -29.23
N ASP B 262 -22.17 -6.34 -30.29
CA ASP B 262 -23.33 -6.45 -31.17
C ASP B 262 -23.36 -7.80 -31.88
N ALA B 263 -22.22 -8.23 -32.41
CA ALA B 263 -22.14 -9.51 -33.10
C ALA B 263 -22.58 -10.67 -32.20
N VAL B 264 -22.03 -10.73 -30.98
CA VAL B 264 -22.40 -11.79 -30.03
C VAL B 264 -23.88 -11.70 -29.67
N CYS B 265 -24.34 -10.50 -29.35
CA CYS B 265 -25.75 -10.27 -29.05
C CYS B 265 -26.63 -10.81 -30.17
N GLY B 266 -26.30 -10.47 -31.41
CA GLY B 266 -27.05 -10.98 -32.54
C GLY B 266 -27.00 -12.50 -32.59
N ASN B 267 -25.79 -13.06 -32.53
CA ASN B 267 -25.64 -14.51 -32.62
C ASN B 267 -26.45 -15.27 -31.58
N LEU B 268 -26.60 -14.73 -30.38
CA LEU B 268 -27.34 -15.44 -29.34
C LEU B 268 -28.78 -14.98 -29.26
N GLY B 269 -29.13 -13.91 -29.98
CA GLY B 269 -30.48 -13.41 -29.91
C GLY B 269 -30.74 -12.79 -28.56
N ILE B 270 -29.81 -11.99 -28.11
CA ILE B 270 -29.91 -11.31 -26.83
C ILE B 270 -30.07 -9.82 -27.12
N GLU B 271 -31.12 -9.25 -26.56
CA GLU B 271 -31.34 -7.83 -26.74
C GLU B 271 -30.11 -7.05 -26.31
N ARG B 272 -29.75 -6.01 -27.09
CA ARG B 272 -28.77 -5.02 -26.63
C ARG B 272 -29.20 -4.44 -25.31
N GLU B 273 -30.52 -4.36 -25.14
CA GLU B 273 -31.12 -3.68 -24.02
C GLU B 273 -30.92 -4.47 -22.74
N LYS B 274 -30.66 -5.78 -22.84
CA LYS B 274 -30.31 -6.51 -21.63
C LYS B 274 -28.81 -6.54 -21.41
N THR B 275 -28.04 -5.91 -22.30
CA THR B 275 -26.59 -6.01 -22.30
C THR B 275 -25.96 -4.80 -21.60
N VAL B 276 -25.23 -5.08 -20.52
CA VAL B 276 -24.42 -4.07 -19.86
C VAL B 276 -23.35 -3.62 -20.84
N ARG B 277 -23.23 -2.31 -21.02
CA ARG B 277 -22.27 -1.70 -21.95
C ARG B 277 -21.51 -0.63 -21.21
N THR B 278 -20.23 -0.85 -20.94
CA THR B 278 -19.46 0.18 -20.28
C THR B 278 -18.30 0.65 -21.13
N ILE B 279 -18.11 0.05 -22.31
CA ILE B 279 -16.98 0.42 -23.17
C ILE B 279 -16.99 1.89 -23.56
N GLY B 280 -18.17 2.54 -23.54
CA GLY B 280 -18.24 3.92 -23.99
C GLY B 280 -17.37 4.86 -23.17
N SER B 281 -17.39 4.69 -21.84
CA SER B 281 -16.60 5.53 -20.94
C SER B 281 -15.34 4.86 -20.42
N PHE B 282 -15.21 3.53 -20.55
CA PHE B 282 -14.09 2.87 -19.90
C PHE B 282 -13.22 2.08 -20.87
N GLY B 283 -13.56 2.03 -22.15
CA GLY B 283 -12.73 1.31 -23.09
C GLY B 283 -12.58 -0.17 -22.76
N ASN B 284 -11.54 -0.76 -23.35
CA ASN B 284 -11.23 -2.18 -23.20
C ASN B 284 -10.06 -2.32 -22.23
N SER B 285 -10.36 -2.67 -20.98
CA SER B 285 -9.34 -2.89 -19.96
C SER B 285 -9.12 -4.36 -19.70
N SER B 286 -9.34 -5.18 -20.73
CA SER B 286 -9.03 -6.60 -20.72
C SER B 286 -9.84 -7.27 -19.61
N ALA B 287 -9.22 -8.06 -18.74
CA ALA B 287 -9.94 -8.91 -17.79
C ALA B 287 -10.78 -8.10 -16.82
N ALA B 288 -10.47 -6.81 -16.67
CA ALA B 288 -11.18 -5.93 -15.74
C ALA B 288 -12.58 -5.60 -16.22
N THR B 289 -12.90 -5.78 -17.51
CA THR B 289 -14.12 -5.19 -18.05
C THR B 289 -15.37 -5.80 -17.43
N ILE B 290 -15.39 -7.10 -17.21
CA ILE B 290 -16.64 -7.69 -16.73
C ILE B 290 -16.90 -7.27 -15.28
N PRO B 291 -15.96 -7.39 -14.31
CA PRO B 291 -16.31 -6.91 -12.95
C PRO B 291 -16.50 -5.40 -12.83
N LEU B 292 -15.87 -4.58 -13.68
CA LEU B 292 -16.20 -3.16 -13.61
C LEU B 292 -17.64 -2.96 -14.09
N SER B 293 -18.01 -3.67 -15.14
CA SER B 293 -19.38 -3.55 -15.61
C SER B 293 -20.34 -4.07 -14.55
N LEU B 294 -19.97 -5.14 -13.83
CA LEU B 294 -20.88 -5.61 -12.80
C LEU B 294 -21.07 -4.57 -11.71
N SER B 295 -19.97 -3.92 -11.31
CA SER B 295 -20.09 -2.84 -10.33
C SER B 295 -20.97 -1.72 -10.86
N ILE B 296 -20.80 -1.37 -12.14
CA ILE B 296 -21.58 -0.28 -12.71
C ILE B 296 -23.06 -0.65 -12.72
N THR B 297 -23.40 -1.83 -13.28
CA THR B 297 -24.81 -2.16 -13.43
C THR B 297 -25.48 -2.38 -12.08
N ASN B 298 -24.74 -2.92 -11.12
CA ASN B 298 -25.25 -3.09 -9.76
C ASN B 298 -25.47 -1.73 -9.11
N ALA B 299 -24.56 -0.79 -9.36
CA ALA B 299 -24.78 0.58 -8.92
C ALA B 299 -26.04 1.14 -9.54
N GLU B 300 -26.27 0.90 -10.84
CA GLU B 300 -27.46 1.45 -11.47
C GLU B 300 -28.74 0.81 -10.92
N ARG B 301 -28.72 -0.51 -10.73
CA ARG B 301 -29.85 -1.29 -10.28
C ARG B 301 -29.35 -2.50 -9.50
N PRO B 302 -29.52 -2.52 -8.18
CA PRO B 302 -28.96 -3.62 -7.40
C PRO B 302 -29.47 -4.96 -7.90
N LEU B 303 -28.56 -5.92 -7.99
CA LEU B 303 -28.93 -7.25 -8.46
C LEU B 303 -29.88 -7.88 -7.48
N ALA B 304 -31.03 -8.30 -7.99
CA ALA B 304 -32.11 -8.82 -7.18
C ALA B 304 -32.06 -10.34 -7.26
N GLY B 305 -32.40 -10.99 -6.14
CA GLY B 305 -32.42 -12.44 -6.10
C GLY B 305 -33.26 -13.06 -7.19
N GLY B 306 -32.71 -14.09 -7.85
CA GLY B 306 -33.36 -14.71 -8.99
C GLY B 306 -32.90 -14.21 -10.35
N GLU B 307 -32.35 -13.00 -10.42
CA GLU B 307 -31.76 -12.51 -11.66
C GLU B 307 -30.66 -13.44 -12.14
N THR B 308 -30.55 -13.54 -13.46
CA THR B 308 -29.55 -14.36 -14.11
C THR B 308 -28.64 -13.50 -14.97
N LEU B 309 -27.36 -13.73 -14.81
CA LEU B 309 -26.34 -13.01 -15.52
C LEU B 309 -25.68 -14.01 -16.45
N LEU B 310 -25.36 -13.55 -17.64
CA LEU B 310 -24.59 -14.36 -18.57
C LEU B 310 -23.31 -13.57 -18.76
N LEU B 311 -22.18 -14.17 -18.40
CA LEU B 311 -20.91 -13.48 -18.52
C LEU B 311 -20.12 -14.21 -19.59
N THR B 312 -19.52 -13.45 -20.49
CA THR B 312 -18.71 -14.13 -21.47
C THR B 312 -17.54 -13.24 -21.88
N ALA B 313 -16.45 -13.88 -22.28
CA ALA B 313 -15.24 -13.16 -22.68
C ALA B 313 -14.41 -14.01 -23.63
N ALA B 314 -13.60 -13.33 -24.43
CA ALA B 314 -12.57 -13.98 -25.23
C ALA B 314 -11.38 -13.04 -25.26
N GLY B 315 -10.18 -13.60 -25.38
CA GLY B 315 -8.99 -12.79 -25.32
C GLY B 315 -7.83 -13.45 -26.01
N ALA B 316 -6.68 -12.81 -25.90
CA ALA B 316 -5.44 -13.37 -26.42
C ALA B 316 -5.19 -14.77 -25.88
N GLY B 317 -4.46 -15.57 -26.67
CA GLY B 317 -4.26 -16.96 -26.33
C GLY B 317 -4.39 -17.94 -27.49
N MET B 318 -5.56 -18.06 -28.10
CA MET B 318 -6.77 -17.41 -27.64
C MET B 318 -7.31 -18.09 -26.39
N THR B 319 -8.04 -17.32 -25.60
CA THR B 319 -8.74 -17.86 -24.45
C THR B 319 -10.18 -17.40 -24.55
N GLY B 320 -11.05 -18.09 -23.81
CA GLY B 320 -12.45 -17.70 -23.78
C GLY B 320 -13.17 -18.39 -22.65
N GLY B 321 -14.36 -17.89 -22.37
CA GLY B 321 -15.15 -18.50 -21.33
C GLY B 321 -16.51 -17.85 -21.23
N ALA B 322 -17.40 -18.58 -20.53
CA ALA B 322 -18.72 -18.08 -20.19
C ALA B 322 -19.14 -18.69 -18.87
N VAL B 323 -19.99 -17.94 -18.16
CA VAL B 323 -20.50 -18.32 -16.86
C VAL B 323 -21.95 -17.89 -16.81
N VAL B 324 -22.81 -18.80 -16.36
CA VAL B 324 -24.19 -18.49 -16.05
C VAL B 324 -24.29 -18.34 -14.54
N TYR B 325 -24.62 -17.13 -14.06
CA TYR B 325 -24.69 -16.88 -12.62
C TYR B 325 -26.10 -16.47 -12.25
N ARG B 326 -26.66 -17.12 -11.24
CA ARG B 326 -27.99 -16.83 -10.71
C ARG B 326 -27.86 -16.22 -9.33
N VAL B 327 -28.35 -14.98 -9.20
CA VAL B 327 -28.33 -14.22 -7.94
C VAL B 327 -29.08 -14.90 -6.82
N GLN C 1 29.38 20.64 3.64
CA GLN C 1 28.77 19.78 2.63
C GLN C 1 27.55 20.43 1.96
N THR C 2 26.47 20.58 2.71
CA THR C 2 25.15 20.94 2.18
C THR C 2 24.81 22.37 2.59
N ARG C 3 24.62 23.25 1.59
CA ARG C 3 24.28 24.62 1.92
C ARG C 3 22.85 25.02 1.58
N SER C 4 22.12 24.22 0.79
CA SER C 4 20.72 24.50 0.48
C SER C 4 19.99 23.19 0.20
N SER C 5 18.67 23.29 0.06
CA SER C 5 17.87 22.14 -0.38
C SER C 5 17.33 22.44 -1.77
N ARG C 6 16.96 21.39 -2.49
CA ARG C 6 16.36 21.60 -3.78
C ARG C 6 15.12 20.74 -3.97
N MET C 7 14.18 21.37 -4.66
CA MET C 7 12.94 20.71 -5.06
C MET C 7 13.32 19.85 -6.24
N ALA C 8 13.66 18.59 -6.01
CA ALA C 8 14.16 17.77 -7.10
C ALA C 8 13.07 17.07 -7.92
N GLY C 9 11.87 16.96 -7.36
CA GLY C 9 10.80 16.26 -8.04
C GLY C 9 9.48 16.72 -7.51
N PHE C 10 8.46 16.66 -8.36
CA PHE C 10 7.15 17.14 -8.00
C PHE C 10 6.12 16.09 -8.42
N GLY C 11 5.02 16.04 -7.68
CA GLY C 11 3.96 15.12 -8.03
C GLY C 11 2.65 15.57 -7.44
N HIS C 12 1.55 15.01 -7.98
CA HIS C 12 0.23 15.25 -7.42
C HIS C 12 -0.70 14.13 -7.82
N ALA C 13 -1.88 14.11 -7.20
CA ALA C 13 -2.86 13.07 -7.44
C ALA C 13 -4.21 13.55 -6.92
N VAL C 14 -5.26 13.12 -7.60
CA VAL C 14 -6.63 13.38 -7.17
C VAL C 14 -7.38 12.07 -7.30
N PRO C 15 -8.47 11.90 -6.58
CA PRO C 15 -9.33 10.76 -6.87
C PRO C 15 -9.88 10.96 -8.27
N ALA C 16 -10.59 9.96 -8.76
CA ALA C 16 -10.99 9.97 -10.15
C ALA C 16 -12.32 10.65 -10.40
N ARG C 17 -13.13 10.87 -9.36
CA ARG C 17 -14.46 11.41 -9.53
C ARG C 17 -14.39 12.93 -9.68
N CYS C 18 -14.69 13.40 -10.88
CA CYS C 18 -14.73 14.81 -11.21
C CYS C 18 -16.13 15.36 -10.97
N VAL C 19 -16.22 16.38 -10.15
CA VAL C 19 -17.50 16.96 -9.78
C VAL C 19 -17.55 18.35 -10.35
N ASP C 20 -18.41 18.49 -11.37
CA ASP C 20 -18.78 19.75 -11.99
C ASP C 20 -19.59 20.57 -11.00
N ASN C 21 -19.51 21.90 -11.11
CA ASN C 21 -20.34 22.73 -10.24
C ASN C 21 -21.81 22.43 -10.38
N ALA C 22 -22.26 21.98 -11.57
CA ALA C 22 -23.69 21.85 -11.80
C ALA C 22 -24.31 20.85 -10.84
N GLU C 23 -23.58 19.79 -10.52
CA GLU C 23 -24.07 18.82 -9.57
C GLU C 23 -24.22 19.39 -8.17
N ILE C 24 -23.28 20.21 -7.73
CA ILE C 24 -23.40 20.82 -6.40
C ILE C 24 -24.47 21.91 -6.40
N GLU C 25 -24.57 22.69 -7.49
CA GLU C 25 -25.55 23.76 -7.55
C GLU C 25 -26.95 23.18 -7.50
N ALA C 26 -27.14 22.07 -8.24
CA ALA C 26 -28.39 21.33 -8.16
C ALA C 26 -28.64 20.89 -6.73
N SER C 27 -27.61 20.33 -6.08
CA SER C 27 -27.80 19.86 -4.70
C SER C 27 -28.29 20.97 -3.77
N LEU C 28 -27.86 22.22 -3.95
CA LEU C 28 -28.24 23.32 -3.04
C LEU C 28 -29.30 24.24 -3.62
N GLY C 29 -29.78 23.95 -4.83
CA GLY C 29 -30.77 24.72 -5.57
C GLY C 29 -30.40 26.08 -6.16
N LEU C 30 -29.18 26.24 -6.66
CA LEU C 30 -28.68 27.53 -7.14
C LEU C 30 -28.61 27.48 -8.66
N GLU C 31 -28.76 28.63 -9.31
CA GLU C 31 -28.65 28.66 -10.76
C GLU C 31 -27.25 28.35 -11.24
N ALA C 32 -27.16 27.95 -12.51
CA ALA C 32 -25.89 27.59 -13.11
C ALA C 32 -24.97 28.81 -13.12
N GLY C 33 -23.67 28.54 -12.93
CA GLY C 33 -22.60 29.50 -12.81
C GLY C 33 -22.48 30.18 -11.46
N TRP C 34 -23.35 29.86 -10.50
CA TRP C 34 -23.30 30.48 -9.16
C TRP C 34 -21.95 30.26 -8.48
N ILE C 35 -21.46 29.02 -8.54
CA ILE C 35 -20.22 28.66 -7.84
C ILE C 35 -19.04 29.37 -8.50
N GLU C 36 -18.93 29.30 -9.82
CA GLU C 36 -17.78 29.92 -10.47
C GLU C 36 -17.70 31.42 -10.20
N ARG C 37 -18.84 32.14 -10.22
CA ARG C 37 -18.74 33.59 -10.02
C ARG C 37 -18.18 33.90 -8.65
N ARG C 38 -18.51 33.10 -7.63
CA ARG C 38 -18.13 33.48 -6.28
C ARG C 38 -16.89 32.75 -5.76
N THR C 39 -16.41 31.71 -6.45
CA THR C 39 -15.26 30.96 -5.95
C THR C 39 -14.21 30.73 -7.01
N GLY C 40 -14.52 30.93 -8.28
CA GLY C 40 -13.60 30.63 -9.34
C GLY C 40 -13.40 29.17 -9.63
N ILE C 41 -14.09 28.29 -8.89
CA ILE C 41 -14.05 26.85 -9.16
C ILE C 41 -15.01 26.51 -10.29
N ARG C 42 -14.55 25.68 -11.23
CA ARG C 42 -15.38 25.04 -12.25
C ARG C 42 -15.65 23.58 -11.93
N SER C 43 -14.69 22.86 -11.37
CA SER C 43 -14.88 21.48 -10.96
C SER C 43 -13.80 21.12 -9.93
N ARG C 44 -13.93 19.93 -9.37
CA ARG C 44 -13.13 19.57 -8.21
C ARG C 44 -13.18 18.06 -8.14
N TYR C 45 -12.19 17.43 -7.51
CA TYR C 45 -12.21 15.99 -7.42
C TYR C 45 -12.63 15.54 -6.01
N TRP C 46 -13.53 14.56 -5.95
CA TRP C 46 -13.92 13.99 -4.66
C TRP C 46 -13.61 12.49 -4.61
N ALA C 47 -13.28 12.00 -3.41
CA ALA C 47 -12.99 10.59 -3.26
C ALA C 47 -14.23 9.74 -3.43
N GLU C 48 -13.98 8.53 -3.89
CA GLU C 48 -14.91 7.41 -4.02
C GLU C 48 -14.66 6.35 -2.95
N ALA C 49 -15.61 5.45 -2.85
CA ALA C 49 -15.47 4.34 -1.90
C ALA C 49 -14.22 3.57 -2.31
N GLY C 50 -13.36 3.26 -1.36
CA GLY C 50 -12.13 2.58 -1.65
C GLY C 50 -10.92 3.49 -1.74
N ASP C 51 -11.10 4.75 -2.14
CA ASP C 51 -10.02 5.71 -1.98
C ASP C 51 -9.63 5.85 -0.50
N THR C 52 -8.34 5.97 -0.20
CA THR C 52 -7.88 6.22 1.17
C THR C 52 -7.02 7.47 1.11
N LEU C 53 -6.90 8.18 2.23
CA LEU C 53 -5.99 9.33 2.23
C LEU C 53 -4.55 8.90 1.96
N SER C 54 -4.08 7.84 2.63
CA SER C 54 -2.70 7.40 2.42
C SER C 54 -2.46 6.95 0.99
N GLY C 55 -3.47 6.31 0.35
CA GLY C 55 -3.37 5.95 -1.07
C GLY C 55 -3.24 7.16 -1.97
N LEU C 56 -4.02 8.19 -1.71
CA LEU C 56 -3.93 9.39 -2.53
C LEU C 56 -2.57 10.03 -2.38
N ALA C 57 -2.06 10.07 -1.15
CA ALA C 57 -0.75 10.65 -0.89
C ALA C 57 0.34 9.80 -1.53
N GLU C 58 0.15 8.47 -1.56
CA GLU C 58 1.12 7.59 -2.19
C GLU C 58 1.25 7.90 -3.66
N ARG C 59 0.14 8.18 -4.30
CA ARG C 59 0.16 8.39 -5.73
C ARG C 59 0.91 9.68 -6.04
N ALA C 60 0.68 10.73 -5.25
CA ALA C 60 1.47 11.95 -5.45
C ALA C 60 2.96 11.74 -5.09
N GLY C 61 3.24 11.01 -4.01
CA GLY C 61 4.64 10.80 -3.65
C GLY C 61 5.42 9.97 -4.66
N ARG C 62 4.83 8.90 -5.19
CA ARG C 62 5.50 8.12 -6.22
C ARG C 62 5.76 8.97 -7.44
N MET C 63 4.80 9.81 -7.84
CA MET C 63 5.06 10.68 -8.99
C MET C 63 6.26 11.60 -8.72
N ALA C 64 6.32 12.18 -7.52
CA ALA C 64 7.45 13.05 -7.20
C ALA C 64 8.79 12.28 -7.16
N LEU C 65 8.78 11.07 -6.60
CA LEU C 65 10.01 10.29 -6.53
C LEU C 65 10.53 9.96 -7.92
N GLU C 66 9.66 9.53 -8.82
CA GLU C 66 10.13 9.26 -10.17
C GLU C 66 10.60 10.53 -10.88
N ASP C 67 9.95 11.67 -10.63
CA ASP C 67 10.39 12.92 -11.25
C ASP C 67 11.80 13.30 -10.82
N ALA C 68 12.12 13.13 -9.53
CA ALA C 68 13.43 13.39 -8.94
C ALA C 68 14.47 12.32 -9.23
N LYS C 69 14.09 11.31 -10.00
CA LYS C 69 14.82 10.06 -10.24
C LYS C 69 15.64 9.61 -9.03
N ILE C 70 15.00 9.52 -7.87
CA ILE C 70 15.69 9.18 -6.65
C ILE C 70 15.37 7.75 -6.21
N ASN C 71 16.34 7.06 -5.62
CA ASN C 71 16.15 5.72 -5.08
C ASN C 71 15.44 5.81 -3.73
N ALA C 72 14.43 4.97 -3.52
CA ALA C 72 13.64 5.04 -2.29
C ALA C 72 14.49 5.02 -1.01
N ASP C 73 15.66 4.37 -1.04
CA ASP C 73 16.55 4.34 0.13
C ASP C 73 17.15 5.70 0.43
N ASP C 74 17.10 6.62 -0.52
CA ASP C 74 17.74 7.90 -0.35
C ASP C 74 16.86 8.84 0.46
N ILE C 75 15.57 8.50 0.61
CA ILE C 75 14.62 9.29 1.40
C ILE C 75 14.83 8.98 2.89
N ALA C 76 15.35 9.96 3.63
CA ALA C 76 15.51 9.80 5.06
C ALA C 76 14.31 10.19 5.89
N LEU C 77 13.34 10.92 5.33
CA LEU C 77 12.24 11.43 6.15
C LEU C 77 11.02 11.68 5.26
N THR C 78 9.85 11.38 5.80
CA THR C 78 8.59 11.64 5.15
C THR C 78 7.73 12.48 6.07
N LEU C 79 7.40 13.69 5.64
CA LEU C 79 6.51 14.59 6.35
C LEU C 79 5.19 14.57 5.59
N LEU C 80 4.08 14.26 6.28
CA LEU C 80 2.79 14.22 5.61
C LEU C 80 1.90 15.27 6.28
N ALA C 81 1.72 16.42 5.62
CA ALA C 81 0.82 17.45 6.12
C ALA C 81 -0.60 17.08 5.70
N THR C 82 -1.44 16.78 6.69
CA THR C 82 -2.81 16.39 6.38
C THR C 82 -3.70 16.73 7.56
N SER C 83 -4.95 17.03 7.24
CA SER C 83 -6.02 17.18 8.22
C SER C 83 -6.87 15.93 8.33
N THR C 84 -6.71 14.95 7.42
CA THR C 84 -7.68 13.87 7.26
C THR C 84 -6.97 12.51 7.22
N PRO C 85 -6.18 12.17 8.24
CA PRO C 85 -5.48 10.89 8.23
C PRO C 85 -6.44 9.71 8.12
N ASP C 86 -5.92 8.59 7.59
CA ASP C 86 -6.71 7.36 7.52
C ASP C 86 -7.39 7.06 8.84
N HIS C 87 -6.63 7.19 9.94
CA HIS C 87 -7.11 6.85 11.28
C HIS C 87 -6.67 7.92 12.27
N LEU C 88 -7.40 8.01 13.39
CA LEU C 88 -6.97 8.92 14.45
C LEU C 88 -5.71 8.42 15.14
N LEU C 89 -5.37 7.16 14.89
CA LEU C 89 -4.17 6.52 15.41
C LEU C 89 -3.98 5.24 14.63
N PRO C 90 -2.77 5.01 14.12
CA PRO C 90 -1.59 5.90 14.12
C PRO C 90 -1.64 7.02 13.06
N PRO C 91 -0.64 7.91 13.02
CA PRO C 91 -0.49 8.83 11.88
C PRO C 91 -0.48 8.09 10.55
N SER C 92 -0.81 8.76 9.44
CA SER C 92 -0.83 8.09 8.14
C SER C 92 0.56 8.01 7.54
N ALA C 93 1.45 8.94 7.90
CA ALA C 93 2.75 9.00 7.24
C ALA C 93 3.51 7.68 7.31
N PRO C 94 3.58 6.95 8.44
CA PRO C 94 4.30 5.67 8.39
C PRO C 94 3.73 4.72 7.38
N LEU C 95 2.40 4.68 7.27
CA LEU C 95 1.78 3.87 6.23
C LEU C 95 2.18 4.36 4.85
N LEU C 96 2.19 5.68 4.64
CA LEU C 96 2.58 6.24 3.35
C LEU C 96 4.00 5.82 2.99
N ALA C 97 4.93 5.93 3.95
CA ALA C 97 6.33 5.57 3.69
C ALA C 97 6.46 4.07 3.42
N HIS C 98 5.67 3.26 4.13
CA HIS C 98 5.67 1.82 3.85
C HIS C 98 5.17 1.53 2.45
N ARG C 99 4.01 2.10 2.10
CA ARG C 99 3.44 1.87 0.78
C ARG C 99 4.39 2.31 -0.32
N LEU C 100 5.25 3.29 -0.05
CA LEU C 100 6.19 3.75 -1.07
C LEU C 100 7.51 3.01 -1.03
N GLY C 101 7.66 2.07 -0.11
CA GLY C 101 8.90 1.35 -0.03
C GLY C 101 10.05 2.18 0.48
N LEU C 102 9.78 3.24 1.27
CA LEU C 102 10.86 4.09 1.77
C LEU C 102 11.36 3.48 3.08
N THR C 103 12.16 2.43 2.96
CA THR C 103 12.46 1.61 4.12
C THR C 103 13.49 2.26 5.03
N ARG C 104 14.02 3.43 4.63
CA ARG C 104 14.95 4.10 5.52
C ARG C 104 14.49 5.50 5.95
N SER C 105 13.22 5.82 5.68
CA SER C 105 12.63 7.11 5.98
C SER C 105 11.92 7.06 7.34
N GLY C 106 12.16 8.07 8.17
CA GLY C 106 11.23 8.40 9.23
C GLY C 106 9.93 8.92 8.65
N ALA C 107 8.96 9.16 9.53
CA ALA C 107 7.63 9.53 9.06
C ALA C 107 6.81 10.15 10.18
N ILE C 108 6.23 11.32 9.90
CA ILE C 108 5.34 11.96 10.87
C ILE C 108 4.28 12.78 10.14
N ASP C 109 3.11 12.94 10.77
CA ASP C 109 2.03 13.78 10.27
C ASP C 109 2.15 15.18 10.86
N LEU C 110 1.85 16.18 10.05
CA LEU C 110 1.71 17.56 10.50
C LEU C 110 0.29 18.01 10.24
N ALA C 111 -0.33 18.63 11.25
CA ALA C 111 -1.68 19.17 11.14
C ALA C 111 -1.51 20.69 11.29
N GLY C 112 -1.51 21.39 10.15
CA GLY C 112 -1.49 22.85 10.16
C GLY C 112 -2.57 23.44 9.27
N ALA C 113 -3.66 22.68 9.10
CA ALA C 113 -4.76 23.07 8.23
C ALA C 113 -4.19 23.47 6.87
N SER C 114 -4.76 24.50 6.25
CA SER C 114 -4.25 24.93 4.95
C SER C 114 -2.82 25.42 4.96
N SER C 115 -2.23 25.65 6.12
CA SER C 115 -0.84 26.06 6.16
C SER C 115 0.13 24.89 6.26
N GLY C 116 -0.38 23.66 6.27
CA GLY C 116 0.44 22.54 6.68
C GLY C 116 1.64 22.35 5.76
N PHE C 117 1.45 22.56 4.45
CA PHE C 117 2.55 22.30 3.55
C PHE C 117 3.69 23.29 3.72
N LEU C 118 3.39 24.56 4.01
CA LEU C 118 4.51 25.50 4.11
C LEU C 118 5.34 25.22 5.36
N TYR C 119 4.67 24.88 6.46
CA TYR C 119 5.38 24.41 7.64
C TYR C 119 6.21 23.17 7.33
N ALA C 120 5.59 22.19 6.66
CA ALA C 120 6.33 20.98 6.35
C ALA C 120 7.53 21.32 5.49
N LEU C 121 7.36 22.24 4.54
CA LEU C 121 8.50 22.59 3.70
C LEU C 121 9.60 23.23 4.51
N THR C 122 9.23 24.19 5.36
CA THR C 122 10.25 24.89 6.13
C THR C 122 11.00 23.95 7.05
N LEU C 123 10.27 23.09 7.75
CA LEU C 123 10.96 22.18 8.67
C LEU C 123 11.79 21.17 7.89
N ALA C 124 11.30 20.74 6.72
CA ALA C 124 12.06 19.79 5.93
C ALA C 124 13.36 20.40 5.44
N ASP C 125 13.30 21.67 5.02
CA ASP C 125 14.52 22.37 4.61
C ASP C 125 15.54 22.41 5.74
N GLY C 126 15.08 22.64 6.97
CA GLY C 126 15.99 22.60 8.10
C GLY C 126 16.62 21.24 8.29
N PHE C 127 15.87 20.18 8.03
CA PHE C 127 16.44 18.84 8.14
C PHE C 127 17.47 18.60 7.04
N VAL C 128 17.14 18.95 5.79
CA VAL C 128 18.08 18.78 4.67
C VAL C 128 19.39 19.47 4.98
N ARG C 129 19.32 20.73 5.41
CA ARG C 129 20.54 21.49 5.62
C ARG C 129 21.28 20.99 6.86
N THR C 130 20.57 20.39 7.83
CA THR C 130 21.27 19.91 9.02
C THR C 130 21.93 18.57 8.78
N TYR C 131 21.23 17.64 8.13
CA TYR C 131 21.72 16.28 8.01
C TYR C 131 22.21 15.93 6.61
N GLY C 132 22.01 16.80 5.63
CA GLY C 132 22.54 16.49 4.32
C GLY C 132 21.86 15.30 3.69
N ARG C 133 20.56 15.12 3.92
CA ARG C 133 19.86 13.95 3.43
C ARG C 133 18.52 14.39 2.84
N ALA C 134 17.99 13.60 1.91
CA ALA C 134 16.77 13.97 1.22
C ALA C 134 15.53 13.71 2.07
N VAL C 135 14.47 14.48 1.76
CA VAL C 135 13.19 14.44 2.46
C VAL C 135 12.05 14.42 1.44
N LEU C 136 11.07 13.58 1.66
CA LEU C 136 9.82 13.62 0.88
C LEU C 136 8.76 14.41 1.64
N VAL C 137 8.18 15.40 0.99
CA VAL C 137 7.15 16.23 1.62
C VAL C 137 5.85 16.04 0.85
N VAL C 138 4.82 15.52 1.52
CA VAL C 138 3.53 15.26 0.88
C VAL C 138 2.47 15.98 1.72
N ALA C 139 1.57 16.68 1.04
CA ALA C 139 0.38 17.25 1.64
C ALA C 139 -0.82 16.64 0.95
N ALA C 140 -1.82 16.23 1.75
CA ALA C 140 -2.92 15.53 1.13
C ALA C 140 -4.15 15.61 2.03
N ASN C 141 -5.30 15.72 1.39
CA ASN C 141 -6.51 15.83 2.18
C ASN C 141 -7.65 15.24 1.38
N ILE C 142 -8.54 14.59 2.13
CA ILE C 142 -9.84 14.19 1.64
C ILE C 142 -10.86 14.99 2.47
N LEU C 143 -11.07 16.22 2.04
CA LEU C 143 -11.96 17.10 2.78
C LEU C 143 -13.43 16.74 2.50
N SER C 144 -13.72 16.08 1.36
CA SER C 144 -15.11 15.81 1.02
C SER C 144 -15.84 15.05 2.11
N ARG C 145 -15.14 14.12 2.79
CA ARG C 145 -15.78 13.35 3.87
C ARG C 145 -15.98 14.15 5.15
N ARG C 146 -15.47 15.38 5.21
CA ARG C 146 -15.71 16.28 6.33
C ARG C 146 -16.69 17.37 5.95
N ILE C 147 -17.10 17.43 4.69
CA ILE C 147 -17.95 18.52 4.22
C ILE C 147 -19.36 18.31 4.77
N ASN C 148 -19.95 19.39 5.27
CA ASN C 148 -21.37 19.40 5.57
C ASN C 148 -22.09 19.77 4.28
N PRO C 149 -22.78 18.84 3.62
CA PRO C 149 -23.35 19.18 2.31
C PRO C 149 -24.37 20.29 2.35
N ALA C 150 -24.96 20.57 3.52
CA ALA C 150 -25.93 21.64 3.63
C ALA C 150 -25.29 23.01 3.81
N GLU C 151 -24.03 23.08 4.23
CA GLU C 151 -23.41 24.37 4.47
C GLU C 151 -22.83 24.83 3.13
N ARG C 152 -23.51 25.79 2.51
CA ARG C 152 -23.14 26.21 1.16
C ARG C 152 -21.68 26.66 1.13
N ALA C 153 -21.27 27.46 2.12
CA ALA C 153 -19.97 28.11 2.08
C ALA C 153 -18.84 27.10 1.97
N SER C 154 -19.02 25.91 2.54
CA SER C 154 -18.01 24.88 2.48
C SER C 154 -18.30 23.83 1.42
N ALA C 155 -19.57 23.53 1.14
CA ALA C 155 -19.82 22.48 0.16
C ALA C 155 -19.39 22.87 -1.24
N VAL C 156 -19.33 24.16 -1.58
CA VAL C 156 -18.89 24.56 -2.92
C VAL C 156 -17.37 24.66 -3.06
N LEU C 157 -16.62 24.73 -1.95
CA LEU C 157 -15.19 25.02 -1.96
C LEU C 157 -14.32 23.78 -1.92
N PHE C 158 -14.60 22.89 -0.97
CA PHE C 158 -13.57 21.98 -0.52
C PHE C 158 -13.48 20.77 -1.44
N ALA C 159 -12.24 20.27 -1.58
CA ALA C 159 -11.95 19.22 -2.54
C ALA C 159 -10.90 18.30 -1.97
N ASP C 160 -10.60 17.26 -2.72
CA ASP C 160 -9.67 16.22 -2.32
C ASP C 160 -8.49 16.22 -3.28
N ALA C 161 -7.28 16.19 -2.73
CA ALA C 161 -6.11 16.22 -3.61
C ALA C 161 -4.88 15.87 -2.78
N ALA C 162 -3.79 15.61 -3.50
CA ALA C 162 -2.49 15.41 -2.87
C ALA C 162 -1.41 16.03 -3.76
N GLY C 163 -0.41 16.60 -3.12
CA GLY C 163 0.78 17.07 -3.82
C GLY C 163 2.02 16.70 -3.02
N ALA C 164 3.13 16.54 -3.74
CA ALA C 164 4.36 16.02 -3.15
C ALA C 164 5.55 16.71 -3.80
N VAL C 165 6.59 16.86 -3.00
CA VAL C 165 7.85 17.46 -3.43
C VAL C 165 8.99 16.68 -2.78
N VAL C 166 9.97 16.28 -3.59
CA VAL C 166 11.21 15.70 -3.07
C VAL C 166 12.23 16.80 -2.85
N LEU C 167 12.73 16.94 -1.61
CA LEU C 167 13.80 17.86 -1.28
C LEU C 167 15.12 17.11 -1.17
N THR C 168 16.13 17.53 -1.93
CA THR C 168 17.46 16.91 -1.91
C THR C 168 18.52 17.88 -1.40
N PRO C 169 19.61 17.38 -0.82
CA PRO C 169 20.68 18.29 -0.39
C PRO C 169 21.38 18.88 -1.61
N CYS C 170 21.87 20.12 -1.45
CA CYS C 170 22.46 20.83 -2.57
C CYS C 170 23.68 21.57 -2.03
N PRO C 171 24.81 21.51 -2.73
CA PRO C 171 26.04 22.15 -2.24
C PRO C 171 26.04 23.68 -2.25
N GLU C 172 25.22 24.34 -3.05
CA GLU C 172 25.46 25.75 -3.31
C GLU C 172 24.68 26.69 -2.39
N VAL C 173 25.21 27.91 -2.23
CA VAL C 173 24.65 28.92 -1.33
C VAL C 173 23.74 29.83 -2.15
N LYS C 174 22.98 30.68 -1.46
CA LYS C 174 22.21 31.74 -2.12
C LYS C 174 21.24 31.13 -3.12
N ARG C 175 20.64 30.01 -2.73
CA ARG C 175 19.54 29.41 -3.47
C ARG C 175 18.71 28.62 -2.46
N GLY C 176 17.67 27.96 -2.97
CA GLY C 176 16.77 27.21 -2.10
C GLY C 176 15.86 28.12 -1.31
N VAL C 177 15.65 27.79 -0.04
CA VAL C 177 14.76 28.58 0.81
C VAL C 177 15.54 29.82 1.24
N LEU C 178 15.24 30.96 0.61
CA LEU C 178 15.91 32.21 0.95
C LEU C 178 15.33 32.80 2.23
N SER C 179 14.05 32.56 2.50
CA SER C 179 13.40 33.07 3.69
C SER C 179 12.07 32.38 3.87
N ALA C 180 11.61 32.34 5.11
CA ALA C 180 10.33 31.72 5.44
C ALA C 180 9.79 32.42 6.66
N ASP C 181 8.46 32.42 6.81
CA ASP C 181 7.86 33.05 7.96
C ASP C 181 6.60 32.26 8.24
N LEU C 182 6.51 31.67 9.43
CA LEU C 182 5.35 30.88 9.82
C LEU C 182 4.67 31.61 10.96
N VAL C 183 3.36 31.80 10.85
CA VAL C 183 2.63 32.58 11.85
C VAL C 183 1.39 31.81 12.29
N ALA C 184 0.90 32.18 13.48
CA ALA C 184 -0.37 31.65 13.98
C ALA C 184 -1.10 32.75 14.73
N ASP C 185 -2.43 32.68 14.71
CA ASP C 185 -3.27 33.61 15.47
C ASP C 185 -4.48 32.82 15.99
N GLY C 186 -4.36 32.23 17.20
CA GLY C 186 -5.45 31.42 17.75
C GLY C 186 -6.72 32.16 18.17
N SER C 187 -6.77 33.48 18.03
CA SER C 187 -8.02 34.16 18.26
C SER C 187 -9.04 33.81 17.21
N GLY C 188 -8.60 33.34 16.06
CA GLY C 188 -9.55 32.92 15.04
C GLY C 188 -9.76 31.43 15.09
N TYR C 189 -9.41 30.84 16.24
CA TYR C 189 -9.45 29.40 16.42
C TYR C 189 -10.83 28.86 16.05
N ASP C 190 -11.88 29.53 16.49
CA ASP C 190 -13.26 29.12 16.31
C ASP C 190 -13.81 29.35 14.90
N LEU C 191 -13.11 30.08 14.03
CA LEU C 191 -13.71 30.42 12.75
C LEU C 191 -13.98 29.20 11.86
N ILE C 192 -13.10 28.20 11.88
CA ILE C 192 -13.19 27.01 11.03
C ILE C 192 -12.95 25.83 11.94
N GLN C 193 -13.97 25.01 12.17
CA GLN C 193 -13.86 24.08 13.27
C GLN C 193 -14.67 22.84 12.97
N ILE C 194 -14.24 21.73 13.57
CA ILE C 194 -15.09 20.57 13.75
C ILE C 194 -15.29 20.44 15.26
N ALA C 195 -16.56 20.41 15.68
CA ALA C 195 -16.85 20.46 17.11
C ALA C 195 -16.46 19.16 17.77
N ALA C 196 -16.85 18.05 17.19
CA ALA C 196 -16.78 16.79 17.90
C ALA C 196 -15.67 15.95 17.33
N GLY C 197 -15.05 15.16 18.19
CA GLY C 197 -13.99 14.33 17.71
C GLY C 197 -12.61 14.33 18.30
N GLY C 198 -12.13 15.51 18.68
CA GLY C 198 -10.86 15.61 19.37
C GLY C 198 -11.09 15.19 20.80
N SER C 199 -10.19 15.64 21.67
CA SER C 199 -10.31 15.33 23.07
C SER C 199 -11.30 16.22 23.79
N SER C 200 -11.70 17.34 23.19
CA SER C 200 -12.62 18.25 23.87
C SER C 200 -14.06 17.72 23.85
N GLN C 201 -14.43 17.12 22.76
CA GLN C 201 -15.78 16.55 22.72
C GLN C 201 -15.70 15.21 22.01
N PRO C 202 -15.30 14.16 22.73
CA PRO C 202 -15.15 12.86 22.09
C PRO C 202 -16.44 12.36 21.47
N PHE C 203 -16.30 11.38 20.59
CA PHE C 203 -17.47 10.82 19.88
C PHE C 203 -18.21 9.82 20.70
N SER C 204 -19.52 9.76 20.54
CA SER C 204 -20.36 8.79 21.27
C SER C 204 -21.59 8.44 20.44
N ALA C 205 -22.37 7.47 20.88
CA ALA C 205 -23.64 7.18 20.17
C ALA C 205 -24.58 8.34 20.45
N GLY C 206 -25.48 8.58 19.52
CA GLY C 206 -26.43 9.68 19.70
C GLY C 206 -25.78 11.02 19.42
N MET C 207 -24.61 11.02 18.78
CA MET C 207 -24.04 12.33 18.43
C MET C 207 -24.69 12.77 17.11
N ILE C 208 -25.24 13.97 17.10
CA ILE C 208 -25.72 14.53 15.84
C ILE C 208 -24.67 14.42 14.75
N ALA C 209 -25.08 13.91 13.58
CA ALA C 209 -24.17 13.59 12.48
C ALA C 209 -23.33 14.78 12.02
N GLU C 210 -23.95 15.96 11.88
CA GLU C 210 -23.22 17.14 11.42
C GLU C 210 -22.10 17.54 12.36
N ASP C 211 -22.12 17.08 13.61
CA ASP C 211 -21.08 17.49 14.54
C ASP C 211 -19.73 16.89 14.16
N ALA C 212 -19.71 15.87 13.29
CA ALA C 212 -18.44 15.32 12.77
C ALA C 212 -17.93 16.04 11.52
N LEU C 213 -18.67 17.03 11.01
CA LEU C 213 -18.34 17.72 9.78
C LEU C 213 -17.94 19.17 10.06
N MET C 214 -17.18 19.76 9.15
CA MET C 214 -16.71 21.12 9.31
C MET C 214 -17.82 22.17 9.35
N THR C 215 -17.53 23.27 10.05
CA THR C 215 -18.32 24.48 9.92
C THR C 215 -17.36 25.65 9.82
N MET C 216 -17.71 26.57 8.92
CA MET C 216 -17.13 27.90 8.82
C MET C 216 -18.13 28.89 9.37
N ARG C 217 -17.87 29.41 10.57
CA ARG C 217 -18.87 30.23 11.24
C ARG C 217 -19.01 31.63 10.66
N ASP C 218 -17.98 32.13 9.98
CA ASP C 218 -17.99 33.51 9.52
C ASP C 218 -17.07 33.61 8.31
N GLY C 219 -17.66 33.46 7.12
CA GLY C 219 -16.85 33.46 5.92
C GLY C 219 -16.12 34.77 5.71
N ARG C 220 -16.79 35.89 6.00
CA ARG C 220 -16.15 37.19 5.77
C ARG C 220 -14.99 37.43 6.72
N GLU C 221 -15.14 36.96 7.97
CA GLU C 221 -14.05 37.08 8.92
C GLU C 221 -12.87 36.20 8.52
N VAL C 222 -13.17 35.00 8.03
CA VAL C 222 -12.10 34.12 7.58
C VAL C 222 -11.38 34.75 6.41
N PHE C 223 -12.14 35.22 5.41
CA PHE C 223 -11.58 35.95 4.26
C PHE C 223 -10.66 37.09 4.66
N SER C 224 -11.17 38.02 5.48
CA SER C 224 -10.34 39.14 5.90
C SER C 224 -9.05 38.63 6.54
N ARG C 225 -9.18 37.78 7.56
CA ARG C 225 -8.01 37.31 8.29
C ARG C 225 -7.04 36.57 7.38
N ALA C 226 -7.55 35.71 6.49
CA ALA C 226 -6.69 34.94 5.61
C ALA C 226 -5.91 35.85 4.67
N VAL C 227 -6.61 36.82 4.06
CA VAL C 227 -5.93 37.80 3.20
C VAL C 227 -4.82 38.50 3.97
N ALA C 228 -5.12 38.97 5.18
CA ALA C 228 -4.09 39.64 5.96
C ALA C 228 -2.89 38.74 6.27
N LEU C 229 -3.14 37.49 6.65
CA LEU C 229 -2.02 36.60 6.96
C LEU C 229 -1.15 36.30 5.74
N MET C 230 -1.79 36.02 4.60
CA MET C 230 -1.01 35.73 3.39
C MET C 230 -0.24 36.96 2.93
N THR C 231 -0.86 38.12 3.04
CA THR C 231 -0.24 39.34 2.56
C THR C 231 0.98 39.69 3.42
N ASN C 232 0.80 39.63 4.75
CA ASN C 232 1.86 40.03 5.67
C ASN C 232 3.04 39.06 5.65
N THR C 233 2.77 37.76 5.57
CA THR C 233 3.88 36.82 5.50
C THR C 233 4.63 36.97 4.19
N SER C 234 3.92 37.21 3.09
CA SER C 234 4.60 37.36 1.82
C SER C 234 5.50 38.59 1.86
N GLN C 235 4.98 39.69 2.38
CA GLN C 235 5.75 40.93 2.51
C GLN C 235 7.01 40.72 3.35
N ARG C 236 6.90 39.96 4.44
CA ARG C 236 8.07 39.74 5.30
C ARG C 236 9.12 38.84 4.65
N VAL C 237 8.70 37.79 3.94
CA VAL C 237 9.71 36.94 3.30
C VAL C 237 10.33 37.65 2.11
N LEU C 238 9.58 38.54 1.46
CA LEU C 238 10.18 39.33 0.39
C LEU C 238 11.24 40.29 0.91
N HIS C 239 10.93 41.04 1.98
CA HIS C 239 11.96 41.90 2.57
C HIS C 239 13.19 41.12 3.02
N GLU C 240 13.00 40.03 3.75
CA GLU C 240 14.15 39.27 4.25
C GLU C 240 15.00 38.72 3.12
N ALA C 241 14.39 38.26 2.04
CA ALA C 241 15.19 37.79 0.91
C ALA C 241 15.73 38.95 0.07
N GLU C 242 15.41 40.19 0.42
CA GLU C 242 15.80 41.43 -0.24
C GLU C 242 15.36 41.43 -1.71
N LEU C 243 14.14 41.03 -1.97
CA LEU C 243 13.53 40.99 -3.28
C LEU C 243 12.20 41.75 -3.20
N THR C 244 11.76 42.29 -4.32
CA THR C 244 10.40 42.77 -4.43
C THR C 244 9.55 41.76 -5.20
N ALA C 245 8.24 42.03 -5.22
CA ALA C 245 7.30 41.20 -5.97
C ALA C 245 7.61 41.17 -7.45
N ALA C 246 8.20 42.22 -7.99
CA ALA C 246 8.55 42.21 -9.40
C ALA C 246 9.55 41.09 -9.71
N ASP C 247 10.33 40.68 -8.71
CA ASP C 247 11.36 39.64 -8.84
C ASP C 247 10.80 38.23 -8.80
N ILE C 248 9.53 38.06 -8.50
CA ILE C 248 8.98 36.74 -8.33
C ILE C 248 8.58 36.21 -9.70
N SER C 249 9.09 35.02 -10.04
CA SER C 249 8.80 34.41 -11.32
C SER C 249 7.46 33.69 -11.24
N ARG C 250 7.23 32.95 -10.15
CA ARG C 250 5.91 32.38 -9.98
C ARG C 250 5.41 32.62 -8.57
N PHE C 251 4.14 33.02 -8.48
CA PHE C 251 3.49 33.26 -7.20
C PHE C 251 2.50 32.13 -7.00
N VAL C 252 2.68 31.39 -5.90
CA VAL C 252 1.90 30.19 -5.66
C VAL C 252 1.16 30.30 -4.34
N PRO C 253 0.04 31.01 -4.31
CA PRO C 253 -0.73 31.11 -3.07
C PRO C 253 -1.58 29.87 -2.86
N HIS C 254 -1.85 29.55 -1.60
CA HIS C 254 -2.86 28.56 -1.30
C HIS C 254 -4.13 28.85 -2.09
N GLN C 255 -4.71 27.80 -2.69
CA GLN C 255 -5.86 27.99 -3.58
C GLN C 255 -7.13 27.88 -2.75
N ALA C 256 -7.40 28.95 -2.02
CA ALA C 256 -8.58 28.99 -1.16
C ALA C 256 -9.81 29.42 -1.93
N ASN C 257 -9.63 30.42 -2.80
CA ASN C 257 -10.74 31.18 -3.36
C ASN C 257 -10.23 32.21 -4.35
N ALA C 258 -10.75 32.17 -5.58
CA ALA C 258 -10.30 33.07 -6.64
C ALA C 258 -10.34 34.54 -6.19
N ARG C 259 -11.37 34.92 -5.43
CA ARG C 259 -11.43 36.27 -4.93
C ARG C 259 -10.34 36.54 -3.89
N MET C 260 -9.95 35.53 -3.13
CA MET C 260 -8.85 35.72 -2.20
C MET C 260 -7.49 35.77 -2.89
N SER C 261 -7.26 34.93 -3.92
CA SER C 261 -6.06 35.08 -4.74
C SER C 261 -5.97 36.48 -5.35
N ASP C 262 -7.08 36.97 -5.89
CA ASP C 262 -7.08 38.31 -6.49
C ASP C 262 -6.71 39.36 -5.44
N ALA C 263 -7.34 39.28 -4.26
CA ALA C 263 -7.04 40.26 -3.23
C ALA C 263 -5.58 40.23 -2.83
N VAL C 264 -5.00 39.04 -2.73
CA VAL C 264 -3.62 38.95 -2.24
C VAL C 264 -2.63 39.35 -3.32
N CYS C 265 -2.81 38.88 -4.54
CA CYS C 265 -2.06 39.41 -5.68
C CYS C 265 -2.07 40.93 -5.70
N GLY C 266 -3.27 41.53 -5.62
CA GLY C 266 -3.39 42.98 -5.67
C GLY C 266 -2.63 43.66 -4.55
N ASN C 267 -2.80 43.15 -3.33
CA ASN C 267 -2.13 43.74 -2.18
C ASN C 267 -0.62 43.69 -2.36
N LEU C 268 -0.11 42.57 -2.91
CA LEU C 268 1.33 42.40 -3.06
C LEU C 268 1.87 43.02 -4.35
N GLY C 269 1.00 43.46 -5.25
CA GLY C 269 1.43 43.95 -6.56
C GLY C 269 1.94 42.84 -7.44
N ILE C 270 1.34 41.67 -7.37
CA ILE C 270 1.78 40.55 -8.25
C ILE C 270 0.76 40.37 -9.38
N GLU C 271 1.24 40.44 -10.61
CA GLU C 271 0.40 40.25 -11.80
C GLU C 271 -0.23 38.86 -11.83
N ARG C 272 -1.48 38.80 -12.28
CA ARG C 272 -2.25 37.53 -12.29
C ARG C 272 -1.56 36.58 -13.24
N GLU C 273 -0.84 37.14 -14.18
CA GLU C 273 -0.23 36.27 -15.18
C GLU C 273 0.94 35.50 -14.60
N LYS C 274 1.58 36.01 -13.54
CA LYS C 274 2.67 35.34 -12.83
C LYS C 274 2.15 34.42 -11.74
N THR C 275 0.84 34.33 -11.59
CA THR C 275 0.22 33.56 -10.51
C THR C 275 -0.25 32.19 -10.98
N VAL C 276 0.24 31.15 -10.31
CA VAL C 276 -0.22 29.79 -10.59
C VAL C 276 -1.62 29.65 -10.03
N ARG C 277 -2.63 29.19 -10.85
CA ARG C 277 -4.05 29.17 -10.51
C ARG C 277 -4.58 27.77 -10.87
N THR C 278 -4.72 26.92 -9.85
CA THR C 278 -5.31 25.61 -10.04
C THR C 278 -6.72 25.51 -9.50
N ILE C 279 -7.25 26.57 -8.89
CA ILE C 279 -8.54 26.44 -8.24
C ILE C 279 -9.66 26.13 -9.23
N GLY C 280 -9.46 26.45 -10.51
CA GLY C 280 -10.53 26.25 -11.48
C GLY C 280 -10.92 24.79 -11.61
N SER C 281 -9.92 23.90 -11.67
CA SER C 281 -10.14 22.48 -11.86
C SER C 281 -9.94 21.64 -10.61
N PHE C 282 -9.33 22.18 -9.55
CA PHE C 282 -9.02 21.36 -8.40
C PHE C 282 -9.63 21.80 -7.09
N GLY C 283 -10.27 22.95 -7.02
CA GLY C 283 -10.90 23.38 -5.77
C GLY C 283 -9.89 23.64 -4.67
N ASN C 284 -10.43 23.80 -3.46
CA ASN C 284 -9.65 24.05 -2.23
C ASN C 284 -9.42 22.74 -1.48
N SER C 285 -8.20 22.19 -1.58
CA SER C 285 -7.81 20.97 -0.86
C SER C 285 -6.88 21.26 0.33
N SER C 286 -7.00 22.43 0.94
CA SER C 286 -6.22 22.80 2.11
C SER C 286 -4.74 22.65 1.75
N ALA C 287 -3.92 21.98 2.59
CA ALA C 287 -2.47 22.00 2.47
C ALA C 287 -2.00 21.42 1.16
N ALA C 288 -2.84 20.66 0.45
CA ALA C 288 -2.40 20.10 -0.81
C ALA C 288 -2.32 21.11 -1.96
N THR C 289 -2.97 22.29 -1.85
CA THR C 289 -3.05 23.16 -3.04
C THR C 289 -1.70 23.60 -3.55
N ILE C 290 -0.81 24.01 -2.66
CA ILE C 290 0.47 24.57 -3.11
C ILE C 290 1.34 23.50 -3.79
N PRO C 291 1.61 22.34 -3.18
CA PRO C 291 2.43 21.38 -3.93
C PRO C 291 1.74 20.81 -5.17
N LEU C 292 0.40 20.72 -5.16
CA LEU C 292 -0.30 20.33 -6.39
C LEU C 292 -0.09 21.38 -7.47
N SER C 293 -0.15 22.66 -7.08
CA SER C 293 0.08 23.73 -8.04
C SER C 293 1.52 23.70 -8.52
N LEU C 294 2.45 23.38 -7.61
CA LEU C 294 3.83 23.32 -8.06
C LEU C 294 3.98 22.26 -9.13
N SER C 295 3.32 21.11 -8.92
CA SER C 295 3.42 20.05 -9.91
C SER C 295 2.82 20.49 -11.23
N ILE C 296 1.69 21.17 -11.18
CA ILE C 296 1.07 21.59 -12.42
C ILE C 296 1.99 22.55 -13.14
N THR C 297 2.40 23.62 -12.47
CA THR C 297 3.19 24.61 -13.19
C THR C 297 4.53 24.03 -13.68
N ASN C 298 5.13 23.11 -12.91
CA ASN C 298 6.34 22.48 -13.40
C ASN C 298 6.07 21.61 -14.61
N ALA C 299 4.88 21.05 -14.71
CA ALA C 299 4.59 20.29 -15.91
C ALA C 299 4.42 21.22 -17.10
N GLU C 300 3.75 22.36 -16.90
CA GLU C 300 3.56 23.25 -18.05
C GLU C 300 4.87 23.88 -18.51
N ARG C 301 5.81 24.09 -17.60
CA ARG C 301 7.00 24.78 -18.07
C ARG C 301 8.01 24.51 -16.97
N PRO C 302 8.95 23.58 -17.15
CA PRO C 302 9.81 23.17 -16.04
C PRO C 302 10.49 24.33 -15.36
N LEU C 303 10.57 24.26 -14.02
CA LEU C 303 11.26 25.30 -13.29
C LEU C 303 12.72 25.38 -13.71
N ALA C 304 13.13 26.59 -14.09
CA ALA C 304 14.48 26.87 -14.54
C ALA C 304 15.25 27.54 -13.41
N GLY C 305 16.54 27.25 -13.36
CA GLY C 305 17.44 27.82 -12.37
C GLY C 305 17.36 29.33 -12.33
N GLY C 306 17.38 29.92 -11.14
CA GLY C 306 17.29 31.36 -10.96
C GLY C 306 15.88 31.91 -10.84
N GLU C 307 14.88 31.13 -11.24
CA GLU C 307 13.49 31.53 -11.01
C GLU C 307 13.26 31.67 -9.51
N THR C 308 12.42 32.62 -9.16
CA THR C 308 12.10 32.87 -7.76
C THR C 308 10.61 32.61 -7.56
N LEU C 309 10.31 31.76 -6.58
CA LEU C 309 8.95 31.40 -6.28
C LEU C 309 8.60 32.03 -4.94
N LEU C 310 7.37 32.50 -4.85
CA LEU C 310 6.81 32.97 -3.59
C LEU C 310 5.63 32.09 -3.24
N LEU C 311 5.70 31.42 -2.10
CA LEU C 311 4.62 30.56 -1.66
C LEU C 311 4.01 31.18 -0.42
N THR C 312 2.68 31.12 -0.32
CA THR C 312 2.01 31.71 0.82
C THR C 312 0.70 30.98 1.04
N ALA C 313 0.30 30.92 2.31
CA ALA C 313 -0.92 30.24 2.70
C ALA C 313 -1.45 30.83 3.98
N ALA C 314 -2.73 30.58 4.23
CA ALA C 314 -3.39 30.90 5.49
C ALA C 314 -4.54 29.93 5.64
N GLY C 315 -4.84 29.57 6.88
CA GLY C 315 -5.91 28.61 7.11
C GLY C 315 -6.41 28.61 8.53
N ALA C 316 -7.27 27.64 8.82
CA ALA C 316 -7.89 27.48 10.13
C ALA C 316 -6.83 27.47 11.22
N GLY C 317 -7.18 27.97 12.40
CA GLY C 317 -6.19 28.07 13.45
C GLY C 317 -6.28 29.32 14.30
N MET C 318 -6.11 30.49 13.70
CA MET C 318 -5.69 30.66 12.31
C MET C 318 -4.20 30.27 12.25
N THR C 319 -3.78 29.79 11.10
CA THR C 319 -2.37 29.58 10.80
C THR C 319 -2.07 30.27 9.49
N GLY C 320 -0.79 30.58 9.27
CA GLY C 320 -0.36 31.12 7.99
C GLY C 320 1.13 30.92 7.79
N GLY C 321 1.59 31.27 6.60
CA GLY C 321 3.03 31.19 6.32
C GLY C 321 3.35 31.68 4.93
N ALA C 322 4.64 31.97 4.73
CA ALA C 322 5.19 32.31 3.42
C ALA C 322 6.61 31.79 3.27
N VAL C 323 6.99 31.47 2.03
CA VAL C 323 8.34 30.99 1.70
C VAL C 323 8.83 31.61 0.40
N VAL C 324 10.06 32.13 0.40
CA VAL C 324 10.74 32.53 -0.83
C VAL C 324 11.72 31.44 -1.19
N TYR C 325 11.57 30.85 -2.36
CA TYR C 325 12.42 29.75 -2.84
C TYR C 325 13.06 30.16 -4.15
N ARG C 326 14.36 29.96 -4.26
CA ARG C 326 15.10 30.26 -5.49
C ARG C 326 15.53 28.94 -6.11
N VAL C 327 15.08 28.67 -7.33
CA VAL C 327 15.42 27.43 -8.01
C VAL C 327 16.92 27.30 -8.14
N GLN D 1 24.49 32.39 12.30
CA GLN D 1 25.49 32.61 13.34
C GLN D 1 25.27 31.61 14.46
N THR D 2 24.70 30.46 14.10
CA THR D 2 24.14 29.52 15.06
C THR D 2 24.46 28.09 14.63
N ARG D 3 25.19 27.37 15.49
CA ARG D 3 25.75 26.05 15.22
C ARG D 3 25.12 24.94 16.07
N SER D 4 24.43 25.31 17.14
CA SER D 4 23.71 24.33 17.94
C SER D 4 22.55 25.03 18.61
N SER D 5 21.71 24.22 19.23
CA SER D 5 20.56 24.62 20.03
C SER D 5 20.78 24.18 21.46
N ARG D 6 20.21 24.92 22.40
CA ARG D 6 20.29 24.49 23.78
C ARG D 6 18.90 24.37 24.39
N MET D 7 18.72 23.34 25.20
CA MET D 7 17.52 23.18 25.99
C MET D 7 17.55 24.17 27.15
N ALA D 8 16.95 25.34 26.96
CA ALA D 8 17.00 26.40 27.96
C ALA D 8 15.97 26.22 29.08
N GLY D 9 14.90 25.48 28.82
CA GLY D 9 13.83 25.38 29.81
C GLY D 9 13.11 24.06 29.72
N PHE D 10 12.54 23.66 30.87
CA PHE D 10 11.86 22.40 31.09
C PHE D 10 10.54 22.63 31.81
N GLY D 11 9.54 21.81 31.46
CA GLY D 11 8.24 21.90 32.10
C GLY D 11 7.46 20.61 31.98
N HIS D 12 6.52 20.42 32.89
CA HIS D 12 5.63 19.27 32.80
C HIS D 12 4.34 19.59 33.55
N ALA D 13 3.30 18.80 33.29
CA ALA D 13 1.99 19.02 33.88
C ALA D 13 1.14 17.77 33.77
N VAL D 14 0.21 17.60 34.71
CA VAL D 14 -0.75 16.49 34.71
C VAL D 14 -2.12 17.01 35.13
N PRO D 15 -3.17 16.27 34.79
CA PRO D 15 -4.47 16.55 35.40
C PRO D 15 -4.43 16.29 36.89
N ALA D 16 -5.51 16.66 37.57
CA ALA D 16 -5.49 16.57 39.02
C ALA D 16 -5.85 15.18 39.51
N ARG D 17 -6.62 14.41 38.74
CA ARG D 17 -7.09 13.11 39.20
C ARG D 17 -5.95 12.11 39.19
N CYS D 18 -5.53 11.67 40.38
CA CYS D 18 -4.47 10.68 40.53
C CYS D 18 -5.10 9.31 40.70
N VAL D 19 -4.87 8.42 39.74
CA VAL D 19 -5.45 7.09 39.64
C VAL D 19 -4.38 6.05 39.99
N ASP D 20 -4.56 5.37 41.12
CA ASP D 20 -3.72 4.26 41.54
C ASP D 20 -4.06 3.01 40.73
N ASN D 21 -3.09 2.08 40.67
CA ASN D 21 -3.27 0.80 39.99
C ASN D 21 -4.52 0.05 40.44
N ALA D 22 -4.85 0.17 41.72
CA ALA D 22 -5.92 -0.61 42.33
C ALA D 22 -7.28 -0.36 41.70
N GLU D 23 -7.59 0.89 41.37
CA GLU D 23 -8.86 1.20 40.72
C GLU D 23 -9.04 0.42 39.41
N ILE D 24 -8.01 0.41 38.56
CA ILE D 24 -8.10 -0.26 37.27
C ILE D 24 -8.16 -1.78 37.48
N GLU D 25 -7.31 -2.30 38.37
CA GLU D 25 -7.34 -3.72 38.66
C GLU D 25 -8.73 -4.12 39.11
N ALA D 26 -9.37 -3.29 39.92
CA ALA D 26 -10.71 -3.55 40.42
C ALA D 26 -11.76 -3.53 39.32
N SER D 27 -11.73 -2.53 38.43
CA SER D 27 -12.66 -2.55 37.28
C SER D 27 -12.59 -3.84 36.48
N LEU D 28 -11.39 -4.40 36.27
CA LEU D 28 -11.32 -5.62 35.47
C LEU D 28 -11.33 -6.91 36.30
N GLY D 29 -11.32 -6.80 37.63
CA GLY D 29 -11.19 -7.96 38.52
C GLY D 29 -9.87 -8.69 38.67
N LEU D 30 -8.76 -7.96 38.74
CA LEU D 30 -7.42 -8.51 38.83
C LEU D 30 -6.93 -8.33 40.25
N GLU D 31 -6.10 -9.27 40.68
CA GLU D 31 -5.41 -9.19 41.96
C GLU D 31 -4.53 -7.95 42.04
N ALA D 32 -4.43 -7.43 43.27
CA ALA D 32 -3.52 -6.34 43.62
C ALA D 32 -2.08 -6.60 43.18
N GLY D 33 -1.39 -5.52 42.76
CA GLY D 33 -0.02 -5.59 42.28
C GLY D 33 0.17 -6.09 40.87
N TRP D 34 -0.91 -6.49 40.20
CA TRP D 34 -0.80 -7.08 38.87
C TRP D 34 -0.09 -6.10 37.94
N ILE D 35 -0.52 -4.84 37.98
CA ILE D 35 -0.02 -3.83 37.07
C ILE D 35 1.44 -3.50 37.39
N GLU D 36 1.74 -3.29 38.68
CA GLU D 36 3.10 -2.91 39.05
C GLU D 36 4.08 -4.04 38.77
N ARG D 37 3.65 -5.30 38.98
CA ARG D 37 4.54 -6.41 38.68
C ARG D 37 4.90 -6.43 37.23
N ARG D 38 3.87 -6.24 36.40
CA ARG D 38 3.98 -6.40 34.96
C ARG D 38 4.37 -5.15 34.19
N THR D 39 4.17 -3.95 34.75
CA THR D 39 4.45 -2.73 34.01
C THR D 39 5.42 -1.79 34.72
N GLY D 40 5.70 -2.01 35.99
CA GLY D 40 6.47 -1.06 36.77
C GLY D 40 5.78 0.25 37.06
N ILE D 41 4.57 0.48 36.55
CA ILE D 41 3.79 1.68 36.87
C ILE D 41 3.14 1.53 38.24
N ARG D 42 3.15 2.59 39.06
CA ARG D 42 2.36 2.59 40.30
C ARG D 42 1.15 3.50 40.25
N SER D 43 1.21 4.65 39.58
CA SER D 43 0.02 5.47 39.43
C SER D 43 0.14 6.32 38.18
N ARG D 44 -0.95 7.02 37.89
CA ARG D 44 -1.09 7.77 36.65
C ARG D 44 -2.09 8.88 36.89
N TYR D 45 -2.02 9.90 36.04
CA TYR D 45 -2.93 11.03 36.12
C TYR D 45 -3.94 10.98 34.98
N TRP D 46 -5.21 11.21 35.29
CA TRP D 46 -6.25 11.18 34.27
C TRP D 46 -7.01 12.50 34.27
N ALA D 47 -7.33 12.98 33.07
CA ALA D 47 -8.05 14.22 32.86
C ALA D 47 -9.44 14.17 33.48
N GLU D 48 -9.99 15.35 33.78
CA GLU D 48 -11.32 15.45 34.36
C GLU D 48 -12.19 16.20 33.37
N ALA D 49 -13.51 16.09 33.54
CA ALA D 49 -14.43 16.80 32.65
C ALA D 49 -14.12 18.29 32.65
N GLY D 50 -14.01 18.90 31.46
CA GLY D 50 -13.65 20.30 31.38
C GLY D 50 -12.18 20.54 31.09
N ASP D 51 -11.36 19.52 31.28
CA ASP D 51 -9.95 19.61 30.95
C ASP D 51 -9.81 19.49 29.44
N THR D 52 -8.90 20.27 28.89
CA THR D 52 -8.62 20.22 27.46
C THR D 52 -7.14 19.96 27.27
N LEU D 53 -6.82 19.39 26.11
CA LEU D 53 -5.43 19.09 25.77
C LEU D 53 -4.61 20.38 25.74
N SER D 54 -5.17 21.41 25.11
CA SER D 54 -4.43 22.66 24.98
C SER D 54 -4.18 23.30 26.33
N GLY D 55 -5.14 23.21 27.27
CA GLY D 55 -4.87 23.73 28.63
C GLY D 55 -3.74 23.01 29.34
N LEU D 56 -3.69 21.69 29.20
CA LEU D 56 -2.63 20.88 29.80
C LEU D 56 -1.28 21.22 29.18
N ALA D 57 -1.27 21.31 27.85
CA ALA D 57 -0.04 21.67 27.17
C ALA D 57 0.39 23.06 27.61
N GLU D 58 -0.57 23.98 27.69
CA GLU D 58 -0.34 25.34 28.17
C GLU D 58 0.38 25.33 29.50
N ARG D 59 -0.02 24.43 30.40
CA ARG D 59 0.54 24.46 31.74
C ARG D 59 2.00 24.07 31.69
N ALA D 60 2.30 23.00 30.93
CA ALA D 60 3.70 22.57 30.77
C ALA D 60 4.52 23.60 29.99
N GLY D 61 3.96 24.14 28.92
CA GLY D 61 4.66 25.17 28.16
C GLY D 61 4.99 26.36 29.05
N ARG D 62 4.02 26.80 29.84
CA ARG D 62 4.20 27.94 30.71
C ARG D 62 5.35 27.71 31.69
N MET D 63 5.39 26.52 32.31
CA MET D 63 6.50 26.21 33.20
C MET D 63 7.84 26.25 32.49
N ALA D 64 7.90 25.71 31.28
CA ALA D 64 9.16 25.76 30.54
C ALA D 64 9.55 27.18 30.18
N LEU D 65 8.61 28.00 29.75
CA LEU D 65 8.96 29.37 29.41
C LEU D 65 9.48 30.12 30.63
N GLU D 66 8.81 29.99 31.77
CA GLU D 66 9.30 30.71 32.96
C GLU D 66 10.62 30.14 33.45
N ASP D 67 10.80 28.82 33.39
CA ASP D 67 12.08 28.23 33.81
C ASP D 67 13.22 28.75 32.94
N ALA D 68 12.98 28.92 31.65
CA ALA D 68 14.01 29.51 30.80
C ALA D 68 14.13 31.03 30.96
N LYS D 69 13.19 31.71 31.61
CA LYS D 69 13.22 33.18 31.71
C LYS D 69 13.34 33.87 30.36
N ILE D 70 12.56 33.39 29.38
CA ILE D 70 12.63 33.82 27.99
C ILE D 70 11.41 34.69 27.73
N ASN D 71 11.61 35.85 27.12
CA ASN D 71 10.50 36.71 26.76
C ASN D 71 9.62 36.05 25.71
N ALA D 72 8.30 36.13 25.89
CA ALA D 72 7.37 35.46 24.98
C ALA D 72 7.57 35.92 23.54
N ASP D 73 8.02 37.17 23.34
CA ASP D 73 8.32 37.68 22.00
C ASP D 73 9.39 36.87 21.29
N ASP D 74 10.25 36.19 22.04
CA ASP D 74 11.39 35.49 21.48
C ASP D 74 11.04 34.14 20.87
N ILE D 75 9.83 33.63 21.12
CA ILE D 75 9.43 32.34 20.55
C ILE D 75 8.97 32.55 19.11
N ALA D 76 9.73 32.00 18.15
CA ALA D 76 9.38 32.13 16.74
C ALA D 76 8.50 31.00 16.24
N LEU D 77 8.51 29.86 16.91
CA LEU D 77 7.79 28.70 16.41
C LEU D 77 7.42 27.83 17.60
N THR D 78 6.24 27.21 17.51
CA THR D 78 5.76 26.28 18.51
C THR D 78 5.32 25.00 17.83
N LEU D 79 5.94 23.89 18.21
CA LEU D 79 5.58 22.56 17.73
C LEU D 79 4.85 21.85 18.85
N LEU D 80 3.66 21.35 18.58
CA LEU D 80 2.91 20.57 19.56
C LEU D 80 2.81 19.13 19.08
N ALA D 81 3.55 18.21 19.72
CA ALA D 81 3.42 16.78 19.44
C ALA D 81 2.28 16.22 20.29
N THR D 82 1.17 15.87 19.66
CA THR D 82 0.03 15.29 20.36
C THR D 82 -0.69 14.30 19.45
N SER D 83 -1.32 13.31 20.06
CA SER D 83 -2.30 12.44 19.40
C SER D 83 -3.74 12.85 19.66
N THR D 84 -3.97 13.78 20.57
CA THR D 84 -5.31 14.05 21.11
C THR D 84 -5.65 15.55 21.09
N PRO D 85 -5.58 16.21 19.92
CA PRO D 85 -5.95 17.63 19.85
C PRO D 85 -7.37 17.86 20.35
N ASP D 86 -7.60 19.08 20.86
CA ASP D 86 -8.94 19.51 21.27
C ASP D 86 -10.00 19.16 20.23
N HIS D 87 -9.73 19.50 18.98
CA HIS D 87 -10.63 19.28 17.85
C HIS D 87 -9.86 18.68 16.68
N LEU D 88 -10.61 17.98 15.81
CA LEU D 88 -10.02 17.47 14.58
C LEU D 88 -9.68 18.59 13.59
N LEU D 89 -10.22 19.78 13.81
CA LEU D 89 -9.95 21.00 13.06
C LEU D 89 -10.42 22.16 13.90
N PRO D 90 -9.61 23.19 14.10
CA PRO D 90 -8.21 23.34 13.67
C PRO D 90 -7.24 22.54 14.56
N PRO D 91 -5.94 22.58 14.24
CA PRO D 91 -4.94 22.05 15.17
C PRO D 91 -4.98 22.77 16.51
N SER D 92 -4.51 22.07 17.55
CA SER D 92 -4.51 22.68 18.88
C SER D 92 -3.34 23.65 19.08
N ALA D 93 -2.27 23.50 18.31
CA ALA D 93 -1.08 24.32 18.54
C ALA D 93 -1.32 25.84 18.41
N PRO D 94 -2.03 26.34 17.47
CA PRO D 94 -2.28 27.80 17.47
C PRO D 94 -3.01 28.29 18.72
N LEU D 95 -4.02 27.55 19.20
CA LEU D 95 -4.72 27.97 20.40
C LEU D 95 -3.82 27.94 21.62
N LEU D 96 -2.97 26.92 21.69
CA LEU D 96 -2.03 26.81 22.82
C LEU D 96 -1.05 27.97 22.83
N ALA D 97 -0.45 28.26 21.67
CA ALA D 97 0.47 29.39 21.56
C ALA D 97 -0.21 30.71 21.83
N HIS D 98 -1.49 30.85 21.45
CA HIS D 98 -2.20 32.09 21.72
C HIS D 98 -2.42 32.28 23.22
N ARG D 99 -2.78 31.20 23.96
CA ARG D 99 -2.99 31.39 25.40
C ARG D 99 -1.68 31.67 26.13
N LEU D 100 -0.55 31.24 25.57
CA LEU D 100 0.73 31.49 26.20
C LEU D 100 1.33 32.82 25.79
N GLY D 101 0.59 33.58 24.98
CA GLY D 101 1.01 34.88 24.49
C GLY D 101 2.19 34.93 23.55
N LEU D 102 2.42 33.87 22.76
CA LEU D 102 3.55 33.85 21.83
C LEU D 102 3.11 34.49 20.52
N THR D 103 2.96 35.81 20.57
CA THR D 103 2.35 36.57 19.49
C THR D 103 3.24 36.60 18.24
N ARG D 104 4.46 36.09 18.31
CA ARG D 104 5.35 36.04 17.15
C ARG D 104 5.66 34.63 16.74
N SER D 105 4.88 33.65 17.19
CA SER D 105 5.23 32.26 16.98
C SER D 105 4.27 31.66 15.98
N GLY D 106 4.81 30.91 15.03
CA GLY D 106 3.98 29.99 14.29
C GLY D 106 3.63 28.81 15.16
N ALA D 107 2.75 27.96 14.67
CA ALA D 107 2.33 26.87 15.52
C ALA D 107 1.79 25.77 14.62
N ILE D 108 2.20 24.53 14.89
CA ILE D 108 1.64 23.41 14.15
C ILE D 108 1.71 22.17 15.03
N ASP D 109 0.78 21.26 14.81
CA ASP D 109 0.72 19.99 15.51
C ASP D 109 1.52 18.93 14.76
N LEU D 110 2.19 18.05 15.51
CA LEU D 110 2.79 16.85 14.95
C LEU D 110 2.19 15.62 15.60
N ALA D 111 1.78 14.67 14.78
CA ALA D 111 1.16 13.42 15.19
C ALA D 111 2.16 12.35 14.78
N GLY D 112 2.89 11.82 15.76
CA GLY D 112 3.88 10.80 15.48
C GLY D 112 3.85 9.75 16.57
N ALA D 113 2.66 9.58 17.14
CA ALA D 113 2.42 8.69 18.27
C ALA D 113 3.46 8.93 19.36
N SER D 114 3.94 7.87 20.00
CA SER D 114 4.92 8.05 21.07
C SER D 114 6.26 8.61 20.60
N SER D 115 6.49 8.70 19.29
CA SER D 115 7.72 9.31 18.82
C SER D 115 7.60 10.81 18.58
N GLY D 116 6.43 11.41 18.85
CA GLY D 116 6.21 12.77 18.40
C GLY D 116 7.23 13.77 18.93
N PHE D 117 7.61 13.61 20.21
CA PHE D 117 8.50 14.62 20.77
C PHE D 117 9.84 14.56 20.08
N LEU D 118 10.34 13.35 19.78
CA LEU D 118 11.67 13.29 19.20
C LEU D 118 11.66 13.82 17.79
N TYR D 119 10.59 13.55 17.04
CA TYR D 119 10.45 14.18 15.74
C TYR D 119 10.43 15.69 15.89
N ALA D 120 9.52 16.19 16.73
CA ALA D 120 9.46 17.62 16.95
C ALA D 120 10.82 18.15 17.34
N LEU D 121 11.50 17.44 18.25
CA LEU D 121 12.79 17.92 18.73
C LEU D 121 13.80 18.01 17.61
N THR D 122 13.88 16.97 16.79
CA THR D 122 14.88 17.02 15.72
C THR D 122 14.55 18.15 14.77
N LEU D 123 13.27 18.27 14.38
CA LEU D 123 12.92 19.32 13.44
C LEU D 123 13.10 20.69 14.08
N ALA D 124 12.82 20.79 15.38
CA ALA D 124 12.99 22.07 16.04
C ALA D 124 14.45 22.47 16.05
N ASP D 125 15.36 21.53 16.39
CA ASP D 125 16.78 21.84 16.31
C ASP D 125 17.16 22.37 14.94
N GLY D 126 16.65 21.75 13.87
CA GLY D 126 16.93 22.25 12.53
C GLY D 126 16.45 23.66 12.29
N PHE D 127 15.28 24.02 12.84
CA PHE D 127 14.84 25.39 12.71
C PHE D 127 15.77 26.34 13.46
N VAL D 128 16.14 25.96 14.69
CA VAL D 128 16.96 26.84 15.50
C VAL D 128 18.29 27.14 14.78
N ARG D 129 18.91 26.12 14.20
CA ARG D 129 20.21 26.33 13.59
C ARG D 129 20.07 27.08 12.26
N THR D 130 18.96 26.90 11.56
CA THR D 130 18.80 27.58 10.28
C THR D 130 18.46 29.07 10.45
N TYR D 131 17.50 29.38 11.32
CA TYR D 131 17.02 30.74 11.43
C TYR D 131 17.58 31.51 12.62
N GLY D 132 18.26 30.85 13.56
CA GLY D 132 18.81 31.62 14.66
C GLY D 132 17.74 32.11 15.59
N ARG D 133 16.66 31.36 15.75
CA ARG D 133 15.56 31.84 16.55
C ARG D 133 15.09 30.71 17.48
N ALA D 134 14.51 31.08 18.62
CA ALA D 134 14.11 30.09 19.62
C ALA D 134 12.84 29.38 19.21
N VAL D 135 12.65 28.15 19.72
CA VAL D 135 11.48 27.33 19.42
C VAL D 135 10.94 26.78 20.74
N LEU D 136 9.62 26.76 20.89
CA LEU D 136 8.99 26.06 21.99
C LEU D 136 8.50 24.70 21.50
N VAL D 137 8.98 23.61 22.09
CA VAL D 137 8.55 22.26 21.77
C VAL D 137 7.75 21.70 22.94
N VAL D 138 6.48 21.42 22.72
CA VAL D 138 5.63 20.83 23.75
C VAL D 138 5.11 19.50 23.23
N ALA D 139 5.14 18.49 24.08
CA ALA D 139 4.47 17.22 23.80
C ALA D 139 3.45 16.98 24.91
N ALA D 140 2.24 16.58 24.52
CA ALA D 140 1.16 16.48 25.48
C ALA D 140 0.12 15.50 24.94
N ASN D 141 -0.52 14.76 25.84
CA ASN D 141 -1.53 13.81 25.42
C ASN D 141 -2.57 13.59 26.52
N ILE D 142 -3.83 13.47 26.11
CA ILE D 142 -4.91 12.94 26.95
C ILE D 142 -5.42 11.62 26.36
N LEU D 143 -4.69 10.50 26.70
CA LEU D 143 -5.10 9.20 26.20
C LEU D 143 -6.32 8.66 26.93
N SER D 144 -6.61 9.11 28.17
CA SER D 144 -7.67 8.45 28.92
C SER D 144 -9.01 8.50 28.20
N ARG D 145 -9.32 9.60 27.50
CA ARG D 145 -10.60 9.49 26.80
C ARG D 145 -10.54 8.58 25.58
N ARG D 146 -9.39 8.00 25.26
CA ARG D 146 -9.27 7.07 24.15
C ARG D 146 -9.07 5.63 24.60
N ILE D 147 -9.01 5.37 25.91
CA ILE D 147 -8.76 4.02 26.43
C ILE D 147 -10.04 3.21 26.29
N ASN D 148 -9.91 1.91 25.80
CA ASN D 148 -10.97 0.92 25.98
C ASN D 148 -10.83 0.31 27.37
N PRO D 149 -11.74 0.63 28.31
CA PRO D 149 -11.59 0.10 29.68
C PRO D 149 -11.63 -1.40 29.76
N ALA D 150 -12.23 -2.07 28.77
CA ALA D 150 -12.31 -3.52 28.79
C ALA D 150 -11.04 -4.18 28.24
N GLU D 151 -10.20 -3.44 27.54
CA GLU D 151 -8.97 -3.98 27.00
C GLU D 151 -7.87 -3.81 28.07
N ARG D 152 -7.49 -4.93 28.68
CA ARG D 152 -6.55 -4.93 29.80
C ARG D 152 -5.19 -4.33 29.39
N ALA D 153 -4.71 -4.70 28.21
CA ALA D 153 -3.34 -4.30 27.87
C ALA D 153 -3.15 -2.79 27.83
N SER D 154 -4.20 -2.04 27.56
CA SER D 154 -4.03 -0.57 27.36
C SER D 154 -4.43 0.18 28.62
N ALA D 155 -5.52 -0.24 29.23
CA ALA D 155 -6.03 0.47 30.43
C ALA D 155 -4.93 0.61 31.47
N VAL D 156 -4.04 -0.37 31.55
CA VAL D 156 -3.08 -0.26 32.66
C VAL D 156 -1.91 0.63 32.32
N LEU D 157 -1.76 1.04 31.06
CA LEU D 157 -0.54 1.73 30.67
C LEU D 157 -0.75 3.22 30.49
N PHE D 158 -1.83 3.58 29.82
CA PHE D 158 -1.93 4.89 29.20
C PHE D 158 -2.39 5.92 30.22
N ALA D 159 -1.97 7.17 29.99
CA ALA D 159 -2.11 8.21 30.97
C ALA D 159 -2.15 9.55 30.26
N ASP D 160 -2.34 10.59 31.02
CA ASP D 160 -2.45 11.92 30.45
C ASP D 160 -1.35 12.75 31.06
N ALA D 161 -0.62 13.48 30.22
CA ALA D 161 0.47 14.30 30.74
C ALA D 161 0.91 15.28 29.68
N ALA D 162 1.76 16.22 30.08
CA ALA D 162 2.39 17.15 29.16
C ALA D 162 3.81 17.41 29.63
N GLY D 163 4.74 17.50 28.69
CA GLY D 163 6.08 17.96 28.97
C GLY D 163 6.50 18.96 27.90
N ALA D 164 7.41 19.86 28.28
CA ALA D 164 7.77 20.92 27.36
C ALA D 164 9.23 21.27 27.51
N VAL D 165 9.82 21.72 26.39
CA VAL D 165 11.20 22.18 26.36
C VAL D 165 11.31 23.44 25.50
N VAL D 166 12.08 24.42 25.97
CA VAL D 166 12.46 25.60 25.20
C VAL D 166 13.82 25.37 24.54
N LEU D 167 13.90 25.52 23.21
CA LEU D 167 15.16 25.42 22.47
C LEU D 167 15.63 26.79 22.05
N THR D 168 16.85 27.16 22.44
CA THR D 168 17.38 28.47 22.08
C THR D 168 18.63 28.33 21.20
N PRO D 169 18.94 29.35 20.38
CA PRO D 169 20.12 29.24 19.52
C PRO D 169 21.38 29.42 20.33
N CYS D 170 22.40 28.65 19.97
CA CYS D 170 23.68 28.64 20.64
C CYS D 170 24.79 28.78 19.61
N PRO D 171 25.80 29.61 19.90
CA PRO D 171 26.88 29.86 18.95
C PRO D 171 27.92 28.75 18.83
N GLU D 172 27.89 27.72 19.67
CA GLU D 172 29.02 26.80 19.70
C GLU D 172 28.68 25.46 19.07
N VAL D 173 29.72 24.76 18.64
CA VAL D 173 29.60 23.52 17.89
C VAL D 173 29.93 22.39 18.86
N LYS D 174 29.80 21.13 18.41
CA LYS D 174 30.14 19.96 19.24
C LYS D 174 29.36 19.96 20.56
N ARG D 175 28.16 20.50 20.48
CA ARG D 175 27.13 20.46 21.50
C ARG D 175 25.78 20.41 20.82
N GLY D 176 24.72 20.48 21.63
CA GLY D 176 23.39 20.41 21.06
C GLY D 176 23.10 19.02 20.56
N VAL D 177 22.39 18.95 19.45
CA VAL D 177 22.05 17.66 18.84
C VAL D 177 23.31 17.13 18.18
N LEU D 178 23.92 16.10 18.77
CA LEU D 178 25.12 15.56 18.18
C LEU D 178 24.81 14.59 17.06
N SER D 179 23.63 13.97 17.13
CA SER D 179 23.13 13.01 16.17
C SER D 179 21.68 12.74 16.50
N ALA D 180 20.91 12.37 15.47
CA ALA D 180 19.50 12.09 15.61
C ALA D 180 19.19 11.03 14.57
N ASP D 181 18.20 10.19 14.85
CA ASP D 181 17.84 9.17 13.87
C ASP D 181 16.35 8.87 14.00
N LEU D 182 15.59 9.18 12.93
CA LEU D 182 14.15 8.98 12.91
C LEU D 182 13.82 7.85 11.95
N VAL D 183 12.96 6.93 12.38
CA VAL D 183 12.64 5.74 11.60
C VAL D 183 11.14 5.48 11.65
N ALA D 184 10.68 4.68 10.70
CA ALA D 184 9.29 4.29 10.54
C ALA D 184 9.22 2.89 9.97
N ASP D 185 8.23 2.11 10.42
CA ASP D 185 7.99 0.76 9.87
C ASP D 185 6.47 0.58 9.76
N GLY D 186 5.91 0.95 8.61
CA GLY D 186 4.48 0.85 8.44
C GLY D 186 3.90 -0.56 8.36
N SER D 187 4.74 -1.60 8.38
CA SER D 187 4.24 -2.98 8.45
C SER D 187 3.53 -3.27 9.77
N GLY D 188 3.81 -2.51 10.81
CA GLY D 188 3.10 -2.71 12.05
C GLY D 188 2.00 -1.70 12.30
N TYR D 189 1.50 -1.12 11.20
CA TYR D 189 0.51 -0.04 11.30
C TYR D 189 -0.74 -0.42 12.08
N ASP D 190 -1.27 -1.62 11.86
CA ASP D 190 -2.52 -1.98 12.51
C ASP D 190 -2.36 -2.41 13.98
N LEU D 191 -1.12 -2.48 14.52
CA LEU D 191 -0.95 -3.07 15.85
C LEU D 191 -1.56 -2.19 16.94
N ILE D 192 -1.51 -0.86 16.80
CA ILE D 192 -2.06 0.08 17.78
C ILE D 192 -2.91 1.03 16.98
N GLN D 193 -4.24 0.97 17.17
CA GLN D 193 -5.10 1.62 16.20
C GLN D 193 -6.46 2.02 16.79
N ILE D 194 -7.02 3.09 16.23
CA ILE D 194 -8.42 3.44 16.42
C ILE D 194 -9.09 3.26 15.08
N ALA D 195 -10.17 2.49 15.06
CA ALA D 195 -10.79 2.09 13.81
C ALA D 195 -11.48 3.26 13.15
N ALA D 196 -12.32 3.96 13.90
CA ALA D 196 -13.21 4.93 13.29
C ALA D 196 -12.71 6.33 13.58
N GLY D 197 -13.02 7.24 12.66
CA GLY D 197 -12.76 8.63 12.85
C GLY D 197 -11.77 9.30 11.96
N GLY D 198 -10.86 8.56 11.37
CA GLY D 198 -10.10 9.12 10.29
C GLY D 198 -10.99 9.14 9.08
N SER D 199 -10.35 9.31 7.93
CA SER D 199 -11.04 9.42 6.64
C SER D 199 -11.46 8.06 6.08
N SER D 200 -10.96 7.01 6.67
CA SER D 200 -11.23 5.66 6.15
C SER D 200 -12.60 5.17 6.61
N GLN D 201 -12.92 5.40 7.87
CA GLN D 201 -14.23 5.03 8.43
C GLN D 201 -14.73 6.25 9.19
N PRO D 202 -15.13 7.33 8.48
CA PRO D 202 -15.63 8.58 9.12
C PRO D 202 -16.63 8.31 10.25
N PHE D 203 -16.69 9.23 11.22
CA PHE D 203 -17.60 9.08 12.39
C PHE D 203 -19.05 9.00 11.93
N SER D 204 -19.64 7.83 12.08
CA SER D 204 -21.00 7.59 11.57
C SER D 204 -21.91 7.38 12.77
N ALA D 205 -23.13 7.88 12.69
CA ALA D 205 -24.05 7.58 13.79
C ALA D 205 -24.26 6.08 13.75
N GLY D 206 -24.41 5.47 14.91
CA GLY D 206 -24.73 4.04 14.88
C GLY D 206 -23.49 3.23 14.64
N MET D 207 -22.35 3.80 15.00
CA MET D 207 -21.12 3.04 14.91
C MET D 207 -20.89 2.44 16.29
N ILE D 208 -20.46 1.18 16.30
CA ILE D 208 -20.14 0.59 17.59
C ILE D 208 -19.26 1.53 18.37
N ALA D 209 -19.58 1.71 19.65
CA ALA D 209 -18.94 2.72 20.49
C ALA D 209 -17.49 2.35 20.77
N GLU D 210 -17.22 1.06 20.87
CA GLU D 210 -15.85 0.58 21.04
C GLU D 210 -14.92 1.12 19.94
N ASP D 211 -15.47 1.52 18.79
CA ASP D 211 -14.63 1.73 17.62
C ASP D 211 -13.99 3.12 17.58
N ALA D 212 -14.33 4.01 18.53
CA ALA D 212 -13.60 5.26 18.69
C ALA D 212 -12.33 5.13 19.53
N LEU D 213 -12.23 4.00 20.23
CA LEU D 213 -11.15 3.85 21.19
C LEU D 213 -10.03 2.98 20.64
N MET D 214 -8.87 3.16 21.26
CA MET D 214 -7.68 2.44 20.88
C MET D 214 -7.83 0.96 21.13
N THR D 215 -7.13 0.17 20.30
CA THR D 215 -6.91 -1.24 20.55
C THR D 215 -5.45 -1.52 20.26
N MET D 216 -4.82 -2.28 21.17
CA MET D 216 -3.52 -2.88 20.95
C MET D 216 -3.80 -4.36 20.68
N ARG D 217 -3.59 -4.77 19.44
CA ARG D 217 -4.05 -6.08 18.97
C ARG D 217 -3.15 -7.21 19.42
N ASP D 218 -1.88 -6.91 19.69
CA ASP D 218 -0.87 -7.93 20.02
C ASP D 218 0.25 -7.26 20.81
N GLY D 219 0.11 -7.28 22.14
CA GLY D 219 1.07 -6.58 22.97
C GLY D 219 2.47 -7.14 22.83
N ARG D 220 2.58 -8.46 22.69
CA ARG D 220 3.89 -9.08 22.53
C ARG D 220 4.60 -8.59 21.28
N GLU D 221 3.89 -8.56 20.15
CA GLU D 221 4.50 -8.12 18.90
C GLU D 221 4.88 -6.65 18.95
N VAL D 222 4.03 -5.82 19.58
CA VAL D 222 4.37 -4.42 19.75
C VAL D 222 5.61 -4.25 20.62
N PHE D 223 5.64 -4.98 21.76
CA PHE D 223 6.78 -4.96 22.68
C PHE D 223 8.07 -5.26 21.92
N SER D 224 8.06 -6.35 21.14
CA SER D 224 9.27 -6.76 20.44
C SER D 224 9.69 -5.72 19.40
N ARG D 225 8.74 -5.25 18.58
CA ARG D 225 9.07 -4.28 17.53
C ARG D 225 9.61 -3.01 18.16
N ALA D 226 9.06 -2.62 19.32
CA ALA D 226 9.42 -1.36 19.94
C ALA D 226 10.81 -1.42 20.57
N VAL D 227 11.11 -2.53 21.26
CA VAL D 227 12.47 -2.70 21.78
C VAL D 227 13.47 -2.63 20.65
N ALA D 228 13.14 -3.26 19.51
CA ALA D 228 14.10 -3.25 18.41
C ALA D 228 14.26 -1.85 17.82
N LEU D 229 13.17 -1.08 17.70
CA LEU D 229 13.30 0.28 17.17
C LEU D 229 14.14 1.15 18.08
N MET D 230 13.88 1.11 19.39
CA MET D 230 14.65 1.94 20.31
C MET D 230 16.11 1.51 20.31
N THR D 231 16.38 0.20 20.28
CA THR D 231 17.76 -0.27 20.26
C THR D 231 18.48 0.19 19.00
N ASN D 232 17.92 -0.07 17.81
CA ASN D 232 18.63 0.26 16.58
C ASN D 232 18.88 1.76 16.44
N THR D 233 17.86 2.60 16.73
CA THR D 233 18.10 4.03 16.60
C THR D 233 19.15 4.51 17.61
N SER D 234 19.08 4.03 18.85
CA SER D 234 20.07 4.43 19.84
C SER D 234 21.47 4.06 19.37
N GLN D 235 21.61 2.84 18.88
CA GLN D 235 22.89 2.34 18.43
C GLN D 235 23.46 3.21 17.30
N ARG D 236 22.58 3.64 16.37
CA ARG D 236 23.09 4.38 15.21
C ARG D 236 23.42 5.84 15.56
N VAL D 237 22.72 6.43 16.53
CA VAL D 237 23.09 7.78 16.96
C VAL D 237 24.40 7.73 17.77
N LEU D 238 24.65 6.63 18.50
CA LEU D 238 25.97 6.51 19.12
C LEU D 238 27.07 6.39 18.08
N HIS D 239 26.90 5.53 17.07
CA HIS D 239 27.92 5.46 16.01
C HIS D 239 28.20 6.79 15.33
N GLU D 240 27.18 7.52 14.90
CA GLU D 240 27.52 8.74 14.16
C GLU D 240 28.20 9.78 15.05
N ALA D 241 27.76 9.90 16.30
CA ALA D 241 28.38 10.80 17.27
C ALA D 241 29.71 10.31 17.85
N GLU D 242 30.21 9.10 17.49
CA GLU D 242 31.44 8.55 18.07
C GLU D 242 31.39 8.38 19.59
N LEU D 243 30.32 7.78 20.10
CA LEU D 243 30.17 7.52 21.53
C LEU D 243 29.82 6.06 21.77
N THR D 244 30.19 5.60 22.94
CA THR D 244 29.73 4.34 23.51
C THR D 244 28.69 4.62 24.59
N ALA D 245 28.01 3.56 25.02
CA ALA D 245 27.00 3.73 26.06
C ALA D 245 27.61 4.22 27.37
N ALA D 246 28.89 3.92 27.60
CA ALA D 246 29.59 4.43 28.78
C ALA D 246 29.73 5.94 28.80
N ASP D 247 29.72 6.59 27.63
CA ASP D 247 29.83 8.04 27.56
C ASP D 247 28.54 8.78 27.87
N ILE D 248 27.44 8.06 27.98
CA ILE D 248 26.16 8.71 28.12
C ILE D 248 25.96 9.13 29.57
N SER D 249 25.67 10.40 29.81
CA SER D 249 25.45 10.83 31.18
C SER D 249 24.07 10.43 31.68
N ARG D 250 22.99 10.73 30.93
CA ARG D 250 21.67 10.28 31.35
C ARG D 250 20.94 9.68 30.15
N PHE D 251 20.35 8.50 30.37
CA PHE D 251 19.58 7.78 29.35
C PHE D 251 18.08 7.93 29.64
N VAL D 252 17.34 8.52 28.68
CA VAL D 252 15.92 8.84 28.77
C VAL D 252 15.08 8.11 27.72
N PRO D 253 14.74 6.84 27.96
CA PRO D 253 13.83 6.15 27.03
C PRO D 253 12.40 6.68 27.20
N HIS D 254 11.62 6.54 26.13
CA HIS D 254 10.16 6.65 26.23
C HIS D 254 9.66 5.77 27.38
N GLN D 255 8.76 6.32 28.21
CA GLN D 255 8.26 5.53 29.35
C GLN D 255 7.05 4.71 28.90
N ALA D 256 7.34 3.63 28.19
CA ALA D 256 6.34 2.72 27.68
C ALA D 256 5.97 1.61 28.67
N ASN D 257 6.99 1.07 29.35
CA ASN D 257 6.90 -0.15 30.14
C ASN D 257 8.23 -0.39 30.84
N ALA D 258 8.24 -0.47 32.18
CA ALA D 258 9.53 -0.57 32.88
C ALA D 258 10.45 -1.66 32.33
N ARG D 259 9.91 -2.79 31.94
CA ARG D 259 10.69 -3.92 31.43
C ARG D 259 11.09 -3.77 29.96
N MET D 260 10.38 -2.92 29.23
CA MET D 260 10.89 -2.48 27.94
C MET D 260 12.04 -1.49 28.13
N SER D 261 11.91 -0.57 29.08
CA SER D 261 13.04 0.26 29.42
C SER D 261 14.23 -0.61 29.82
N ASP D 262 13.96 -1.68 30.58
CA ASP D 262 15.00 -2.57 31.07
C ASP D 262 15.65 -3.32 29.91
N ALA D 263 14.82 -3.87 29.02
CA ALA D 263 15.31 -4.53 27.81
C ALA D 263 16.26 -3.65 27.04
N VAL D 264 15.80 -2.45 26.68
CA VAL D 264 16.60 -1.53 25.86
C VAL D 264 17.91 -1.16 26.55
N CYS D 265 17.82 -0.82 27.84
CA CYS D 265 19.01 -0.64 28.66
C CYS D 265 19.97 -1.82 28.52
N GLY D 266 19.45 -3.04 28.65
CA GLY D 266 20.32 -4.21 28.56
C GLY D 266 20.97 -4.36 27.21
N ASN D 267 20.18 -4.24 26.15
CA ASN D 267 20.74 -4.35 24.81
C ASN D 267 21.86 -3.34 24.61
N LEU D 268 21.65 -2.10 25.08
CA LEU D 268 22.63 -1.05 24.90
C LEU D 268 23.74 -1.14 25.94
N GLY D 269 23.56 -1.94 26.98
CA GLY D 269 24.48 -2.01 28.11
C GLY D 269 24.51 -0.78 28.99
N ILE D 270 23.36 -0.18 29.28
CA ILE D 270 23.30 0.96 30.18
C ILE D 270 22.67 0.60 31.53
N GLU D 271 23.37 0.95 32.61
CA GLU D 271 22.88 0.75 33.99
C GLU D 271 21.51 1.36 34.20
N ARG D 272 20.67 0.64 34.96
CA ARG D 272 19.36 1.17 35.36
C ARG D 272 19.48 2.48 36.13
N GLU D 273 20.55 2.66 36.92
CA GLU D 273 20.76 3.90 37.68
C GLU D 273 20.89 5.12 36.77
N LYS D 274 21.47 4.95 35.58
CA LYS D 274 21.64 6.05 34.65
C LYS D 274 20.40 6.26 33.80
N THR D 275 19.39 5.39 33.96
CA THR D 275 18.16 5.45 33.19
C THR D 275 17.18 6.35 33.93
N VAL D 276 16.69 7.39 33.27
CA VAL D 276 15.64 8.20 33.89
C VAL D 276 14.34 7.43 33.85
N ARG D 277 13.70 7.25 35.00
CA ARG D 277 12.52 6.41 35.13
C ARG D 277 11.39 7.21 35.77
N THR D 278 10.42 7.66 34.97
CA THR D 278 9.25 8.37 35.50
C THR D 278 7.95 7.60 35.34
N ILE D 279 7.99 6.37 34.81
CA ILE D 279 6.76 5.67 34.51
C ILE D 279 6.05 5.31 35.80
N GLY D 280 6.79 5.23 36.91
CA GLY D 280 6.19 4.79 38.17
C GLY D 280 5.10 5.72 38.65
N SER D 281 5.33 7.03 38.56
CA SER D 281 4.33 7.99 39.00
C SER D 281 3.55 8.65 37.87
N PHE D 282 4.00 8.52 36.62
CA PHE D 282 3.33 9.23 35.52
C PHE D 282 2.81 8.36 34.38
N GLY D 283 3.10 7.07 34.35
CA GLY D 283 2.50 6.25 33.32
C GLY D 283 3.10 6.47 31.92
N ASN D 284 2.38 5.94 30.93
CA ASN D 284 2.75 6.06 29.52
C ASN D 284 1.83 7.11 28.89
N SER D 285 2.37 8.33 28.73
CA SER D 285 1.66 9.44 28.09
C SER D 285 2.14 9.68 26.66
N SER D 286 2.58 8.61 25.99
CA SER D 286 3.01 8.66 24.59
C SER D 286 4.16 9.67 24.47
N ALA D 287 4.10 10.61 23.52
CA ALA D 287 5.25 11.46 23.22
C ALA D 287 5.61 12.37 24.38
N ALA D 288 4.68 12.54 25.33
CA ALA D 288 4.94 13.38 26.47
C ALA D 288 5.95 12.77 27.45
N THR D 289 6.20 11.46 27.39
CA THR D 289 6.91 10.85 28.52
C THR D 289 8.33 11.38 28.62
N ILE D 290 9.02 11.51 27.50
CA ILE D 290 10.44 11.91 27.50
C ILE D 290 10.60 13.35 28.00
N PRO D 291 9.85 14.34 27.50
CA PRO D 291 10.03 15.71 28.04
C PRO D 291 9.58 15.89 29.47
N LEU D 292 8.56 15.17 29.92
CA LEU D 292 8.22 15.19 31.34
C LEU D 292 9.40 14.66 32.16
N SER D 293 10.00 13.56 31.70
CA SER D 293 11.16 13.04 32.41
C SER D 293 12.30 14.02 32.35
N LEU D 294 12.44 14.76 31.24
CA LEU D 294 13.49 15.76 31.21
C LEU D 294 13.22 16.84 32.25
N SER D 295 11.96 17.24 32.38
CA SER D 295 11.63 18.22 33.40
C SER D 295 11.88 17.64 34.80
N ILE D 296 11.55 16.35 35.01
CA ILE D 296 11.72 15.73 36.33
C ILE D 296 13.20 15.60 36.72
N THR D 297 14.00 14.97 35.87
CA THR D 297 15.41 14.76 36.19
C THR D 297 16.11 16.10 36.41
N ASN D 298 15.76 17.11 35.60
CA ASN D 298 16.40 18.41 35.73
C ASN D 298 16.05 19.05 37.06
N ALA D 299 14.83 18.81 37.55
CA ALA D 299 14.47 19.32 38.87
C ALA D 299 15.25 18.62 39.97
N GLU D 300 15.43 17.30 39.86
CA GLU D 300 16.19 16.61 40.90
C GLU D 300 17.65 17.00 40.86
N ARG D 301 18.17 17.21 39.68
CA ARG D 301 19.56 17.58 39.46
C ARG D 301 19.79 18.32 38.14
N PRO D 302 20.12 19.61 38.17
CA PRO D 302 20.20 20.37 36.92
C PRO D 302 21.25 19.81 35.97
N LEU D 303 20.93 19.83 34.69
CA LEU D 303 21.86 19.32 33.67
C LEU D 303 23.10 20.19 33.59
N ALA D 304 24.26 19.57 33.76
CA ALA D 304 25.52 20.31 33.75
C ALA D 304 26.16 20.20 32.37
N GLY D 305 26.82 21.28 31.96
CA GLY D 305 27.52 21.35 30.69
C GLY D 305 28.47 20.19 30.46
N GLY D 306 28.39 19.55 29.29
CA GLY D 306 29.20 18.39 28.99
C GLY D 306 28.48 17.07 29.17
N GLU D 307 27.43 17.04 29.99
CA GLU D 307 26.63 15.84 30.13
C GLU D 307 26.05 15.43 28.78
N THR D 308 25.96 14.12 28.56
CA THR D 308 25.43 13.60 27.31
C THR D 308 24.16 12.81 27.60
N LEU D 309 23.11 13.12 26.86
CA LEU D 309 21.82 12.51 27.07
C LEU D 309 21.52 11.67 25.85
N LEU D 310 20.98 10.48 26.07
CA LEU D 310 20.47 9.66 24.99
C LEU D 310 18.97 9.52 25.21
N LEU D 311 18.19 10.01 24.25
CA LEU D 311 16.74 9.91 24.31
C LEU D 311 16.30 8.97 23.19
N THR D 312 15.35 8.09 23.48
CA THR D 312 14.92 7.21 22.40
C THR D 312 13.47 6.84 22.67
N ALA D 313 12.76 6.52 21.59
CA ALA D 313 11.33 6.24 21.69
C ALA D 313 10.89 5.39 20.50
N ALA D 314 9.85 4.58 20.74
CA ALA D 314 9.07 3.96 19.68
C ALA D 314 7.58 3.95 20.00
N GLY D 315 6.77 3.94 18.94
CA GLY D 315 5.34 4.04 19.07
C GLY D 315 4.57 3.48 17.88
N ALA D 316 3.24 3.67 17.92
CA ALA D 316 2.34 3.21 16.87
C ALA D 316 2.71 3.83 15.53
N GLY D 317 2.48 3.07 14.45
CA GLY D 317 2.91 3.51 13.13
C GLY D 317 3.36 2.35 12.25
N MET D 318 4.42 1.63 12.66
CA MET D 318 5.25 1.97 13.79
C MET D 318 6.11 3.18 13.48
N THR D 319 6.50 3.88 14.53
CA THR D 319 7.48 4.96 14.44
C THR D 319 8.51 4.75 15.51
N GLY D 320 9.70 5.32 15.31
CA GLY D 320 10.68 5.36 16.38
C GLY D 320 11.74 6.39 16.06
N GLY D 321 12.62 6.60 17.04
CA GLY D 321 13.66 7.58 16.85
C GLY D 321 14.54 7.65 18.06
N ALA D 322 15.67 8.33 17.90
CA ALA D 322 16.58 8.58 19.01
C ALA D 322 17.41 9.82 18.73
N VAL D 323 17.85 10.46 19.81
CA VAL D 323 18.59 11.71 19.74
C VAL D 323 19.64 11.68 20.85
N VAL D 324 20.88 11.99 20.50
CA VAL D 324 21.94 12.20 21.49
C VAL D 324 22.14 13.71 21.60
N TYR D 325 21.96 14.23 22.81
CA TYR D 325 22.03 15.65 23.12
C TYR D 325 23.11 15.94 24.17
N ARG D 326 23.99 16.90 23.87
CA ARG D 326 25.03 17.29 24.82
C ARG D 326 24.63 18.62 25.43
N VAL D 327 24.54 18.65 26.75
CA VAL D 327 24.18 19.86 27.51
C VAL D 327 25.19 20.98 27.31
O9A GRA E . 22.00 -12.80 3.43
P3X GRA E . 22.52 -14.01 2.66
O7A GRA E . 22.57 -13.75 1.17
O8A GRA E . 21.67 -15.23 2.95
O3X GRA E . 23.98 -14.45 3.25
C3X GRA E . 25.24 -14.46 2.52
C2X GRA E . 26.10 -13.20 2.65
O2X GRA E . 25.35 -12.07 3.07
C4X GRA E . 26.21 -15.59 2.92
O4X GRA E . 27.42 -14.97 3.43
C1X GRA E . 27.13 -13.62 3.69
N9A GRA E . 28.36 -12.85 3.60
C4A GRA E . 28.50 -11.56 4.05
N3A GRA E . 27.56 -10.79 4.63
C2A GRA E . 28.04 -9.59 4.95
C8A GRA E . 29.58 -13.23 3.09
N7A GRA E . 30.47 -12.27 3.19
C5A GRA E . 29.81 -11.21 3.79
C6A GRA E . 30.20 -9.90 4.16
N6A GRA E . 31.43 -9.41 3.98
N1A GRA E . 29.28 -9.10 4.75
C5X GRA E . 26.60 -16.49 1.78
O5X GRA E . 25.47 -17.35 1.51
P1A GRA E . 24.38 -16.96 0.40
O1A GRA E . 24.93 -16.05 -0.64
O2A GRA E . 23.09 -16.61 1.08
O3A GRA E . 24.20 -18.45 -0.18
P2A GRA E . 22.97 -19.39 -0.57
O4A GRA E . 23.33 -20.22 -1.76
O5A GRA E . 21.70 -18.60 -0.68
O6A GRA E . 22.92 -20.25 0.80
C13 GRA E . 21.59 -20.47 1.32
C12 GRA E . 21.52 -20.24 2.82
C15 GRA E . 22.83 -19.56 3.27
C16 GRA E . 21.44 -21.59 3.56
C14 GRA E . 20.26 -19.37 3.12
O1 GRA E . 20.55 -18.47 4.19
C1 GRA E . 19.60 -18.52 1.99
O2 GRA E . 20.22 -17.62 1.42
N1 GRA E . 18.32 -18.77 1.69
C2 GRA E . 17.43 -18.11 0.72
C3 GRA E . 17.34 -18.77 -0.61
C4 GRA E . 16.00 -19.45 -0.88
O3 GRA E . 15.54 -20.20 -0.05
N2 GRA E . 15.41 -19.27 -2.07
C5 GRA E . 14.19 -19.88 -2.59
C6 GRA E . 12.82 -19.35 -2.27
S1 GRA E . 11.64 -20.02 -3.49
C7 GRA E . 10.96 -18.93 -4.80
O4 GRA E . 9.85 -18.40 -4.84
C8 GRA E . 11.82 -18.78 -6.04
C9 GRA E . 12.04 -17.39 -6.65
C10 GRA E . 11.56 -17.19 -8.11
C11 GRA E . 10.21 -17.81 -8.52
O5 GRA E . 9.55 -18.48 -7.70
O6 GRA E . 9.77 -17.57 -9.66
O9A GRA F . -7.09 -6.08 -39.50
P3X GRA F . -7.37 -4.61 -39.26
O7A GRA F . -6.37 -3.72 -39.97
O8A GRA F . -7.43 -4.29 -37.78
O3X GRA F . -8.88 -4.35 -39.83
C3X GRA F . -9.13 -3.58 -41.03
C2X GRA F . -9.90 -4.26 -42.18
O2X GRA F . -10.97 -5.10 -41.77
C4X GRA F . -10.01 -2.35 -40.77
O4X GRA F . -10.85 -2.17 -41.93
C1X GRA F . -10.39 -3.03 -42.93
N9A GRA F . -9.39 -2.30 -43.69
C4A GRA F . -8.34 -2.83 -44.39
N3A GRA F . -8.04 -4.14 -44.52
C2A GRA F . -6.96 -4.30 -45.29
C8A GRA F . -9.30 -0.93 -43.84
N7A GRA F . -8.28 -0.57 -44.58
C5A GRA F . -7.67 -1.77 -44.95
C6A GRA F . -6.54 -2.06 -45.73
N6A GRA F . -5.79 -1.14 -46.33
N1A GRA F . -6.20 -3.37 -45.89
C5X GRA F . -9.23 -1.08 -40.51
O5X GRA F . -9.65 -0.61 -39.22
P1A GRA F . -8.54 -0.67 -38.07
O1A GRA F . -8.14 0.73 -37.75
O2A GRA F . -7.47 -1.56 -38.59
O3A GRA F . -9.32 -1.37 -36.83
P2A GRA F . -10.26 -1.00 -35.54
O4A GRA F . -10.78 0.40 -35.63
O5A GRA F . -9.60 -1.41 -34.25
O6A GRA F . -11.55 -1.92 -35.80
C13 GRA F . -11.68 -2.67 -37.04
C12 GRA F . -12.39 -3.99 -36.75
C15 GRA F . -13.07 -4.49 -38.04
C16 GRA F . -13.52 -3.70 -35.74
C14 GRA F . -11.42 -5.09 -36.24
O1 GRA F . -10.40 -5.29 -37.21
C1 GRA F . -10.79 -4.89 -34.86
O2 GRA F . -9.80 -4.17 -34.71
N1 GRA F . -11.32 -5.56 -33.84
C2 GRA F . -10.86 -5.50 -32.45
C3 GRA F . -9.69 -6.36 -32.01
C4 GRA F . -9.90 -6.56 -30.53
O3 GRA F . -11.03 -6.32 -30.10
N2 GRA F . -8.86 -6.86 -29.72
C5 GRA F . -8.95 -7.00 -28.27
C6 GRA F . -9.43 -8.33 -27.71
S1 GRA F . -9.26 -8.53 -25.91
C7 GRA F . -7.77 -8.81 -24.85
O4 GRA F . -7.42 -9.89 -24.37
C8 GRA F . -7.05 -7.53 -24.40
C9 GRA F . -5.53 -7.37 -24.44
C10 GRA F . -4.70 -8.52 -23.90
C11 GRA F . -4.62 -8.56 -22.38
O5 GRA F . -5.41 -9.34 -21.82
O6 GRA F . -3.76 -7.89 -21.77
O9A GRA G . -23.27 39.00 -1.02
P3X GRA G . -23.12 37.49 -0.94
O7A GRA G . -21.67 37.08 -0.75
O8A GRA G . -23.73 36.82 -2.15
O3X GRA G . -24.04 36.96 0.29
C3X GRA G . -23.73 35.78 1.07
C2X GRA G . -24.47 35.66 2.41
O2X GRA G . -25.62 36.47 2.46
C4X GRA G . -24.11 34.49 0.32
O4X GRA G . -24.44 33.51 1.34
C1X GRA G . -24.79 34.16 2.56
N9A GRA G . -24.19 33.41 3.67
C4A GRA G . -22.94 33.59 4.24
N3A GRA G . -22.00 34.49 3.88
C2A GRA G . -20.91 34.38 4.65
C8A GRA G . -24.77 32.37 4.38
N7A GRA G . -23.99 31.89 5.32
C5A GRA G . -22.83 32.64 5.25
C6A GRA G . -21.61 32.62 6.00
N6A GRA G . -21.34 31.78 7.00
N1A GRA G . -20.65 33.53 5.65
C5X GRA G . -23.02 33.96 -0.59
O5X GRA G . -22.61 32.63 -0.19
P1A GRA G . -21.46 32.52 0.93
O1A GRA G . -22.01 31.74 2.07
O2A GRA G . -20.91 33.89 1.16
O3A GRA G . -20.35 31.55 0.23
P2A GRA G . -19.12 31.65 -0.81
O4A GRA G . -19.56 31.20 -2.16
O5A GRA G . -17.88 31.02 -0.21
O6A GRA G . -18.92 33.23 -0.89
C13 GRA G . -17.55 33.68 -0.83
C12 GRA G . -17.31 34.32 0.53
C15 GRA G . -17.88 33.54 1.72
C16 GRA G . -17.86 35.76 0.55
C14 GRA G . -15.78 34.27 0.65
O1 GRA G . -15.21 35.31 -0.16
C1 GRA G . -15.31 34.31 2.08
O2 GRA G . -15.56 35.30 2.76
N1 GRA G . -14.67 33.23 2.53
C2 GRA G . -14.41 32.05 1.72
C3 GRA G . -14.20 30.88 2.64
C4 GRA G . -12.71 30.72 2.67
O3 GRA G . -12.05 31.60 2.14
N2 GRA G . -12.17 29.68 3.35
C5 GRA G . -10.73 29.45 3.47
C6 GRA G . -10.45 28.04 3.94
S1 GRA G . -8.76 27.41 3.76
C7 GRA G . -8.32 26.15 5.03
O4 GRA G . -7.57 26.27 6.02
C8 GRA G . -8.97 24.80 4.87
C9 GRA G . -9.53 24.19 6.17
C10 GRA G . -9.79 22.69 6.06
C11 GRA G . -8.60 21.86 6.50
O5 GRA G . -8.82 20.69 6.86
O6 GRA G . -7.46 22.38 6.53
O9A GRA H . 3.47 -14.27 32.27
P3X GRA H . 2.89 -13.00 32.87
O7A GRA H . 3.35 -12.79 34.29
O8A GRA H . 1.38 -13.01 32.75
O3X GRA H . 3.32 -11.76 31.92
C3X GRA H . 3.63 -11.86 30.52
C2X GRA H . 5.08 -12.34 30.25
O2X GRA H . 5.75 -12.80 31.39
C4X GRA H . 2.73 -12.84 29.75
O4X GRA H . 3.57 -13.46 28.75
C1X GRA H . 4.90 -13.45 29.21
N9A GRA H . 5.80 -13.35 28.08
C4A GRA H . 7.06 -13.87 28.05
N3A GRA H . 7.67 -14.57 29.04
C2A GRA H . 8.90 -14.92 28.67
C8A GRA H . 5.57 -12.72 26.87
N7A GRA H . 6.60 -12.83 26.07
C5A GRA H . 7.54 -13.54 26.80
C6A GRA H . 8.85 -13.99 26.52
N6A GRA H . 9.44 -13.73 25.36
N1A GRA H . 9.51 -14.68 27.49
C5X GRA H . 1.53 -12.28 29.02
O5X GRA H . 1.56 -10.84 28.94
P1A GRA H . 0.15 -10.10 29.06
O1A GRA H . -0.73 -10.94 29.91
O2A GRA H . -0.33 -9.81 27.66
O3A GRA H . 0.44 -8.72 29.87
P2A GRA H . 1.67 -7.76 30.32
O4A GRA H . 1.29 -6.32 30.22
O5A GRA H . 2.21 -8.24 31.63
O6A GRA H . 2.75 -8.04 29.16
C13 GRA H . 3.36 -6.94 28.44
C12 GRA H . 2.66 -6.72 27.09
C15 GRA H . 1.92 -7.99 26.68
C16 GRA H . 3.76 -6.54 26.04
C14 GRA H . 1.72 -5.47 27.09
O1 GRA H . 0.46 -5.76 27.66
C1 GRA H . 2.32 -4.19 27.70
O2 GRA H . 2.52 -4.07 28.91
N1 GRA H . 2.70 -3.26 26.84
C2 GRA H . 2.47 -3.37 25.41
C3 GRA H . 3.55 -2.67 24.65
C4 GRA H . 3.67 -1.16 24.72
O3 GRA H . 4.06 -0.59 25.72
N2 GRA H . 3.38 -0.56 23.57
C5 GRA H . 3.40 0.81 23.07
C6 GRA H . 3.05 1.98 23.97
S1 GRA H . 3.56 3.53 23.18
C7 GRA H . 2.56 4.47 21.99
O4 GRA H . 2.78 4.56 20.80
C8 GRA H . 1.34 5.18 22.52
C9 GRA H . 0.14 5.02 21.57
C10 GRA H . -1.03 5.98 21.83
C11 GRA H . -0.87 7.35 21.18
O5 GRA H . -1.91 7.97 20.86
O6 GRA H . 0.30 7.78 21.02
#